data_5SKG
#
_entry.id   5SKG
#
_cell.length_a   135.253
_cell.length_b   135.253
_cell.length_c   234.974
_cell.angle_alpha   90.000
_cell.angle_beta   90.000
_cell.angle_gamma   120.000
#
_symmetry.space_group_name_H-M   'H 3'
#
loop_
_entity.id
_entity.type
_entity.pdbx_description
1 polymer "cAMP and cAMP-inhibited cGMP 3',5'-cyclic phosphodiesterase 10A"
2 non-polymer 'ZINC ION'
3 non-polymer 'MAGNESIUM ION'
4 non-polymer 2-chloro-6-(cyclopropylamino)-N-[(4S)-2-phenyl[1,2,4]triazolo[1,5-a]pyridin-7-yl]pyridine-4-carboxamide
5 water water
#
_entity_poly.entity_id   1
_entity_poly.type   'polypeptide(L)'
_entity_poly.pdbx_seq_one_letter_code
;GSSICTSEEWQGLMQFTLPVRLCKEIELFHFDIGPFENMWPGIFVYMVHRSCGTSCFELEKL(CME)RFIMSVKKNYRRV
PYHNWKHAVTVAHCMYAILQNNHTLFTDLERKGLLIACLCHDLDHRGFSNSYLQKFDHPLAALYSTSTMEQHHFSQTVSI
LQLEGHNIFSTLSSSEYEQVLEIIRKAIIATDLALYFGNRKQLEEMYQTGSLNLNNQSHRDRVIGLMMTACDLCSVTKLW
PVTKLTANDIYAEFWAEGDEMKKLGIQPIPMMDRDKKDEVPQGQLGFYNAVAIPCYTTLTQILPPTEPLLKACRDNLSQW
EKVIRGEETATWISSPSVAQKAAASED
;
_entity_poly.pdbx_strand_id   A,B,C,D
#
loop_
_chem_comp.id
_chem_comp.type
_chem_comp.name
_chem_comp.formula
KFI non-polymer 2-chloro-6-(cyclopropylamino)-N-[(4S)-2-phenyl[1,2,4]triazolo[1,5-a]pyridin-7-yl]pyridine-4-carboxamide 'C21 H17 Cl N6 O'
MG non-polymer 'MAGNESIUM ION' 'Mg 2'
ZN non-polymer 'ZINC ION' 'Zn 2'
#
# COMPACT_ATOMS: atom_id res chain seq x y z
N GLY A 12 25.37 39.09 9.28
CA GLY A 12 26.15 39.51 10.49
C GLY A 12 25.25 39.78 11.69
N LEU A 13 24.13 40.49 11.47
CA LEU A 13 23.12 40.84 12.50
C LEU A 13 22.00 39.80 12.56
N MET A 14 22.14 38.68 11.84
CA MET A 14 21.12 37.59 11.74
C MET A 14 21.40 36.53 12.80
N GLN A 15 20.77 36.66 13.97
CA GLN A 15 20.79 35.63 15.05
C GLN A 15 19.77 34.54 14.75
N PHE A 16 20.14 33.29 14.99
CA PHE A 16 19.17 32.18 15.15
C PHE A 16 18.56 32.32 16.54
N THR A 17 17.24 32.17 16.64
CA THR A 17 16.51 32.15 17.93
C THR A 17 15.60 30.93 17.92
N LEU A 18 15.44 30.30 19.08
CA LEU A 18 14.60 29.10 19.24
C LEU A 18 13.35 29.50 19.99
N PRO A 19 12.25 28.73 19.88
CA PRO A 19 11.10 28.93 20.76
C PRO A 19 11.54 28.85 22.22
N VAL A 20 10.74 29.48 23.09
CA VAL A 20 11.09 29.70 24.52
C VAL A 20 11.50 28.39 25.19
N ARG A 21 10.71 27.31 25.08
CA ARG A 21 11.03 26.06 25.80
C ARG A 21 12.40 25.55 25.35
N LEU A 22 12.75 25.63 24.05
CA LEU A 22 14.04 25.11 23.55
C LEU A 22 15.16 26.06 23.97
N CYS A 23 14.93 27.36 23.83
CA CYS A 23 15.90 28.40 24.25
C CYS A 23 16.37 28.12 25.68
N LYS A 24 15.45 27.79 26.59
CA LYS A 24 15.78 27.51 28.01
C LYS A 24 16.41 26.12 28.16
N GLU A 25 15.77 25.09 27.62
CA GLU A 25 16.15 23.69 27.90
C GLU A 25 17.42 23.32 27.12
N ILE A 26 17.74 23.97 26.00
CA ILE A 26 18.98 23.64 25.23
C ILE A 26 20.23 23.87 26.08
N GLU A 27 20.14 24.70 27.12
CA GLU A 27 21.28 25.03 28.02
C GLU A 27 21.55 23.85 28.95
N LEU A 28 20.55 23.01 29.17
CA LEU A 28 20.65 21.89 30.13
C LEU A 28 21.31 20.68 29.45
N PHE A 29 22.07 19.91 30.22
CA PHE A 29 22.78 18.71 29.73
C PHE A 29 21.78 17.70 29.18
N HIS A 30 20.61 17.56 29.79
CA HIS A 30 19.70 16.42 29.49
C HIS A 30 18.75 16.77 28.33
N PHE A 31 18.94 17.91 27.68
CA PHE A 31 18.10 18.36 26.54
C PHE A 31 18.04 17.29 25.45
N ASP A 32 16.83 17.06 24.92
CA ASP A 32 16.56 16.15 23.79
C ASP A 32 16.21 17.06 22.60
N ILE A 33 16.86 16.86 21.45
CA ILE A 33 16.74 17.79 20.29
C ILE A 33 15.39 17.60 19.58
N GLY A 34 14.60 16.58 19.96
CA GLY A 34 13.21 16.44 19.47
C GLY A 34 13.14 15.67 18.14
N PRO A 35 11.91 15.32 17.70
CA PRO A 35 11.72 14.53 16.48
C PRO A 35 11.61 15.32 15.17
N PHE A 36 11.72 16.66 15.20
CA PHE A 36 11.60 17.53 14.00
C PHE A 36 13.00 17.71 13.39
N GLU A 37 13.36 16.81 12.48
CA GLU A 37 14.69 16.81 11.80
C GLU A 37 15.04 18.18 11.24
N ASN A 38 14.08 18.87 10.64
CA ASN A 38 14.29 20.17 9.93
C ASN A 38 14.70 21.26 10.93
N MET A 39 14.55 21.06 12.23
CA MET A 39 15.00 22.06 13.22
C MET A 39 16.44 21.79 13.69
N TRP A 40 17.02 20.63 13.41
CA TRP A 40 18.35 20.26 13.96
C TRP A 40 19.46 21.13 13.37
N PRO A 41 19.48 21.49 12.07
CA PRO A 41 20.50 22.41 11.57
C PRO A 41 20.50 23.73 12.34
N GLY A 42 19.32 24.30 12.55
CA GLY A 42 19.15 25.61 13.23
C GLY A 42 19.60 25.50 14.67
N ILE A 43 19.27 24.39 15.33
CA ILE A 43 19.72 24.12 16.72
C ILE A 43 21.27 24.11 16.77
N PHE A 44 21.91 23.44 15.82
CA PHE A 44 23.40 23.40 15.76
C PHE A 44 23.95 24.83 15.57
N VAL A 45 23.39 25.59 14.63
CA VAL A 45 23.91 26.95 14.31
C VAL A 45 23.76 27.83 15.54
N TYR A 46 22.59 27.75 16.20
CA TYR A 46 22.32 28.44 17.48
C TYR A 46 23.44 28.13 18.46
N MET A 47 23.83 26.86 18.58
CA MET A 47 24.85 26.44 19.58
C MET A 47 26.23 27.00 19.19
N VAL A 48 26.60 26.94 17.92
CA VAL A 48 27.88 27.51 17.40
C VAL A 48 27.91 29.01 17.74
N HIS A 49 26.82 29.72 17.45
CA HIS A 49 26.74 31.20 17.64
C HIS A 49 26.92 31.57 19.13
N ARG A 50 26.35 30.82 20.07
CA ARG A 50 26.43 31.15 21.52
C ARG A 50 27.75 30.64 22.12
N SER A 51 28.27 29.52 21.60
CA SER A 51 29.46 28.79 22.11
C SER A 51 30.74 29.40 21.54
N CYS A 52 30.67 29.94 20.33
CA CYS A 52 31.84 30.31 19.51
C CYS A 52 31.77 31.79 19.17
N GLY A 53 30.63 32.24 18.63
CA GLY A 53 30.37 33.61 18.18
C GLY A 53 29.67 33.58 16.83
N THR A 54 28.98 34.67 16.48
CA THR A 54 28.31 34.85 15.15
C THR A 54 29.36 35.06 14.04
N SER A 55 30.63 35.29 14.43
CA SER A 55 31.78 35.64 13.56
C SER A 55 32.70 34.42 13.27
N CYS A 56 32.58 33.33 14.03
CA CYS A 56 33.40 32.10 13.90
C CYS A 56 33.36 31.58 12.45
N PHE A 57 32.18 31.56 11.85
CA PHE A 57 31.93 30.91 10.55
C PHE A 57 31.07 31.82 9.68
N GLU A 58 31.36 31.86 8.38
CA GLU A 58 30.48 32.47 7.35
C GLU A 58 29.22 31.60 7.29
N LEU A 59 28.08 32.19 7.66
CA LEU A 59 26.77 31.50 7.75
C LEU A 59 26.55 30.66 6.49
N GLU A 60 26.73 31.23 5.30
CA GLU A 60 26.48 30.53 4.01
C GLU A 60 27.33 29.24 3.93
N LYS A 61 28.61 29.32 4.25
CA LYS A 61 29.54 28.15 4.23
C LYS A 61 29.14 27.15 5.33
N LEU A 62 28.79 27.64 6.51
CA LEU A 62 28.44 26.77 7.66
C LEU A 62 27.21 25.95 7.28
N CME A 63 26.17 26.62 6.77
CA CME A 63 24.89 26.01 6.33
CB CME A 63 23.88 27.07 5.93
SG CME A 63 23.08 27.89 7.34
SD CME A 63 22.16 26.34 8.30
CE CME A 63 20.43 26.41 7.76
CZ CME A 63 19.52 26.54 8.94
OH CME A 63 18.18 26.26 8.60
C CME A 63 25.16 24.96 5.25
O CME A 63 24.58 23.86 5.34
N ARG A 64 26.03 25.26 4.29
CA ARG A 64 26.38 24.30 3.22
C ARG A 64 27.16 23.11 3.83
N PHE A 65 28.05 23.37 4.77
CA PHE A 65 28.81 22.30 5.46
C PHE A 65 27.86 21.36 6.23
N ILE A 66 26.98 21.92 7.06
CA ILE A 66 25.98 21.16 7.88
C ILE A 66 25.16 20.22 6.98
N MET A 67 24.69 20.73 5.84
CA MET A 67 23.77 19.96 4.97
C MET A 67 24.54 18.85 4.24
N SER A 68 25.80 19.08 3.87
CA SER A 68 26.66 18.02 3.29
C SER A 68 26.98 16.97 4.36
N VAL A 69 27.21 17.40 5.61
CA VAL A 69 27.44 16.44 6.73
C VAL A 69 26.17 15.60 6.91
N LYS A 70 25.00 16.24 7.02
CA LYS A 70 23.71 15.50 7.15
C LYS A 70 23.63 14.42 6.06
N LYS A 71 23.86 14.82 4.82
CA LYS A 71 23.71 13.95 3.63
C LYS A 71 24.63 12.74 3.78
N ASN A 72 25.76 12.87 4.48
CA ASN A 72 26.79 11.79 4.56
C ASN A 72 26.63 10.94 5.81
N TYR A 73 25.58 11.16 6.61
CA TYR A 73 25.07 10.24 7.66
C TYR A 73 24.01 9.34 7.02
N ARG A 74 23.95 8.08 7.42
CA ARG A 74 23.08 7.07 6.79
C ARG A 74 21.83 6.88 7.64
N ARG A 75 20.83 6.21 7.07
CA ARG A 75 19.52 5.94 7.70
C ARG A 75 19.62 4.65 8.52
N VAL A 76 20.52 4.63 9.49
CA VAL A 76 20.69 3.49 10.44
C VAL A 76 19.93 3.84 11.70
N PRO A 77 19.56 2.84 12.55
CA PRO A 77 18.70 3.10 13.69
C PRO A 77 19.29 4.07 14.74
N TYR A 78 20.61 4.07 14.93
CA TYR A 78 21.24 4.83 16.04
C TYR A 78 22.36 5.74 15.54
N HIS A 79 23.35 5.24 14.79
CA HIS A 79 24.54 6.00 14.35
C HIS A 79 24.21 6.91 13.17
N ASN A 80 23.29 7.85 13.40
CA ASN A 80 22.62 8.68 12.35
C ASN A 80 22.78 10.16 12.68
N TRP A 81 22.20 11.00 11.84
CA TRP A 81 22.26 12.47 11.91
C TRP A 81 21.77 12.96 13.29
N LYS A 82 20.73 12.35 13.85
CA LYS A 82 20.21 12.73 15.20
C LYS A 82 21.29 12.50 16.28
N HIS A 83 22.05 11.40 16.19
CA HIS A 83 23.19 11.11 17.12
C HIS A 83 24.25 12.20 16.97
N ALA A 84 24.59 12.58 15.75
CA ALA A 84 25.58 13.65 15.47
C ALA A 84 25.19 14.92 16.23
N VAL A 85 23.94 15.34 16.11
CA VAL A 85 23.52 16.65 16.68
C VAL A 85 23.42 16.50 18.19
N THR A 86 22.93 15.37 18.67
CA THR A 86 22.82 15.06 20.12
C THR A 86 24.21 15.18 20.75
N VAL A 87 25.23 14.60 20.12
CA VAL A 87 26.61 14.58 20.69
C VAL A 87 27.16 16.02 20.66
N ALA A 88 26.88 16.77 19.60
CA ALA A 88 27.29 18.19 19.50
C ALA A 88 26.62 19.03 20.60
N HIS A 89 25.36 18.75 20.93
CA HIS A 89 24.65 19.51 22.00
C HIS A 89 25.33 19.24 23.36
N CYS A 90 25.64 17.98 23.69
CA CYS A 90 26.36 17.66 24.94
C CYS A 90 27.68 18.45 25.01
N MET A 91 28.43 18.53 23.90
CA MET A 91 29.69 19.32 23.85
C MET A 91 29.37 20.79 24.12
N TYR A 92 28.31 21.30 23.49
CA TYR A 92 27.84 22.70 23.65
C TYR A 92 27.63 22.97 25.15
N ALA A 93 26.90 22.07 25.84
CA ALA A 93 26.57 22.20 27.27
C ALA A 93 27.84 22.21 28.11
N ILE A 94 28.80 21.34 27.79
CA ILE A 94 30.10 21.27 28.52
C ILE A 94 30.84 22.61 28.32
N LEU A 95 30.99 23.06 27.07
CA LEU A 95 31.71 24.30 26.73
C LEU A 95 31.04 25.51 27.41
N GLN A 96 29.71 25.55 27.44
CA GLN A 96 28.96 26.69 28.00
C GLN A 96 29.14 26.73 29.51
N ASN A 97 29.30 25.58 30.16
CA ASN A 97 29.44 25.46 31.63
C ASN A 97 30.92 25.60 32.06
N ASN A 98 31.86 25.77 31.12
CA ASN A 98 33.32 25.84 31.35
C ASN A 98 33.89 26.97 30.49
N HIS A 99 33.22 28.12 30.51
CA HIS A 99 33.43 29.32 29.66
C HIS A 99 34.93 29.56 29.41
N THR A 100 35.71 29.67 30.47
CA THR A 100 37.09 30.23 30.42
C THR A 100 38.17 29.14 30.17
N LEU A 101 37.84 27.85 30.20
CA LEU A 101 38.85 26.76 30.13
C LEU A 101 39.35 26.51 28.71
N PHE A 102 38.61 26.90 27.67
CA PHE A 102 38.92 26.44 26.28
C PHE A 102 39.26 27.62 25.37
N THR A 103 40.24 27.39 24.49
CA THR A 103 40.73 28.38 23.50
C THR A 103 39.64 28.60 22.44
N ASP A 104 39.84 29.64 21.64
CA ASP A 104 38.94 30.03 20.52
C ASP A 104 38.90 28.89 19.49
N LEU A 105 40.06 28.28 19.21
CA LEU A 105 40.21 27.20 18.20
C LEU A 105 39.53 25.93 18.70
N GLU A 106 39.56 25.68 20.01
CA GLU A 106 38.98 24.46 20.61
C GLU A 106 37.46 24.52 20.48
N ARG A 107 36.87 25.69 20.73
CA ARG A 107 35.40 25.88 20.70
C ARG A 107 34.90 25.69 19.26
N LYS A 108 35.61 26.26 18.29
CA LYS A 108 35.39 26.06 16.83
C LYS A 108 35.46 24.58 16.48
N GLY A 109 36.56 23.92 16.80
CA GLY A 109 36.89 22.55 16.37
C GLY A 109 35.97 21.50 16.94
N LEU A 110 35.62 21.62 18.23
CA LEU A 110 34.99 20.53 19.01
C LEU A 110 33.51 20.35 18.63
N LEU A 111 32.75 21.41 18.37
CA LEU A 111 31.33 21.27 17.95
C LEU A 111 31.30 20.63 16.56
N ILE A 112 32.22 21.05 15.70
CA ILE A 112 32.38 20.49 14.33
C ILE A 112 32.83 19.03 14.48
N ALA A 113 33.79 18.75 15.35
CA ALA A 113 34.29 17.38 15.59
C ALA A 113 33.12 16.47 15.96
N CYS A 114 32.26 16.92 16.86
CA CYS A 114 31.11 16.15 17.38
C CYS A 114 30.10 15.92 16.25
N LEU A 115 29.80 16.94 15.46
CA LEU A 115 28.83 16.84 14.35
C LEU A 115 29.33 15.80 13.33
N CYS A 116 30.66 15.70 13.17
CA CYS A 116 31.31 14.85 12.12
C CYS A 116 31.76 13.49 12.64
N HIS A 117 31.64 13.20 13.94
CA HIS A 117 32.46 12.12 14.58
C HIS A 117 32.03 10.73 14.10
N ASP A 118 30.83 10.57 13.53
CA ASP A 118 30.33 9.25 13.06
C ASP A 118 29.91 9.31 11.59
N LEU A 119 30.46 10.26 10.83
CA LEU A 119 30.20 10.44 9.38
C LEU A 119 30.29 9.10 8.64
N ASP A 120 29.23 8.75 7.91
CA ASP A 120 29.18 7.60 6.98
C ASP A 120 29.27 6.30 7.78
N HIS A 121 28.75 6.28 9.00
CA HIS A 121 28.67 5.06 9.83
C HIS A 121 27.64 4.11 9.20
N ARG A 122 27.96 2.81 9.16
CA ARG A 122 27.10 1.78 8.53
C ARG A 122 26.31 1.04 9.61
N GLY A 123 26.51 1.34 10.88
CA GLY A 123 25.85 0.65 12.00
C GLY A 123 26.61 -0.58 12.47
N PHE A 124 27.87 -0.73 12.06
CA PHE A 124 28.69 -1.92 12.40
C PHE A 124 29.95 -1.47 13.13
N SER A 125 30.38 -2.29 14.08
CA SER A 125 31.60 -2.08 14.91
C SER A 125 32.86 -2.32 14.08
N ASN A 126 33.97 -1.80 14.61
CA ASN A 126 35.33 -2.05 14.08
C ASN A 126 35.52 -3.57 14.00
N SER A 127 35.10 -4.32 15.03
CA SER A 127 35.22 -5.80 15.07
C SER A 127 34.58 -6.41 13.83
N TYR A 128 33.34 -6.01 13.51
CA TYR A 128 32.58 -6.62 12.40
C TYR A 128 33.32 -6.35 11.08
N LEU A 129 33.80 -5.13 10.85
CA LEU A 129 34.55 -4.78 9.61
C LEU A 129 35.76 -5.71 9.51
N GLN A 130 36.46 -5.95 10.62
CA GLN A 130 37.71 -6.78 10.63
C GLN A 130 37.34 -8.22 10.31
N LYS A 131 36.27 -8.77 10.89
CA LYS A 131 35.86 -10.18 10.67
C LYS A 131 35.28 -10.33 9.25
N PHE A 132 34.62 -9.30 8.75
CA PHE A 132 34.07 -9.29 7.38
C PHE A 132 35.20 -9.19 6.35
N ASP A 133 36.32 -8.60 6.76
CA ASP A 133 37.46 -8.25 5.90
C ASP A 133 37.03 -7.09 4.98
N HIS A 134 36.40 -6.07 5.55
CA HIS A 134 35.97 -4.86 4.82
C HIS A 134 37.21 -4.11 4.35
N PRO A 135 37.21 -3.52 3.13
CA PRO A 135 38.32 -2.69 2.66
C PRO A 135 38.85 -1.65 3.67
N LEU A 136 37.95 -0.99 4.42
CA LEU A 136 38.35 0.04 5.43
C LEU A 136 39.25 -0.59 6.50
N ALA A 137 39.15 -1.89 6.76
CA ALA A 137 39.94 -2.61 7.80
C ALA A 137 41.39 -2.80 7.32
N ALA A 138 41.60 -2.94 6.01
CA ALA A 138 42.96 -3.00 5.41
C ALA A 138 43.56 -1.59 5.33
N LEU A 139 42.76 -0.56 5.07
CA LEU A 139 43.23 0.84 5.02
C LEU A 139 43.56 1.36 6.42
N TYR A 140 42.81 0.95 7.46
CA TYR A 140 42.96 1.46 8.85
C TYR A 140 42.89 0.30 9.84
N SER A 141 44.05 -0.16 10.31
CA SER A 141 44.18 -1.41 11.12
C SER A 141 43.54 -1.21 12.49
N THR A 142 43.63 0.00 13.08
CA THR A 142 42.98 0.31 14.38
C THR A 142 42.12 1.55 14.21
N SER A 143 41.14 1.69 15.12
CA SER A 143 40.15 2.79 15.11
C SER A 143 39.59 2.93 13.69
N THR A 144 39.21 1.81 13.08
CA THR A 144 38.90 1.71 11.63
C THR A 144 37.85 2.77 11.28
N MET A 145 36.67 2.72 11.91
CA MET A 145 35.56 3.61 11.51
C MET A 145 35.94 5.05 11.84
N GLU A 146 36.66 5.28 12.93
CA GLU A 146 36.99 6.64 13.42
C GLU A 146 37.97 7.31 12.44
N GLN A 147 38.92 6.57 11.88
CA GLN A 147 39.84 7.17 10.87
C GLN A 147 39.01 7.50 9.61
N HIS A 148 38.05 6.66 9.28
CA HIS A 148 37.11 6.91 8.16
C HIS A 148 36.30 8.18 8.44
N HIS A 149 35.74 8.32 9.64
CA HIS A 149 34.94 9.51 10.01
C HIS A 149 35.79 10.77 9.78
N PHE A 150 37.06 10.75 10.20
CA PHE A 150 37.95 11.93 10.04
C PHE A 150 38.20 12.19 8.55
N SER A 151 38.41 11.12 7.77
CA SER A 151 38.64 11.18 6.31
C SER A 151 37.44 11.84 5.63
N GLN A 152 36.22 11.39 5.96
CA GLN A 152 34.96 11.98 5.44
C GLN A 152 34.88 13.46 5.86
N THR A 153 35.32 13.82 7.06
CA THR A 153 35.29 15.24 7.52
C THR A 153 36.17 16.11 6.62
N VAL A 154 37.41 15.69 6.38
CA VAL A 154 38.37 16.42 5.50
C VAL A 154 37.77 16.51 4.08
N SER A 155 37.20 15.42 3.57
CA SER A 155 36.58 15.39 2.22
C SER A 155 35.53 16.49 2.10
N ILE A 156 34.64 16.60 3.08
CA ILE A 156 33.51 17.58 3.04
C ILE A 156 34.10 18.98 3.17
N LEU A 157 35.08 19.18 4.05
CA LEU A 157 35.77 20.49 4.23
C LEU A 157 36.42 20.97 2.92
N GLN A 158 36.68 20.05 1.98
CA GLN A 158 37.42 20.38 0.74
C GLN A 158 36.46 20.51 -0.45
N LEU A 159 35.17 20.25 -0.27
CA LEU A 159 34.13 20.58 -1.28
C LEU A 159 34.15 22.10 -1.48
N GLU A 160 33.88 22.57 -2.69
CA GLU A 160 33.83 24.02 -2.98
C GLU A 160 32.76 24.69 -2.11
N GLY A 161 33.07 25.85 -1.55
CA GLY A 161 32.17 26.66 -0.70
C GLY A 161 31.90 26.02 0.67
N HIS A 162 32.65 24.99 1.06
CA HIS A 162 32.44 24.21 2.31
C HIS A 162 33.55 24.49 3.33
N ASN A 163 34.53 25.33 3.00
CA ASN A 163 35.69 25.50 3.93
C ASN A 163 35.37 26.58 4.95
N ILE A 164 34.75 26.14 6.05
CA ILE A 164 34.28 26.98 7.19
C ILE A 164 35.47 27.53 7.96
N PHE A 165 36.67 27.05 7.68
CA PHE A 165 37.91 27.45 8.39
C PHE A 165 38.77 28.40 7.52
N SER A 166 38.25 28.87 6.38
CA SER A 166 39.04 29.57 5.33
C SER A 166 39.68 30.86 5.86
N THR A 167 39.11 31.50 6.89
CA THR A 167 39.65 32.74 7.51
C THR A 167 40.77 32.44 8.52
N LEU A 168 41.01 31.17 8.88
CA LEU A 168 42.13 30.77 9.76
C LEU A 168 43.44 30.85 8.96
N SER A 169 44.55 31.19 9.62
CA SER A 169 45.93 31.10 9.07
C SER A 169 46.28 29.64 8.81
N SER A 170 47.37 29.42 8.07
CA SER A 170 47.87 28.08 7.69
C SER A 170 48.08 27.20 8.94
N SER A 171 48.64 27.77 10.01
CA SER A 171 49.00 27.02 11.25
C SER A 171 47.78 26.88 12.18
N GLU A 172 46.89 27.87 12.19
CA GLU A 172 45.62 27.78 12.96
C GLU A 172 44.74 26.71 12.33
N TYR A 173 44.71 26.65 11.01
CA TYR A 173 43.96 25.63 10.22
C TYR A 173 44.48 24.24 10.60
N GLU A 174 45.81 24.04 10.62
CA GLU A 174 46.45 22.75 10.95
C GLU A 174 46.13 22.38 12.40
N GLN A 175 46.14 23.34 13.31
CA GLN A 175 45.82 23.11 14.74
C GLN A 175 44.37 22.63 14.88
N VAL A 176 43.41 23.30 14.24
CA VAL A 176 41.96 22.96 14.39
C VAL A 176 41.72 21.56 13.80
N LEU A 177 42.29 21.24 12.64
CA LEU A 177 42.12 19.90 12.00
C LEU A 177 42.78 18.85 12.89
N GLU A 178 43.85 19.20 13.59
CA GLU A 178 44.52 18.28 14.57
C GLU A 178 43.62 18.08 15.79
N ILE A 179 42.99 19.14 16.32
CA ILE A 179 41.98 19.02 17.40
C ILE A 179 40.86 18.06 16.95
N ILE A 180 40.33 18.27 15.74
CA ILE A 180 39.20 17.47 15.20
C ILE A 180 39.63 16.00 15.07
N ARG A 181 40.82 15.74 14.52
CA ARG A 181 41.33 14.36 14.29
C ARG A 181 41.40 13.63 15.63
N LYS A 182 42.10 14.22 16.60
CA LYS A 182 42.29 13.56 17.93
C LYS A 182 40.91 13.37 18.57
N ALA A 183 40.04 14.38 18.50
CA ALA A 183 38.67 14.34 19.08
C ALA A 183 37.90 13.17 18.48
N ILE A 184 37.98 12.96 17.17
CA ILE A 184 37.19 11.90 16.48
C ILE A 184 37.81 10.53 16.81
N ILE A 185 39.14 10.41 16.75
CA ILE A 185 39.85 9.14 17.09
C ILE A 185 39.45 8.75 18.53
N ALA A 186 39.35 9.72 19.44
CA ALA A 186 39.07 9.48 20.88
C ALA A 186 37.70 8.83 21.07
N THR A 187 36.78 8.94 20.10
CA THR A 187 35.43 8.34 20.20
C THR A 187 35.51 6.84 19.94
N ASP A 188 36.69 6.31 19.66
CA ASP A 188 36.89 4.83 19.62
C ASP A 188 36.88 4.34 21.06
N LEU A 189 35.81 3.70 21.51
CA LEU A 189 35.66 3.29 22.93
C LEU A 189 36.84 2.39 23.38
N ALA A 190 37.50 1.63 22.49
CA ALA A 190 38.68 0.81 22.85
C ALA A 190 39.75 1.71 23.47
N LEU A 191 39.88 2.97 23.04
CA LEU A 191 40.96 3.89 23.50
C LEU A 191 40.55 4.60 24.80
N TYR A 192 39.27 4.58 25.16
CA TYR A 192 38.71 5.31 26.32
C TYR A 192 39.27 4.78 27.65
N PHE A 193 39.29 3.46 27.83
CA PHE A 193 39.67 2.79 29.12
C PHE A 193 41.06 3.30 29.56
N GLY A 194 42.05 3.21 28.70
CA GLY A 194 43.42 3.66 28.99
C GLY A 194 43.47 5.17 29.16
N ASN A 195 42.70 5.92 28.36
CA ASN A 195 42.69 7.39 28.47
C ASN A 195 42.18 7.78 29.87
N ARG A 196 41.09 7.17 30.32
CA ARG A 196 40.50 7.54 31.62
C ARG A 196 41.44 7.14 32.77
N LYS A 197 42.07 5.96 32.73
CA LYS A 197 42.98 5.49 33.81
C LYS A 197 44.10 6.52 33.97
N GLN A 198 44.73 6.91 32.87
CA GLN A 198 45.81 7.92 32.85
C GLN A 198 45.30 9.23 33.46
N LEU A 199 44.11 9.68 33.07
CA LEU A 199 43.53 10.94 33.62
C LEU A 199 43.28 10.78 35.12
N GLU A 200 42.82 9.62 35.55
CA GLU A 200 42.53 9.29 36.98
C GLU A 200 43.84 9.45 37.77
N GLU A 201 44.90 8.74 37.34
CA GLU A 201 46.26 8.80 37.95
C GLU A 201 46.72 10.25 37.99
N MET A 202 46.63 10.97 36.87
CA MET A 202 47.13 12.36 36.75
C MET A 202 46.40 13.27 37.74
N TYR A 203 45.08 13.13 37.87
CA TYR A 203 44.25 13.99 38.76
C TYR A 203 44.58 13.68 40.23
N GLN A 204 44.83 12.40 40.54
CA GLN A 204 45.00 11.88 41.93
C GLN A 204 46.41 12.17 42.46
N THR A 205 47.45 12.01 41.64
CA THR A 205 48.84 12.37 42.00
C THR A 205 49.04 13.88 41.82
N GLY A 206 48.04 14.61 41.34
CA GLY A 206 48.06 16.08 41.25
C GLY A 206 48.87 16.60 40.08
N SER A 207 49.33 15.72 39.19
CA SER A 207 50.20 16.05 38.02
C SER A 207 49.38 16.56 36.81
N LEU A 208 48.05 16.59 36.87
CA LEU A 208 47.21 17.07 35.73
C LEU A 208 47.49 18.56 35.52
N ASN A 209 47.88 18.95 34.30
CA ASN A 209 48.29 20.33 33.94
C ASN A 209 47.63 20.72 32.62
N LEU A 210 46.63 21.60 32.66
CA LEU A 210 45.84 22.00 31.45
C LEU A 210 46.67 22.87 30.49
N ASN A 211 47.87 23.31 30.89
CA ASN A 211 48.83 24.01 29.97
C ASN A 211 49.71 22.98 29.23
N ASN A 212 49.72 21.72 29.67
CA ASN A 212 50.41 20.62 28.97
C ASN A 212 49.48 20.13 27.84
N GLN A 213 49.89 20.30 26.59
CA GLN A 213 49.07 19.96 25.40
C GLN A 213 48.65 18.48 25.41
N SER A 214 49.55 17.55 25.73
CA SER A 214 49.25 16.10 25.81
C SER A 214 48.15 15.86 26.87
N HIS A 215 48.10 16.70 27.90
CA HIS A 215 47.10 16.64 28.99
C HIS A 215 45.75 17.16 28.47
N ARG A 216 45.75 18.30 27.77
CA ARG A 216 44.52 18.86 27.16
C ARG A 216 43.92 17.81 26.23
N ASP A 217 44.75 17.23 25.35
CA ASP A 217 44.35 16.17 24.40
C ASP A 217 43.57 15.10 25.16
N ARG A 218 44.11 14.62 26.27
CA ARG A 218 43.50 13.52 27.07
C ARG A 218 42.13 13.99 27.58
N VAL A 219 42.07 15.23 28.07
CA VAL A 219 40.84 15.81 28.68
C VAL A 219 39.78 16.00 27.58
N ILE A 220 40.19 16.48 26.40
CA ILE A 220 39.27 16.58 25.23
C ILE A 220 38.80 15.17 24.84
N GLY A 221 39.70 14.20 24.82
CA GLY A 221 39.33 12.80 24.55
C GLY A 221 38.18 12.34 25.43
N LEU A 222 38.27 12.61 26.74
CA LEU A 222 37.28 12.14 27.73
C LEU A 222 35.96 12.90 27.55
N MET A 223 36.02 14.20 27.24
CA MET A 223 34.84 15.01 26.87
C MET A 223 34.14 14.35 25.68
N MET A 224 34.91 13.85 24.70
CA MET A 224 34.38 13.25 23.45
C MET A 224 33.65 11.96 23.80
N THR A 225 34.25 11.13 24.67
CA THR A 225 33.60 9.90 25.21
C THR A 225 32.30 10.32 25.93
N ALA A 226 32.37 11.34 26.79
CA ALA A 226 31.21 11.79 27.60
C ALA A 226 30.06 12.23 26.69
N CYS A 227 30.34 13.03 25.67
CA CYS A 227 29.31 13.49 24.72
C CYS A 227 28.80 12.30 23.90
N ASP A 228 29.71 11.43 23.47
CA ASP A 228 29.35 10.29 22.60
C ASP A 228 28.39 9.34 23.35
N LEU A 229 28.55 9.19 24.66
CA LEU A 229 27.74 8.25 25.48
C LEU A 229 26.50 8.94 26.07
N CYS A 230 26.23 10.21 25.73
CA CYS A 230 25.32 11.11 26.50
C CYS A 230 23.87 10.62 26.46
N SER A 231 23.53 9.63 25.65
CA SER A 231 22.20 8.95 25.71
C SER A 231 21.92 8.47 27.14
N VAL A 232 22.95 8.10 27.90
CA VAL A 232 22.78 7.51 29.26
C VAL A 232 22.60 8.65 30.29
N THR A 233 22.65 9.92 29.89
CA THR A 233 22.58 11.10 30.78
C THR A 233 21.28 11.86 30.53
N LYS A 234 20.37 11.29 29.73
CA LYS A 234 19.04 11.89 29.45
C LYS A 234 18.04 11.46 30.53
N LEU A 235 16.86 12.04 30.51
CA LEU A 235 15.75 11.59 31.39
C LEU A 235 15.36 10.18 30.95
N TRP A 236 14.91 9.37 31.90
CA TRP A 236 14.72 7.91 31.74
C TRP A 236 13.97 7.59 30.45
N PRO A 237 12.83 8.26 30.12
CA PRO A 237 12.10 7.87 28.90
C PRO A 237 12.93 8.01 27.61
N VAL A 238 13.81 9.02 27.52
CA VAL A 238 14.73 9.22 26.37
C VAL A 238 15.80 8.12 26.34
N THR A 239 16.47 7.91 27.47
CA THR A 239 17.51 6.86 27.66
C THR A 239 16.95 5.50 27.28
N LYS A 240 15.77 5.18 27.79
CA LYS A 240 15.12 3.87 27.58
C LYS A 240 14.82 3.71 26.07
N LEU A 241 14.18 4.70 25.43
CA LEU A 241 13.79 4.60 24.00
C LEU A 241 15.03 4.60 23.11
N THR A 242 16.07 5.36 23.45
CA THR A 242 17.36 5.35 22.68
C THR A 242 17.98 3.95 22.74
N ALA A 243 17.92 3.27 23.89
CA ALA A 243 18.51 1.92 24.04
C ALA A 243 17.96 0.98 22.94
N ASN A 244 16.67 1.09 22.61
CA ASN A 244 16.05 0.30 21.51
C ASN A 244 16.80 0.50 20.19
N ASP A 245 17.16 1.74 19.86
CA ASP A 245 17.88 2.03 18.60
C ASP A 245 19.27 1.40 18.70
N ILE A 246 19.93 1.55 19.85
CA ILE A 246 21.32 1.03 20.04
C ILE A 246 21.29 -0.48 19.79
N TYR A 247 20.35 -1.19 20.39
CA TYR A 247 20.29 -2.67 20.33
C TYR A 247 19.77 -3.13 18.96
N ALA A 248 19.03 -2.29 18.24
CA ALA A 248 18.56 -2.59 16.87
C ALA A 248 19.78 -2.76 15.96
N GLU A 249 20.77 -1.87 16.10
CA GLU A 249 22.08 -1.98 15.40
C GLU A 249 22.83 -3.20 15.91
N PHE A 250 23.02 -3.35 17.22
CA PHE A 250 23.83 -4.47 17.79
C PHE A 250 23.27 -5.80 17.26
N TRP A 251 21.96 -5.97 17.30
CA TRP A 251 21.31 -7.26 16.94
C TRP A 251 21.45 -7.52 15.43
N ALA A 252 21.37 -6.48 14.60
CA ALA A 252 21.64 -6.57 13.15
C ALA A 252 23.09 -7.01 12.94
N GLU A 253 24.04 -6.47 13.71
CA GLU A 253 25.46 -6.89 13.59
C GLU A 253 25.57 -8.36 14.03
N GLY A 254 24.87 -8.73 15.11
CA GLY A 254 24.84 -10.12 15.59
C GLY A 254 24.35 -11.05 14.50
N ASP A 255 23.31 -10.64 13.78
CA ASP A 255 22.76 -11.40 12.63
C ASP A 255 23.86 -11.57 11.58
N GLU A 256 24.59 -10.49 11.25
CA GLU A 256 25.65 -10.52 10.22
C GLU A 256 26.84 -11.37 10.69
N MET A 257 27.12 -11.38 11.99
CA MET A 257 28.17 -12.27 12.55
C MET A 257 27.74 -13.72 12.28
N LYS A 258 26.46 -14.05 12.52
CA LYS A 258 25.91 -15.42 12.34
C LYS A 258 26.01 -15.82 10.86
N LYS A 259 25.82 -14.88 9.95
CA LYS A 259 25.99 -15.09 8.49
C LYS A 259 27.45 -15.42 8.15
N LEU A 260 28.43 -14.90 8.89
CA LEU A 260 29.86 -15.24 8.70
C LEU A 260 30.24 -16.55 9.40
N GLY A 261 29.29 -17.21 10.11
CA GLY A 261 29.54 -18.45 10.87
C GLY A 261 30.27 -18.18 12.19
N ILE A 262 29.90 -17.11 12.89
CA ILE A 262 30.51 -16.66 14.17
C ILE A 262 29.37 -16.35 15.14
N GLN A 263 29.26 -17.08 16.26
CA GLN A 263 28.30 -16.75 17.33
C GLN A 263 28.69 -15.37 17.84
N PRO A 264 27.78 -14.37 17.78
CA PRO A 264 28.10 -13.04 18.29
C PRO A 264 28.19 -13.07 19.82
N ILE A 265 28.83 -12.05 20.40
CA ILE A 265 28.76 -11.82 21.88
C ILE A 265 27.29 -11.65 22.24
N PRO A 266 26.86 -11.97 23.49
CA PRO A 266 25.44 -11.87 23.87
C PRO A 266 24.82 -10.47 23.64
N MET A 267 25.60 -9.41 23.83
CA MET A 267 25.22 -7.99 23.58
C MET A 267 24.54 -7.86 22.21
N MET A 268 25.00 -8.61 21.21
CA MET A 268 24.58 -8.49 19.80
C MET A 268 23.65 -9.65 19.40
N ASP A 269 23.31 -10.54 20.32
CA ASP A 269 22.46 -11.71 20.02
C ASP A 269 21.02 -11.38 20.42
N ARG A 270 20.12 -11.29 19.43
CA ARG A 270 18.70 -10.89 19.67
C ARG A 270 17.99 -12.02 20.41
N ASP A 271 18.54 -13.24 20.44
CA ASP A 271 17.97 -14.38 21.18
C ASP A 271 18.18 -14.15 22.69
N LYS A 272 19.12 -13.28 23.07
CA LYS A 272 19.47 -13.00 24.48
C LYS A 272 19.00 -11.59 24.89
N LYS A 273 17.82 -11.15 24.45
CA LYS A 273 17.18 -9.86 24.85
C LYS A 273 17.00 -9.77 26.36
N ASP A 274 16.62 -10.89 27.01
CA ASP A 274 16.35 -11.00 28.46
C ASP A 274 17.57 -10.49 29.27
N GLU A 275 18.79 -10.64 28.75
CA GLU A 275 20.05 -10.28 29.47
C GLU A 275 20.42 -8.80 29.25
N VAL A 276 19.57 -8.00 28.57
CA VAL A 276 19.86 -6.58 28.25
C VAL A 276 19.97 -5.77 29.54
N PRO A 277 18.98 -5.83 30.46
CA PRO A 277 19.06 -5.06 31.70
C PRO A 277 20.39 -5.26 32.45
N GLN A 278 20.84 -6.51 32.60
CA GLN A 278 22.12 -6.82 33.29
C GLN A 278 23.30 -6.29 32.47
N GLY A 279 23.23 -6.43 31.14
CA GLY A 279 24.22 -5.85 30.20
C GLY A 279 24.31 -4.33 30.34
N GLN A 280 23.20 -3.64 30.56
CA GLN A 280 23.21 -2.17 30.77
C GLN A 280 23.91 -1.82 32.09
N LEU A 281 23.63 -2.55 33.18
CA LEU A 281 24.33 -2.39 34.49
C LEU A 281 25.86 -2.45 34.30
N GLY A 282 26.36 -3.49 33.63
CA GLY A 282 27.80 -3.68 33.35
C GLY A 282 28.37 -2.45 32.69
N PHE A 283 27.66 -1.94 31.67
CA PHE A 283 28.06 -0.77 30.87
C PHE A 283 28.09 0.50 31.73
N TYR A 284 27.05 0.74 32.53
CA TYR A 284 27.02 1.93 33.41
C TYR A 284 28.22 1.85 34.37
N ASN A 285 28.43 0.67 34.96
CA ASN A 285 29.46 0.44 36.02
C ASN A 285 30.87 0.44 35.41
N ALA A 286 31.09 -0.22 34.27
CA ALA A 286 32.43 -0.36 33.65
C ALA A 286 32.81 0.85 32.79
N VAL A 287 31.83 1.56 32.21
CA VAL A 287 32.15 2.61 31.20
C VAL A 287 31.56 3.95 31.62
N ALA A 288 30.23 4.05 31.67
CA ALA A 288 29.50 5.33 31.80
C ALA A 288 29.88 6.05 33.11
N ILE A 289 29.66 5.41 34.26
CA ILE A 289 29.83 6.10 35.59
C ILE A 289 31.30 6.51 35.75
N PRO A 290 32.27 5.60 35.51
CA PRO A 290 33.68 5.96 35.55
C PRO A 290 34.02 7.18 34.68
N CYS A 291 33.42 7.24 33.48
CA CYS A 291 33.65 8.34 32.50
C CYS A 291 33.19 9.68 33.09
N TYR A 292 31.93 9.79 33.49
CA TYR A 292 31.36 11.06 34.02
C TYR A 292 31.95 11.42 35.39
N THR A 293 32.36 10.42 36.20
CA THR A 293 33.07 10.64 37.50
C THR A 293 34.40 11.37 37.26
N THR A 294 35.27 10.83 36.39
CA THR A 294 36.59 11.43 36.09
C THR A 294 36.34 12.79 35.42
N LEU A 295 35.31 12.90 34.59
CA LEU A 295 35.01 14.18 33.91
C LEU A 295 34.62 15.22 34.96
N THR A 296 33.82 14.82 35.95
CA THR A 296 33.34 15.72 37.03
C THR A 296 34.52 16.17 37.90
N GLN A 297 35.48 15.28 38.16
CA GLN A 297 36.70 15.61 38.93
C GLN A 297 37.47 16.70 38.15
N ILE A 298 37.66 16.53 36.85
CA ILE A 298 38.48 17.49 36.04
C ILE A 298 37.68 18.78 35.78
N LEU A 299 36.37 18.65 35.51
CA LEU A 299 35.49 19.79 35.17
C LEU A 299 34.24 19.72 36.05
N PRO A 300 34.33 20.28 37.28
CA PRO A 300 33.22 20.20 38.24
C PRO A 300 31.85 20.56 37.67
N PRO A 301 31.67 21.61 36.84
CA PRO A 301 30.34 21.95 36.34
C PRO A 301 29.62 20.91 35.45
N THR A 302 30.29 19.81 35.08
CA THR A 302 29.71 18.67 34.30
C THR A 302 29.07 17.65 35.23
N GLU A 303 28.90 17.99 36.51
CA GLU A 303 28.33 17.08 37.54
C GLU A 303 26.93 16.60 37.15
N PRO A 304 26.07 17.44 36.53
CA PRO A 304 24.73 16.98 36.15
C PRO A 304 24.73 15.71 35.26
N LEU A 305 25.76 15.53 34.42
CA LEU A 305 25.93 14.32 33.56
C LEU A 305 26.08 13.09 34.45
N LEU A 306 26.94 13.18 35.47
CA LEU A 306 27.17 12.06 36.43
C LEU A 306 25.88 11.77 37.20
N LYS A 307 25.18 12.81 37.65
CA LYS A 307 23.91 12.68 38.42
C LYS A 307 22.87 11.98 37.53
N ALA A 308 22.67 12.46 36.30
CA ALA A 308 21.69 11.87 35.35
C ALA A 308 22.05 10.40 35.06
N CYS A 309 23.33 10.11 34.86
CA CYS A 309 23.83 8.74 34.61
C CYS A 309 23.48 7.82 35.78
N ARG A 310 23.73 8.29 37.00
CA ARG A 310 23.43 7.52 38.23
CA ARG A 310 23.43 7.55 38.26
C ARG A 310 21.91 7.29 38.32
N ASP A 311 21.11 8.29 37.99
CA ASP A 311 19.62 8.14 38.01
C ASP A 311 19.23 7.00 37.08
N ASN A 312 19.80 6.97 35.87
CA ASN A 312 19.51 5.93 34.84
C ASN A 312 20.03 4.56 35.29
N LEU A 313 21.19 4.49 35.93
CA LEU A 313 21.68 3.20 36.50
C LEU A 313 20.59 2.66 37.44
N SER A 314 20.08 3.53 38.31
CA SER A 314 19.02 3.18 39.30
C SER A 314 17.76 2.69 38.57
N GLN A 315 17.36 3.35 37.47
CA GLN A 315 16.22 2.90 36.62
C GLN A 315 16.48 1.49 36.06
N TRP A 316 17.69 1.15 35.58
CA TRP A 316 17.98 -0.22 35.07
C TRP A 316 17.92 -1.25 36.20
N GLU A 317 18.37 -0.86 37.39
CA GLU A 317 18.25 -1.75 38.60
C GLU A 317 16.77 -2.05 38.85
N LYS A 318 15.91 -1.02 38.80
CA LYS A 318 14.44 -1.19 38.97
C LYS A 318 13.88 -2.11 37.89
N VAL A 319 14.39 -2.06 36.65
CA VAL A 319 13.91 -2.97 35.56
C VAL A 319 14.19 -4.41 36.00
N ILE A 320 15.40 -4.69 36.49
CA ILE A 320 15.82 -6.06 36.87
C ILE A 320 14.89 -6.56 38.00
N ARG A 321 14.65 -5.72 39.00
CA ARG A 321 13.80 -6.05 40.18
C ARG A 321 12.32 -6.19 39.79
N GLY A 322 11.99 -6.11 38.50
CA GLY A 322 10.62 -6.27 37.98
C GLY A 322 9.70 -5.12 38.40
N GLU A 323 10.24 -4.01 38.91
CA GLU A 323 9.46 -2.79 39.26
C GLU A 323 9.17 -1.98 38.00
N GLU A 324 9.72 -2.41 36.85
CA GLU A 324 9.32 -2.04 35.47
C GLU A 324 10.19 -2.82 34.46
N GLN B 11 -5.08 17.66 -28.31
CA GLN B 11 -4.81 16.83 -27.10
C GLN B 11 -5.73 17.27 -25.94
N GLY B 12 -7.05 17.28 -26.17
CA GLY B 12 -8.07 17.75 -25.21
C GLY B 12 -9.18 16.72 -24.96
N LEU B 13 -9.39 15.78 -25.89
CA LEU B 13 -10.35 14.66 -25.75
C LEU B 13 -9.61 13.40 -25.24
N MET B 14 -8.75 13.58 -24.24
CA MET B 14 -8.13 12.50 -23.43
C MET B 14 -8.95 12.34 -22.15
N GLN B 15 -9.53 11.15 -21.95
CA GLN B 15 -10.16 10.80 -20.65
C GLN B 15 -9.28 9.73 -20.01
N PHE B 16 -9.10 9.80 -18.69
CA PHE B 16 -8.39 8.74 -17.92
C PHE B 16 -9.33 7.55 -17.81
N THR B 17 -8.77 6.36 -17.96
CA THR B 17 -9.48 5.06 -17.81
C THR B 17 -8.80 4.28 -16.68
N LEU B 18 -9.56 3.40 -16.05
CA LEU B 18 -9.03 2.50 -15.01
C LEU B 18 -9.28 1.07 -15.48
N PRO B 19 -8.47 0.12 -14.99
CA PRO B 19 -8.80 -1.29 -15.15
C PRO B 19 -10.21 -1.57 -14.64
N VAL B 20 -10.89 -2.54 -15.26
CA VAL B 20 -12.32 -2.89 -14.99
C VAL B 20 -12.56 -2.94 -13.48
N ARG B 21 -11.76 -3.68 -12.70
CA ARG B 21 -12.05 -3.88 -11.25
C ARG B 21 -12.03 -2.53 -10.52
N LEU B 22 -11.08 -1.65 -10.82
CA LEU B 22 -10.99 -0.32 -10.16
C LEU B 22 -12.16 0.53 -10.65
N CYS B 23 -12.40 0.52 -11.96
CA CYS B 23 -13.47 1.32 -12.60
C CYS B 23 -14.79 1.13 -11.85
N LYS B 24 -15.14 -0.11 -11.52
CA LYS B 24 -16.45 -0.46 -10.92
C LYS B 24 -16.41 -0.26 -9.41
N GLU B 25 -15.26 -0.46 -8.78
CA GLU B 25 -15.09 -0.44 -7.31
C GLU B 25 -15.00 1.01 -6.82
N ILE B 26 -14.46 1.90 -7.63
CA ILE B 26 -14.13 3.30 -7.20
C ILE B 26 -15.42 4.04 -6.87
N GLU B 27 -16.54 3.63 -7.47
CA GLU B 27 -17.87 4.27 -7.26
C GLU B 27 -18.41 3.88 -5.88
N LEU B 28 -17.90 2.80 -5.29
CA LEU B 28 -18.29 2.34 -3.93
C LEU B 28 -17.55 3.17 -2.87
N PHE B 29 -18.24 3.50 -1.78
CA PHE B 29 -17.67 4.26 -0.63
C PHE B 29 -16.51 3.47 0.00
N HIS B 30 -16.59 2.14 0.06
CA HIS B 30 -15.59 1.30 0.78
C HIS B 30 -14.40 0.93 -0.12
N PHE B 31 -14.23 1.61 -1.25
CA PHE B 31 -13.08 1.40 -2.18
C PHE B 31 -11.76 1.64 -1.43
N ASP B 32 -10.80 0.74 -1.63
CA ASP B 32 -9.40 0.91 -1.19
C ASP B 32 -8.57 1.21 -2.43
N ILE B 33 -7.71 2.24 -2.40
CA ILE B 33 -6.97 2.70 -3.61
C ILE B 33 -5.76 1.80 -3.90
N GLY B 34 -5.46 0.82 -3.05
CA GLY B 34 -4.46 -0.22 -3.33
C GLY B 34 -3.02 0.22 -2.99
N PRO B 35 -2.06 -0.73 -3.03
CA PRO B 35 -0.68 -0.45 -2.67
C PRO B 35 0.24 0.12 -3.77
N PHE B 36 -0.27 0.34 -4.99
CA PHE B 36 0.54 0.85 -6.12
C PHE B 36 0.48 2.38 -6.14
N GLU B 37 1.47 3.01 -5.48
CA GLU B 37 1.63 4.49 -5.34
C GLU B 37 1.50 5.18 -6.69
N ASN B 38 2.09 4.61 -7.76
CA ASN B 38 2.20 5.25 -9.10
C ASN B 38 0.83 5.32 -9.79
N MET B 39 -0.16 4.59 -9.31
CA MET B 39 -1.53 4.65 -9.87
C MET B 39 -2.39 5.74 -9.20
N TRP B 40 -2.02 6.21 -8.01
CA TRP B 40 -2.89 7.13 -7.22
C TRP B 40 -3.12 8.44 -7.97
N PRO B 41 -2.10 9.09 -8.58
CA PRO B 41 -2.34 10.31 -9.35
C PRO B 41 -3.41 10.09 -10.43
N GLY B 42 -3.28 9.00 -11.20
CA GLY B 42 -4.24 8.64 -12.26
C GLY B 42 -5.63 8.48 -11.68
N ILE B 43 -5.73 7.84 -10.52
CA ILE B 43 -7.02 7.62 -9.80
C ILE B 43 -7.61 8.99 -9.46
N PHE B 44 -6.80 9.89 -8.91
CA PHE B 44 -7.27 11.24 -8.55
C PHE B 44 -7.79 11.98 -9.80
N VAL B 45 -7.00 12.02 -10.89
CA VAL B 45 -7.38 12.76 -12.13
C VAL B 45 -8.68 12.16 -12.68
N TYR B 46 -8.82 10.84 -12.67
CA TYR B 46 -10.05 10.13 -13.07
C TYR B 46 -11.23 10.66 -12.26
N MET B 47 -11.04 10.80 -10.95
CA MET B 47 -12.13 11.27 -10.05
C MET B 47 -12.47 12.73 -10.37
N VAL B 48 -11.46 13.57 -10.61
CA VAL B 48 -11.68 15.00 -11.01
C VAL B 48 -12.50 15.06 -12.31
N HIS B 49 -12.11 14.32 -13.34
CA HIS B 49 -12.75 14.37 -14.68
C HIS B 49 -14.22 13.94 -14.61
N ARG B 50 -14.52 12.87 -13.87
CA ARG B 50 -15.92 12.36 -13.74
C ARG B 50 -16.70 13.20 -12.74
N SER B 51 -16.03 13.90 -11.84
CA SER B 51 -16.66 14.60 -10.69
C SER B 51 -17.00 16.04 -11.04
N CYS B 52 -16.21 16.73 -11.85
CA CYS B 52 -16.61 18.10 -12.30
C CYS B 52 -16.22 18.37 -13.76
N GLY B 53 -15.55 17.46 -14.47
CA GLY B 53 -15.41 17.52 -15.93
C GLY B 53 -13.96 17.55 -16.41
N THR B 54 -13.75 17.16 -17.67
CA THR B 54 -12.46 17.12 -18.40
C THR B 54 -11.89 18.54 -18.57
N SER B 55 -12.74 19.55 -18.45
CA SER B 55 -12.44 20.99 -18.70
C SER B 55 -12.19 21.75 -17.38
N CYS B 56 -12.42 21.12 -16.22
CA CYS B 56 -12.29 21.78 -14.89
C CYS B 56 -10.88 22.34 -14.75
N PHE B 57 -9.88 21.57 -15.20
CA PHE B 57 -8.45 21.90 -15.02
C PHE B 57 -7.68 21.61 -16.31
N GLU B 58 -6.70 22.45 -16.63
CA GLU B 58 -5.70 22.17 -17.69
C GLU B 58 -4.87 20.99 -17.18
N LEU B 59 -4.85 19.89 -17.92
CA LEU B 59 -4.27 18.60 -17.49
C LEU B 59 -2.80 18.77 -17.10
N GLU B 60 -2.02 19.51 -17.87
CA GLU B 60 -0.57 19.71 -17.59
C GLU B 60 -0.40 20.31 -16.19
N LYS B 61 -1.09 21.43 -15.91
CA LYS B 61 -1.03 22.16 -14.61
C LYS B 61 -1.47 21.23 -13.47
N LEU B 62 -2.55 20.48 -13.67
CA LEU B 62 -3.11 19.56 -12.64
C LEU B 62 -2.10 18.47 -12.30
N CME B 63 -1.51 17.82 -13.30
CA CME B 63 -0.47 16.77 -13.12
CB CME B 63 -0.10 16.07 -14.41
SG CME B 63 -1.36 14.90 -15.02
SD CME B 63 -1.43 13.46 -13.58
CE CME B 63 -0.14 12.27 -14.03
CZ CME B 63 -0.61 11.29 -15.06
OH CME B 63 0.37 10.29 -15.29
C CME B 63 0.72 17.40 -12.37
O CME B 63 1.18 16.81 -11.40
N ARG B 64 1.14 18.61 -12.76
CA ARG B 64 2.23 19.34 -12.08
C ARG B 64 1.84 19.61 -10.62
N PHE B 65 0.58 20.03 -10.39
CA PHE B 65 0.04 20.32 -9.04
C PHE B 65 0.05 19.04 -8.19
N ILE B 66 -0.55 17.98 -8.73
CA ILE B 66 -0.67 16.67 -8.03
C ILE B 66 0.72 16.21 -7.57
N MET B 67 1.74 16.38 -8.41
CA MET B 67 3.08 15.79 -8.15
C MET B 67 3.82 16.64 -7.12
N SER B 68 3.63 17.96 -7.11
CA SER B 68 4.17 18.86 -6.06
C SER B 68 3.46 18.59 -4.72
N VAL B 69 2.15 18.30 -4.74
CA VAL B 69 1.40 17.95 -3.50
C VAL B 69 1.97 16.64 -2.96
N LYS B 70 2.05 15.58 -3.78
CA LYS B 70 2.65 14.29 -3.36
C LYS B 70 3.99 14.54 -2.68
N LYS B 71 4.83 15.34 -3.31
CA LYS B 71 6.21 15.62 -2.87
C LYS B 71 6.20 16.25 -1.47
N ASN B 72 5.12 16.94 -1.07
CA ASN B 72 5.08 17.74 0.18
C ASN B 72 4.30 16.98 1.27
N TYR B 73 3.96 15.72 1.00
CA TYR B 73 3.53 14.73 2.03
C TYR B 73 4.76 13.95 2.50
N ARG B 74 4.82 13.63 3.78
CA ARG B 74 6.01 12.97 4.36
C ARG B 74 5.76 11.46 4.46
N ARG B 75 6.83 10.69 4.63
CA ARG B 75 6.76 9.22 4.72
C ARG B 75 6.49 8.86 6.17
N VAL B 76 5.27 9.17 6.63
CA VAL B 76 4.80 8.88 8.00
C VAL B 76 3.87 7.67 7.88
N PRO B 77 3.61 6.95 8.99
CA PRO B 77 2.80 5.73 8.90
C PRO B 77 1.35 5.94 8.40
N TYR B 78 0.71 7.06 8.73
CA TYR B 78 -0.73 7.28 8.41
C TYR B 78 -0.97 8.59 7.67
N HIS B 79 -0.51 9.73 8.18
CA HIS B 79 -0.77 11.08 7.60
C HIS B 79 0.10 11.31 6.37
N ASN B 80 -0.07 10.44 5.38
CA ASN B 80 0.82 10.36 4.19
C ASN B 80 -0.02 10.58 2.91
N TRP B 81 0.63 10.45 1.76
CA TRP B 81 0.03 10.64 0.42
C TRP B 81 -1.14 9.69 0.20
N LYS B 82 -1.06 8.47 0.71
CA LYS B 82 -2.17 7.48 0.58
C LYS B 82 -3.42 8.03 1.27
N HIS B 83 -3.27 8.57 2.48
CA HIS B 83 -4.39 9.15 3.26
C HIS B 83 -5.01 10.27 2.43
N ALA B 84 -4.18 11.14 1.85
CA ALA B 84 -4.64 12.30 1.06
C ALA B 84 -5.58 11.81 -0.04
N VAL B 85 -5.17 10.79 -0.81
CA VAL B 85 -5.95 10.30 -1.99
C VAL B 85 -7.21 9.58 -1.50
N THR B 86 -7.08 8.80 -0.43
CA THR B 86 -8.18 8.05 0.20
C THR B 86 -9.28 9.02 0.63
N VAL B 87 -8.90 10.15 1.22
CA VAL B 87 -9.87 11.16 1.74
C VAL B 87 -10.53 11.83 0.52
N ALA B 88 -9.77 12.09 -0.55
CA ALA B 88 -10.29 12.65 -1.82
C ALA B 88 -11.27 11.67 -2.47
N HIS B 89 -10.97 10.38 -2.46
CA HIS B 89 -11.88 9.34 -2.99
C HIS B 89 -13.21 9.33 -2.23
N CYS B 90 -13.19 9.39 -0.89
CA CYS B 90 -14.45 9.47 -0.09
C CYS B 90 -15.27 10.68 -0.54
N MET B 91 -14.63 11.85 -0.71
CA MET B 91 -15.33 13.08 -1.13
C MET B 91 -15.93 12.84 -2.52
N TYR B 92 -15.18 12.15 -3.38
CA TYR B 92 -15.62 11.80 -4.75
C TYR B 92 -16.94 11.03 -4.66
N ALA B 93 -16.99 10.01 -3.80
CA ALA B 93 -18.17 9.14 -3.59
C ALA B 93 -19.35 9.98 -3.11
N ILE B 94 -19.13 10.92 -2.19
CA ILE B 94 -20.21 11.81 -1.67
C ILE B 94 -20.72 12.66 -2.83
N LEU B 95 -19.81 13.30 -3.58
CA LEU B 95 -20.19 14.25 -4.67
C LEU B 95 -20.92 13.48 -5.78
N GLN B 96 -20.43 12.31 -6.16
CA GLN B 96 -21.06 11.49 -7.22
C GLN B 96 -22.49 11.07 -6.81
N ASN B 97 -22.76 10.83 -5.52
CA ASN B 97 -24.11 10.42 -5.06
C ASN B 97 -24.95 11.61 -4.61
N ASN B 98 -24.47 12.85 -4.78
CA ASN B 98 -25.24 14.08 -4.43
C ASN B 98 -24.90 15.20 -5.42
N HIS B 99 -24.79 14.89 -6.72
CA HIS B 99 -24.09 15.77 -7.70
C HIS B 99 -24.82 17.11 -7.88
N THR B 100 -26.15 17.13 -7.84
CA THR B 100 -26.95 18.37 -8.09
C THR B 100 -26.84 19.36 -6.92
N LEU B 101 -26.53 18.88 -5.71
CA LEU B 101 -26.49 19.72 -4.48
C LEU B 101 -25.35 20.74 -4.50
N PHE B 102 -24.27 20.50 -5.26
CA PHE B 102 -23.03 21.32 -5.15
C PHE B 102 -22.77 22.10 -6.44
N THR B 103 -22.25 23.31 -6.27
CA THR B 103 -21.87 24.22 -7.36
C THR B 103 -20.57 23.72 -8.01
N ASP B 104 -20.22 24.31 -9.16
CA ASP B 104 -19.05 23.90 -9.96
C ASP B 104 -17.78 24.27 -9.19
N LEU B 105 -17.78 25.44 -8.53
CA LEU B 105 -16.66 25.88 -7.66
C LEU B 105 -16.46 24.83 -6.55
N GLU B 106 -17.52 24.43 -5.86
CA GLU B 106 -17.46 23.48 -4.72
C GLU B 106 -16.85 22.15 -5.20
N ARG B 107 -17.32 21.61 -6.31
CA ARG B 107 -16.81 20.31 -6.85
C ARG B 107 -15.30 20.43 -7.10
N LYS B 108 -14.85 21.51 -7.73
CA LYS B 108 -13.40 21.81 -7.96
C LYS B 108 -12.66 21.91 -6.63
N GLY B 109 -13.15 22.77 -5.72
CA GLY B 109 -12.50 23.12 -4.43
C GLY B 109 -12.32 21.91 -3.52
N LEU B 110 -13.32 21.03 -3.45
CA LEU B 110 -13.42 20.03 -2.36
C LEU B 110 -12.48 18.85 -2.61
N LEU B 111 -12.35 18.39 -3.86
CA LEU B 111 -11.39 17.29 -4.18
C LEU B 111 -9.98 17.81 -3.98
N ILE B 112 -9.71 19.05 -4.35
CA ILE B 112 -8.38 19.71 -4.18
C ILE B 112 -8.16 19.89 -2.66
N ALA B 113 -9.17 20.37 -1.92
CA ALA B 113 -9.07 20.53 -0.46
C ALA B 113 -8.69 19.19 0.17
N CYS B 114 -9.34 18.10 -0.24
CA CYS B 114 -9.11 16.75 0.32
C CYS B 114 -7.69 16.29 0.03
N LEU B 115 -7.19 16.52 -1.19
CA LEU B 115 -5.83 16.08 -1.59
C LEU B 115 -4.79 16.83 -0.75
N CYS B 116 -5.05 18.09 -0.45
CA CYS B 116 -4.09 19.00 0.23
C CYS B 116 -4.31 19.07 1.75
N HIS B 117 -5.31 18.38 2.31
CA HIS B 117 -5.84 18.69 3.68
C HIS B 117 -4.83 18.35 4.78
N ASP B 118 -3.81 17.52 4.50
CA ASP B 118 -2.82 17.12 5.55
C ASP B 118 -1.40 17.45 5.07
N LEU B 119 -1.25 18.37 4.11
CA LEU B 119 0.05 18.70 3.48
C LEU B 119 1.12 18.94 4.55
N ASP B 120 2.26 18.27 4.42
CA ASP B 120 3.47 18.47 5.25
C ASP B 120 3.17 18.07 6.70
N HIS B 121 2.22 17.14 6.92
CA HIS B 121 1.99 16.51 8.24
C HIS B 121 3.25 15.77 8.70
N ARG B 122 3.60 15.89 9.98
CA ARG B 122 4.82 15.27 10.58
C ARG B 122 4.45 14.04 11.40
N GLY B 123 3.18 13.69 11.50
CA GLY B 123 2.68 12.53 12.27
C GLY B 123 2.37 12.90 13.71
N PHE B 124 2.27 14.21 14.01
CA PHE B 124 2.06 14.70 15.40
C PHE B 124 0.83 15.60 15.43
N SER B 125 0.07 15.47 16.53
CA SER B 125 -1.15 16.24 16.82
C SER B 125 -0.82 17.70 17.12
N ASN B 126 -1.81 18.58 17.01
CA ASN B 126 -1.69 19.99 17.44
C ASN B 126 -1.19 20.07 18.90
N SER B 127 -1.68 19.21 19.80
CA SER B 127 -1.30 19.23 21.24
C SER B 127 0.20 18.98 21.38
N TYR B 128 0.75 18.03 20.61
CA TYR B 128 2.20 17.72 20.72
C TYR B 128 3.02 18.95 20.27
N LEU B 129 2.69 19.54 19.11
CA LEU B 129 3.31 20.79 18.59
C LEU B 129 3.27 21.87 19.69
N GLN B 130 2.14 22.01 20.40
CA GLN B 130 1.96 23.00 21.50
C GLN B 130 2.90 22.68 22.67
N LYS B 131 2.93 21.44 23.14
CA LYS B 131 3.75 21.04 24.31
C LYS B 131 5.23 21.09 23.93
N PHE B 132 5.59 20.77 22.68
CA PHE B 132 6.99 20.81 22.23
C PHE B 132 7.45 22.25 22.06
N ASP B 133 6.50 23.16 21.81
CA ASP B 133 6.77 24.59 21.52
C ASP B 133 7.39 24.64 20.13
N HIS B 134 6.80 23.93 19.17
CA HIS B 134 7.17 23.98 17.74
C HIS B 134 6.84 25.39 17.23
N PRO B 135 7.71 25.97 16.36
CA PRO B 135 7.43 27.26 15.74
C PRO B 135 6.01 27.42 15.13
N LEU B 136 5.48 26.35 14.53
CA LEU B 136 4.10 26.34 13.97
C LEU B 136 3.08 26.68 15.06
N ALA B 137 3.33 26.34 16.33
CA ALA B 137 2.38 26.59 17.46
C ALA B 137 2.26 28.09 17.76
N ALA B 138 3.31 28.89 17.52
CA ALA B 138 3.32 30.35 17.79
C ALA B 138 2.78 31.10 16.56
N LEU B 139 2.98 30.56 15.38
CA LEU B 139 2.42 31.10 14.13
C LEU B 139 0.90 30.89 14.12
N TYR B 140 0.43 29.74 14.60
CA TYR B 140 -0.99 29.29 14.51
C TYR B 140 -1.44 28.79 15.89
N SER B 141 -2.10 29.65 16.67
CA SER B 141 -2.41 29.37 18.10
C SER B 141 -3.45 28.25 18.18
N THR B 142 -4.41 28.20 17.24
CA THR B 142 -5.40 27.09 17.16
C THR B 142 -5.39 26.50 15.76
N SER B 143 -5.96 25.31 15.65
CA SER B 143 -5.95 24.49 14.41
C SER B 143 -4.55 24.58 13.78
N THR B 144 -3.51 24.36 14.59
CA THR B 144 -2.11 24.65 14.24
C THR B 144 -1.74 23.96 12.93
N MET B 145 -1.86 22.64 12.85
CA MET B 145 -1.45 21.89 11.65
C MET B 145 -2.36 22.28 10.48
N GLU B 146 -3.66 22.48 10.73
CA GLU B 146 -4.63 22.70 9.63
C GLU B 146 -4.37 24.06 8.99
N GLN B 147 -3.95 25.06 9.76
CA GLN B 147 -3.60 26.38 9.15
C GLN B 147 -2.33 26.21 8.32
N HIS B 148 -1.41 25.36 8.78
CA HIS B 148 -0.15 25.04 8.06
C HIS B 148 -0.48 24.33 6.75
N HIS B 149 -1.42 23.38 6.76
CA HIS B 149 -1.83 22.62 5.55
C HIS B 149 -2.38 23.61 4.51
N PHE B 150 -3.16 24.60 4.94
CA PHE B 150 -3.79 25.56 4.00
C PHE B 150 -2.68 26.42 3.39
N SER B 151 -1.75 26.89 4.22
CA SER B 151 -0.61 27.73 3.85
C SER B 151 0.26 26.99 2.82
N GLN B 152 0.48 25.69 3.01
CA GLN B 152 1.24 24.84 2.08
C GLN B 152 0.51 24.77 0.75
N THR B 153 -0.82 24.67 0.77
CA THR B 153 -1.68 24.53 -0.42
C THR B 153 -1.52 25.80 -1.27
N VAL B 154 -1.54 26.96 -0.61
CA VAL B 154 -1.40 28.28 -1.30
C VAL B 154 0.01 28.37 -1.91
N SER B 155 1.06 28.00 -1.18
CA SER B 155 2.46 28.00 -1.67
C SER B 155 2.54 27.20 -2.98
N ILE B 156 2.01 25.98 -2.99
CA ILE B 156 2.08 25.09 -4.18
C ILE B 156 1.28 25.70 -5.33
N LEU B 157 0.10 26.26 -5.08
CA LEU B 157 -0.74 26.94 -6.11
C LEU B 157 0.02 28.11 -6.75
N GLN B 158 0.98 28.70 -6.03
CA GLN B 158 1.72 29.90 -6.49
C GLN B 158 3.05 29.52 -7.14
N LEU B 159 3.43 28.24 -7.14
CA LEU B 159 4.60 27.72 -7.90
C LEU B 159 4.33 27.93 -9.39
N GLU B 160 5.38 28.22 -10.18
CA GLU B 160 5.25 28.50 -11.63
C GLU B 160 4.59 27.29 -12.30
N GLY B 161 3.53 27.52 -13.08
CA GLY B 161 2.82 26.47 -13.84
C GLY B 161 1.94 25.57 -12.97
N HIS B 162 1.69 25.92 -11.69
CA HIS B 162 0.90 25.10 -10.74
C HIS B 162 -0.50 25.68 -10.49
N ASN B 163 -0.82 26.85 -11.07
CA ASN B 163 -2.10 27.57 -10.78
C ASN B 163 -3.24 26.93 -11.57
N ILE B 164 -3.79 25.84 -11.03
CA ILE B 164 -4.87 25.03 -11.64
C ILE B 164 -6.17 25.84 -11.73
N PHE B 165 -6.28 26.98 -11.06
CA PHE B 165 -7.50 27.84 -11.09
C PHE B 165 -7.27 29.08 -11.98
N SER B 166 -6.33 29.01 -12.94
CA SER B 166 -5.89 30.18 -13.74
C SER B 166 -7.08 30.77 -14.52
N THR B 167 -8.01 29.94 -14.99
CA THR B 167 -9.17 30.35 -15.83
C THR B 167 -10.19 31.15 -15.01
N LEU B 168 -10.30 30.93 -13.70
CA LEU B 168 -11.33 31.55 -12.81
C LEU B 168 -11.14 33.06 -12.75
N SER B 169 -12.24 33.82 -12.56
CA SER B 169 -12.20 35.27 -12.29
C SER B 169 -11.55 35.50 -10.92
N SER B 170 -11.03 36.70 -10.69
CA SER B 170 -10.47 37.13 -9.38
C SER B 170 -11.47 36.78 -8.26
N SER B 171 -12.77 36.94 -8.52
CA SER B 171 -13.89 36.66 -7.58
C SER B 171 -14.01 35.16 -7.33
N GLU B 172 -14.19 34.38 -8.39
CA GLU B 172 -14.31 32.91 -8.30
C GLU B 172 -13.06 32.36 -7.59
N TYR B 173 -11.87 32.82 -7.96
CA TYR B 173 -10.58 32.36 -7.40
C TYR B 173 -10.64 32.55 -5.88
N GLU B 174 -11.09 33.73 -5.42
CA GLU B 174 -11.15 34.02 -3.98
C GLU B 174 -12.18 33.09 -3.31
N GLN B 175 -13.30 32.85 -3.99
CA GLN B 175 -14.38 31.97 -3.47
C GLN B 175 -13.85 30.54 -3.32
N VAL B 176 -13.15 30.01 -4.32
CA VAL B 176 -12.70 28.58 -4.29
C VAL B 176 -11.58 28.47 -3.24
N LEU B 177 -10.71 29.47 -3.09
CA LEU B 177 -9.65 29.44 -2.04
C LEU B 177 -10.30 29.50 -0.66
N GLU B 178 -11.38 30.27 -0.52
CA GLU B 178 -12.15 30.38 0.76
C GLU B 178 -12.84 29.03 1.07
N ILE B 179 -13.40 28.38 0.06
CA ILE B 179 -13.98 27.01 0.20
C ILE B 179 -12.90 26.06 0.73
N ILE B 180 -11.71 26.07 0.11
CA ILE B 180 -10.58 25.15 0.44
C ILE B 180 -10.10 25.47 1.85
N ARG B 181 -9.95 26.73 2.21
CA ARG B 181 -9.51 27.11 3.56
C ARG B 181 -10.49 26.55 4.61
N LYS B 182 -11.78 26.87 4.49
CA LYS B 182 -12.79 26.44 5.46
C LYS B 182 -12.80 24.90 5.48
N ALA B 183 -12.69 24.24 4.33
CA ALA B 183 -12.74 22.77 4.28
C ALA B 183 -11.55 22.20 5.06
N ILE B 184 -10.36 22.77 4.89
CA ILE B 184 -9.12 22.21 5.50
C ILE B 184 -9.16 22.46 7.01
N ILE B 185 -9.53 23.66 7.44
CA ILE B 185 -9.69 24.00 8.89
C ILE B 185 -10.67 23.02 9.53
N ALA B 186 -11.75 22.64 8.84
CA ALA B 186 -12.82 21.76 9.36
C ALA B 186 -12.26 20.38 9.73
N THR B 187 -11.14 19.95 9.13
CA THR B 187 -10.54 18.64 9.43
C THR B 187 -9.87 18.64 10.80
N ASP B 188 -9.81 19.79 11.48
CA ASP B 188 -9.41 19.85 12.91
C ASP B 188 -10.54 19.20 13.72
N LEU B 189 -10.32 17.97 14.20
CA LEU B 189 -11.40 17.20 14.86
C LEU B 189 -11.92 17.96 16.08
N ALA B 190 -11.14 18.87 16.69
CA ALA B 190 -11.56 19.72 17.82
C ALA B 190 -12.79 20.54 17.43
N LEU B 191 -12.91 20.93 16.15
CA LEU B 191 -14.02 21.80 15.66
C LEU B 191 -15.21 20.96 15.23
N TYR B 192 -15.01 19.68 15.01
CA TYR B 192 -16.06 18.76 14.51
C TYR B 192 -17.23 18.74 15.52
N PHE B 193 -16.94 18.63 16.82
CA PHE B 193 -17.97 18.34 17.85
C PHE B 193 -19.04 19.44 17.83
N GLY B 194 -18.62 20.71 17.87
CA GLY B 194 -19.48 21.90 17.79
C GLY B 194 -20.22 21.94 16.46
N ASN B 195 -19.56 21.58 15.37
CA ASN B 195 -20.14 21.69 14.02
C ASN B 195 -21.23 20.64 13.86
N ARG B 196 -20.96 19.38 14.18
CA ARG B 196 -21.98 18.31 14.09
C ARG B 196 -23.18 18.66 14.99
N LYS B 197 -22.95 19.17 16.19
CA LYS B 197 -24.02 19.51 17.16
C LYS B 197 -24.96 20.57 16.56
N GLN B 198 -24.43 21.67 16.02
CA GLN B 198 -25.26 22.70 15.32
C GLN B 198 -26.04 22.07 14.16
N LEU B 199 -25.43 21.16 13.40
CA LEU B 199 -26.08 20.55 12.21
C LEU B 199 -27.20 19.59 12.65
N GLU B 200 -26.95 18.78 13.68
CA GLU B 200 -27.97 17.86 14.25
C GLU B 200 -29.17 18.71 14.70
N GLU B 201 -28.92 19.85 15.33
CA GLU B 201 -29.99 20.71 15.87
C GLU B 201 -30.74 21.32 14.69
N MET B 202 -30.04 21.95 13.75
CA MET B 202 -30.64 22.58 12.54
C MET B 202 -31.45 21.53 11.74
N TYR B 203 -30.94 20.33 11.54
CA TYR B 203 -31.64 19.29 10.76
C TYR B 203 -32.92 18.83 11.49
N GLN B 204 -32.80 18.54 12.78
CA GLN B 204 -33.90 17.92 13.59
C GLN B 204 -35.07 18.91 13.78
N THR B 205 -34.80 20.22 13.74
CA THR B 205 -35.82 21.29 13.84
C THR B 205 -36.37 21.67 12.46
N GLY B 206 -35.64 21.36 11.39
CA GLY B 206 -36.02 21.73 10.01
C GLY B 206 -35.61 23.14 9.65
N SER B 207 -34.67 23.75 10.37
CA SER B 207 -34.11 25.09 10.04
C SER B 207 -32.91 24.97 9.07
N LEU B 208 -32.42 23.75 8.79
CA LEU B 208 -31.23 23.56 7.92
C LEU B 208 -31.61 23.99 6.49
N ASN B 209 -30.82 24.90 5.94
CA ASN B 209 -31.11 25.62 4.68
C ASN B 209 -29.84 25.69 3.81
N LEU B 210 -29.68 24.78 2.85
CA LEU B 210 -28.48 24.72 1.96
C LEU B 210 -28.33 25.98 1.09
N ASN B 211 -29.31 26.89 1.05
CA ASN B 211 -29.18 28.19 0.34
C ASN B 211 -28.56 29.23 1.28
N ASN B 212 -28.45 28.88 2.56
CA ASN B 212 -27.73 29.68 3.57
C ASN B 212 -26.24 29.29 3.51
N GLN B 213 -25.35 30.21 3.16
CA GLN B 213 -23.89 29.92 2.94
C GLN B 213 -23.25 29.40 4.22
N SER B 214 -23.65 29.98 5.35
CA SER B 214 -23.24 29.59 6.73
C SER B 214 -23.61 28.12 6.97
N HIS B 215 -24.76 27.70 6.47
CA HIS B 215 -25.26 26.31 6.61
C HIS B 215 -24.47 25.40 5.66
N ARG B 216 -24.23 25.83 4.43
CA ARG B 216 -23.43 25.07 3.43
C ARG B 216 -22.03 24.82 4.00
N ASP B 217 -21.42 25.89 4.52
CA ASP B 217 -20.08 25.83 5.18
C ASP B 217 -20.08 24.70 6.21
N ARG B 218 -21.12 24.61 7.05
CA ARG B 218 -21.16 23.60 8.12
C ARG B 218 -21.31 22.20 7.50
N VAL B 219 -22.19 22.04 6.53
CA VAL B 219 -22.40 20.71 5.89
C VAL B 219 -21.09 20.32 5.19
N ILE B 220 -20.42 21.26 4.54
CA ILE B 220 -19.12 20.94 3.87
C ILE B 220 -18.11 20.54 4.96
N GLY B 221 -18.07 21.26 6.08
CA GLY B 221 -17.27 20.88 7.25
C GLY B 221 -17.51 19.44 7.67
N LEU B 222 -18.78 19.01 7.75
CA LEU B 222 -19.08 17.64 8.24
C LEU B 222 -18.66 16.65 7.14
N MET B 223 -18.85 17.02 5.88
CA MET B 223 -18.39 16.17 4.76
C MET B 223 -16.88 15.95 4.89
N MET B 224 -16.13 16.99 5.24
CA MET B 224 -14.65 16.89 5.41
C MET B 224 -14.30 15.94 6.57
N THR B 225 -14.96 16.07 7.73
CA THR B 225 -14.76 15.13 8.87
C THR B 225 -15.02 13.70 8.39
N ALA B 226 -16.18 13.46 7.75
CA ALA B 226 -16.62 12.14 7.27
C ALA B 226 -15.54 11.52 6.36
N CYS B 227 -15.05 12.27 5.39
CA CYS B 227 -13.99 11.82 4.46
C CYS B 227 -12.69 11.56 5.24
N ASP B 228 -12.36 12.45 6.16
CA ASP B 228 -11.10 12.36 6.94
C ASP B 228 -11.12 11.10 7.84
N LEU B 229 -12.30 10.67 8.32
CA LEU B 229 -12.42 9.48 9.21
C LEU B 229 -12.70 8.20 8.42
N CYS B 230 -12.70 8.26 7.08
CA CYS B 230 -13.33 7.20 6.24
C CYS B 230 -12.63 5.85 6.42
N SER B 231 -11.47 5.79 7.09
CA SER B 231 -10.80 4.54 7.52
C SER B 231 -11.81 3.62 8.22
N VAL B 232 -12.69 4.20 9.04
CA VAL B 232 -13.68 3.45 9.87
C VAL B 232 -14.88 3.01 9.00
N THR B 233 -14.93 3.37 7.71
CA THR B 233 -16.10 3.04 6.83
C THR B 233 -15.71 2.04 5.74
N LYS B 234 -14.51 1.48 5.83
CA LYS B 234 -14.03 0.46 4.86
C LYS B 234 -14.53 -0.89 5.36
N LEU B 235 -14.36 -1.94 4.55
CA LEU B 235 -14.63 -3.32 5.01
C LEU B 235 -13.63 -3.65 6.11
N TRP B 236 -14.02 -4.50 7.04
CA TRP B 236 -13.26 -4.84 8.28
C TRP B 236 -11.77 -5.09 8.00
N PRO B 237 -11.37 -5.94 7.04
CA PRO B 237 -9.95 -6.22 6.84
C PRO B 237 -9.11 -4.94 6.58
N VAL B 238 -9.64 -4.01 5.80
CA VAL B 238 -9.01 -2.69 5.53
C VAL B 238 -8.97 -1.84 6.81
N THR B 239 -10.10 -1.71 7.49
CA THR B 239 -10.25 -0.88 8.71
C THR B 239 -9.27 -1.38 9.77
N LYS B 240 -9.15 -2.70 9.91
CA LYS B 240 -8.30 -3.35 10.93
C LYS B 240 -6.83 -3.05 10.64
N LEU B 241 -6.43 -3.18 9.38
CA LEU B 241 -5.02 -2.93 8.96
C LEU B 241 -4.73 -1.43 9.01
N THR B 242 -5.68 -0.55 8.69
CA THR B 242 -5.43 0.91 8.78
C THR B 242 -5.20 1.29 10.25
N ALA B 243 -5.89 0.64 11.20
CA ALA B 243 -5.75 0.91 12.65
C ALA B 243 -4.27 0.79 13.04
N ASN B 244 -3.54 -0.18 12.48
CA ASN B 244 -2.10 -0.39 12.77
C ASN B 244 -1.31 0.87 12.45
N ASP B 245 -1.60 1.51 11.30
CA ASP B 245 -0.89 2.72 10.82
C ASP B 245 -1.23 3.90 11.74
N ILE B 246 -2.51 4.06 12.08
CA ILE B 246 -2.98 5.15 12.96
C ILE B 246 -2.23 5.04 14.30
N TYR B 247 -2.15 3.84 14.88
CA TYR B 247 -1.56 3.63 16.23
C TYR B 247 -0.03 3.70 16.16
N ALA B 248 0.60 3.36 15.04
CA ALA B 248 2.05 3.52 14.84
C ALA B 248 2.39 5.01 15.04
N GLU B 249 1.59 5.92 14.48
CA GLU B 249 1.77 7.38 14.72
C GLU B 249 1.45 7.71 16.17
N PHE B 250 0.30 7.31 16.69
CA PHE B 250 -0.12 7.68 18.07
C PHE B 250 0.96 7.28 19.06
N TRP B 251 1.54 6.07 18.89
CA TRP B 251 2.52 5.50 19.84
C TRP B 251 3.84 6.27 19.76
N ALA B 252 4.26 6.67 18.56
CA ALA B 252 5.47 7.49 18.37
C ALA B 252 5.23 8.86 19.03
N GLU B 253 4.03 9.43 18.91
CA GLU B 253 3.72 10.73 19.57
C GLU B 253 3.75 10.54 21.09
N GLY B 254 3.12 9.46 21.61
CA GLY B 254 3.17 9.09 23.04
C GLY B 254 4.60 8.99 23.56
N ASP B 255 5.49 8.37 22.78
CA ASP B 255 6.92 8.24 23.15
C ASP B 255 7.52 9.65 23.25
N GLU B 256 7.18 10.52 22.30
CA GLU B 256 7.73 11.90 22.27
C GLU B 256 7.15 12.72 23.43
N MET B 257 5.91 12.45 23.85
CA MET B 257 5.33 13.08 25.07
C MET B 257 6.12 12.65 26.32
N LYS B 258 6.42 11.35 26.45
CA LYS B 258 7.22 10.78 27.55
C LYS B 258 8.58 11.47 27.55
N LYS B 259 9.16 11.76 26.37
CA LYS B 259 10.50 12.41 26.26
C LYS B 259 10.43 13.85 26.76
N LEU B 260 9.28 14.51 26.64
CA LEU B 260 9.02 15.86 27.21
C LEU B 260 8.75 15.77 28.71
N GLY B 261 8.60 14.57 29.28
CA GLY B 261 8.27 14.37 30.70
C GLY B 261 6.77 14.51 30.94
N ILE B 262 5.95 14.16 29.95
CA ILE B 262 4.47 14.27 30.03
C ILE B 262 3.89 12.88 29.79
N GLN B 263 3.08 12.38 30.72
CA GLN B 263 2.43 11.06 30.54
C GLN B 263 1.40 11.22 29.43
N PRO B 264 1.51 10.48 28.32
CA PRO B 264 0.57 10.66 27.21
C PRO B 264 -0.83 10.15 27.60
N ILE B 265 -1.85 10.53 26.85
CA ILE B 265 -3.20 9.90 26.97
C ILE B 265 -3.05 8.43 26.58
N PRO B 266 -3.90 7.52 27.12
CA PRO B 266 -3.74 6.09 26.89
C PRO B 266 -3.71 5.67 25.40
N MET B 267 -4.55 6.31 24.59
CA MET B 267 -4.64 6.15 23.12
C MET B 267 -3.21 6.16 22.51
N MET B 268 -2.32 6.98 23.07
CA MET B 268 -0.97 7.25 22.50
C MET B 268 0.12 6.48 23.25
N ASP B 269 -0.25 5.67 24.23
CA ASP B 269 0.73 4.97 25.11
C ASP B 269 0.89 3.53 24.62
N ARG B 270 2.04 3.21 24.04
CA ARG B 270 2.27 1.86 23.47
C ARG B 270 2.19 0.81 24.59
N ASP B 271 2.43 1.18 25.85
CA ASP B 271 2.33 0.24 27.01
C ASP B 271 0.86 -0.10 27.30
N LYS B 272 -0.11 0.59 26.69
CA LYS B 272 -1.55 0.35 26.93
C LYS B 272 -2.22 -0.24 25.68
N LYS B 273 -1.48 -1.06 24.93
CA LYS B 273 -1.92 -1.71 23.66
C LYS B 273 -3.19 -2.52 23.86
N ASP B 274 -3.33 -3.16 25.02
CA ASP B 274 -4.43 -4.09 25.37
C ASP B 274 -5.76 -3.30 25.51
N GLU B 275 -5.69 -1.98 25.75
CA GLU B 275 -6.89 -1.11 25.90
C GLU B 275 -7.39 -0.58 24.54
N VAL B 276 -6.79 -1.00 23.42
CA VAL B 276 -7.07 -0.42 22.07
C VAL B 276 -8.51 -0.74 21.66
N PRO B 277 -8.96 -2.02 21.71
CA PRO B 277 -10.31 -2.35 21.25
C PRO B 277 -11.40 -1.53 21.95
N GLN B 278 -11.25 -1.27 23.25
CA GLN B 278 -12.19 -0.42 24.05
C GLN B 278 -12.05 1.05 23.63
N GLY B 279 -10.82 1.49 23.34
CA GLY B 279 -10.55 2.85 22.83
C GLY B 279 -11.21 3.09 21.47
N GLN B 280 -11.12 2.10 20.57
CA GLN B 280 -11.80 2.12 19.26
C GLN B 280 -13.31 2.22 19.48
N LEU B 281 -13.86 1.36 20.34
CA LEU B 281 -15.31 1.38 20.72
C LEU B 281 -15.70 2.79 21.17
N GLY B 282 -14.89 3.45 21.99
CA GLY B 282 -15.18 4.80 22.52
C GLY B 282 -15.17 5.82 21.39
N PHE B 283 -14.23 5.69 20.46
CA PHE B 283 -14.13 6.60 19.30
C PHE B 283 -15.38 6.43 18.40
N TYR B 284 -15.80 5.20 18.12
CA TYR B 284 -16.97 4.95 17.22
C TYR B 284 -18.22 5.57 17.87
N ASN B 285 -18.42 5.36 19.17
CA ASN B 285 -19.65 5.82 19.89
C ASN B 285 -19.63 7.34 20.05
N ALA B 286 -18.46 7.95 20.31
CA ALA B 286 -18.32 9.38 20.64
C ALA B 286 -18.15 10.22 19.37
N VAL B 287 -17.56 9.67 18.30
CA VAL B 287 -17.18 10.48 17.10
C VAL B 287 -17.74 9.88 15.80
N ALA B 288 -17.29 8.70 15.38
CA ALA B 288 -17.63 8.17 14.03
C ALA B 288 -19.15 8.02 13.85
N ILE B 289 -19.85 7.31 14.74
CA ILE B 289 -21.30 6.98 14.53
C ILE B 289 -22.12 8.28 14.48
N PRO B 290 -21.98 9.22 15.43
CA PRO B 290 -22.69 10.50 15.33
C PRO B 290 -22.35 11.27 14.04
N CYS B 291 -21.08 11.23 13.63
CA CYS B 291 -20.63 11.89 12.37
C CYS B 291 -21.45 11.37 11.19
N TYR B 292 -21.44 10.05 10.97
CA TYR B 292 -22.06 9.40 9.78
C TYR B 292 -23.59 9.35 9.91
N THR B 293 -24.10 9.33 11.15
CA THR B 293 -25.57 9.44 11.40
C THR B 293 -26.02 10.81 10.90
N THR B 294 -25.44 11.89 11.41
CA THR B 294 -25.84 13.26 11.01
C THR B 294 -25.64 13.44 9.50
N LEU B 295 -24.57 12.89 8.91
CA LEU B 295 -24.29 13.07 7.46
C LEU B 295 -25.41 12.38 6.66
N THR B 296 -25.81 11.18 7.06
CA THR B 296 -26.83 10.35 6.38
C THR B 296 -28.19 11.07 6.44
N GLN B 297 -28.52 11.68 7.57
CA GLN B 297 -29.71 12.56 7.70
C GLN B 297 -29.67 13.69 6.67
N ILE B 298 -28.54 14.37 6.52
CA ILE B 298 -28.48 15.57 5.64
C ILE B 298 -28.34 15.12 4.19
N LEU B 299 -27.59 14.04 3.95
CA LEU B 299 -27.26 13.48 2.61
C LEU B 299 -27.54 11.99 2.62
N PRO B 300 -28.83 11.58 2.49
CA PRO B 300 -29.22 10.18 2.55
C PRO B 300 -28.44 9.21 1.65
N PRO B 301 -27.94 9.60 0.45
CA PRO B 301 -27.10 8.69 -0.32
C PRO B 301 -25.73 8.36 0.32
N THR B 302 -25.32 9.04 1.41
CA THR B 302 -24.06 8.75 2.16
C THR B 302 -24.27 7.59 3.15
N GLU B 303 -25.43 6.92 3.08
CA GLU B 303 -25.86 5.85 4.02
C GLU B 303 -24.82 4.74 4.13
N PRO B 304 -24.23 4.24 3.01
CA PRO B 304 -23.22 3.18 3.08
C PRO B 304 -22.05 3.49 4.02
N LEU B 305 -21.69 4.75 4.19
CA LEU B 305 -20.66 5.17 5.19
C LEU B 305 -21.12 4.75 6.59
N LEU B 306 -22.36 5.07 6.96
CA LEU B 306 -22.92 4.75 8.31
C LEU B 306 -23.03 3.24 8.44
N LYS B 307 -23.52 2.54 7.42
CA LYS B 307 -23.68 1.07 7.46
C LYS B 307 -22.32 0.41 7.76
N ALA B 308 -21.27 0.76 7.02
CA ALA B 308 -19.90 0.21 7.19
C ALA B 308 -19.35 0.55 8.58
N CYS B 309 -19.63 1.76 9.05
CA CYS B 309 -19.16 2.24 10.38
C CYS B 309 -19.80 1.37 11.47
N ARG B 310 -21.10 1.07 11.35
CA ARG B 310 -21.83 0.19 12.31
CA ARG B 310 -21.85 0.19 12.29
C ARG B 310 -21.26 -1.23 12.23
N ASP B 311 -20.99 -1.74 11.04
CA ASP B 311 -20.39 -3.10 10.90
C ASP B 311 -19.05 -3.13 11.65
N ASN B 312 -18.23 -2.08 11.51
CA ASN B 312 -16.88 -2.01 12.13
C ASN B 312 -17.01 -1.88 13.65
N LEU B 313 -17.98 -1.10 14.14
CA LEU B 313 -18.30 -1.04 15.59
C LEU B 313 -18.55 -2.46 16.10
N SER B 314 -19.43 -3.20 15.41
CA SER B 314 -19.79 -4.60 15.73
C SER B 314 -18.53 -5.48 15.75
N GLN B 315 -17.63 -5.34 14.78
CA GLN B 315 -16.38 -6.13 14.70
C GLN B 315 -15.49 -5.82 15.91
N TRP B 316 -15.41 -4.56 16.34
CA TRP B 316 -14.61 -4.16 17.54
C TRP B 316 -15.25 -4.76 18.80
N GLU B 317 -16.58 -4.82 18.88
CA GLU B 317 -17.30 -5.44 20.03
C GLU B 317 -16.87 -6.92 20.11
N LYS B 318 -16.79 -7.61 18.97
CA LYS B 318 -16.34 -9.03 18.88
C LYS B 318 -14.92 -9.16 19.41
N VAL B 319 -14.01 -8.27 19.02
CA VAL B 319 -12.60 -8.28 19.49
C VAL B 319 -12.58 -8.14 21.02
N ILE B 320 -13.37 -7.23 21.57
CA ILE B 320 -13.42 -6.98 23.05
C ILE B 320 -13.87 -8.26 23.77
N ARG B 321 -14.77 -9.03 23.17
CA ARG B 321 -15.34 -10.27 23.78
C ARG B 321 -14.44 -11.47 23.50
N GLY B 322 -13.40 -11.31 22.67
CA GLY B 322 -12.43 -12.37 22.34
C GLY B 322 -12.94 -13.31 21.25
N GLU B 323 -14.01 -12.96 20.55
CA GLU B 323 -14.57 -13.77 19.43
C GLU B 323 -13.74 -13.56 18.16
N GLU B 324 -12.86 -12.56 18.10
CA GLU B 324 -11.90 -12.36 16.97
C GLU B 324 -10.55 -11.80 17.47
N THR B 325 -9.46 -12.15 16.78
CA THR B 325 -8.09 -11.58 16.93
C THR B 325 -7.97 -10.29 16.10
N GLY C 12 40.87 -3.11 -21.11
CA GLY C 12 40.63 -3.91 -19.87
C GLY C 12 41.87 -3.98 -18.99
N LEU C 13 42.51 -2.83 -18.74
CA LEU C 13 43.74 -2.72 -17.91
C LEU C 13 43.39 -2.71 -16.41
N MET C 14 42.26 -2.08 -16.05
CA MET C 14 41.70 -2.10 -14.68
C MET C 14 41.07 -3.47 -14.42
N GLN C 15 41.37 -4.06 -13.26
CA GLN C 15 40.78 -5.33 -12.79
C GLN C 15 40.34 -5.14 -11.34
N PHE C 16 39.13 -5.58 -11.01
CA PHE C 16 38.61 -5.56 -9.64
C PHE C 16 39.30 -6.68 -8.87
N THR C 17 39.68 -6.39 -7.63
CA THR C 17 40.16 -7.37 -6.61
C THR C 17 39.23 -7.26 -5.41
N LEU C 18 39.16 -8.31 -4.61
CA LEU C 18 38.32 -8.39 -3.40
C LEU C 18 39.24 -8.57 -2.20
N PRO C 19 38.87 -8.12 -0.99
CA PRO C 19 39.59 -8.52 0.21
C PRO C 19 39.76 -10.04 0.15
N VAL C 20 40.79 -10.55 0.80
CA VAL C 20 41.18 -12.00 0.79
C VAL C 20 39.97 -12.88 1.13
N ARG C 21 39.23 -12.61 2.21
CA ARG C 21 38.12 -13.52 2.62
C ARG C 21 37.12 -13.62 1.46
N LEU C 22 36.78 -12.51 0.80
CA LEU C 22 35.75 -12.48 -0.27
C LEU C 22 36.30 -13.19 -1.52
N CYS C 23 37.56 -12.91 -1.87
CA CYS C 23 38.30 -13.57 -2.98
C CYS C 23 38.13 -15.08 -2.89
N LYS C 24 38.35 -15.64 -1.70
CA LYS C 24 38.32 -17.10 -1.42
C LYS C 24 36.87 -17.57 -1.37
N GLU C 25 36.02 -16.90 -0.58
CA GLU C 25 34.64 -17.31 -0.24
C GLU C 25 33.71 -17.14 -1.46
N ILE C 26 33.96 -16.19 -2.36
CA ILE C 26 33.05 -15.88 -3.50
C ILE C 26 32.97 -17.09 -4.46
N GLU C 27 33.95 -18.00 -4.40
CA GLU C 27 34.02 -19.17 -5.31
C GLU C 27 33.07 -20.25 -4.81
N LEU C 28 32.64 -20.18 -3.56
CA LEU C 28 31.70 -21.16 -2.93
C LEU C 28 30.24 -20.81 -3.26
N PHE C 29 29.43 -21.83 -3.53
CA PHE C 29 28.00 -21.70 -3.88
C PHE C 29 27.26 -20.97 -2.75
N HIS C 30 27.64 -21.18 -1.49
CA HIS C 30 26.89 -20.67 -0.31
C HIS C 30 27.39 -19.28 0.11
N PHE C 31 28.27 -18.65 -0.66
CA PHE C 31 28.74 -17.27 -0.35
C PHE C 31 27.54 -16.34 -0.08
N ASP C 32 27.72 -15.44 0.89
CA ASP C 32 26.76 -14.36 1.19
C ASP C 32 27.44 -13.05 0.82
N ILE C 33 26.77 -12.18 0.06
CA ILE C 33 27.45 -10.97 -0.50
C ILE C 33 27.64 -9.89 0.59
N GLY C 34 27.08 -10.09 1.78
CA GLY C 34 27.31 -9.19 2.93
C GLY C 34 26.38 -7.97 2.95
N PRO C 35 26.38 -7.19 4.05
CA PRO C 35 25.44 -6.08 4.23
C PRO C 35 25.91 -4.72 3.68
N PHE C 36 27.07 -4.67 3.03
CA PHE C 36 27.65 -3.41 2.51
C PHE C 36 27.25 -3.23 1.04
N GLU C 37 26.12 -2.56 0.83
CA GLU C 37 25.53 -2.24 -0.51
C GLU C 37 26.58 -1.72 -1.48
N ASN C 38 27.46 -0.83 -1.01
CA ASN C 38 28.40 -0.10 -1.90
C ASN C 38 29.47 -1.03 -2.46
N MET C 39 29.57 -2.26 -1.95
CA MET C 39 30.51 -3.30 -2.45
C MET C 39 29.87 -4.20 -3.49
N TRP C 40 28.54 -4.24 -3.59
CA TRP C 40 27.83 -5.19 -4.49
C TRP C 40 28.18 -4.92 -5.95
N PRO C 41 28.21 -3.65 -6.42
CA PRO C 41 28.60 -3.36 -7.80
C PRO C 41 29.98 -3.96 -8.14
N GLY C 42 30.99 -3.71 -7.31
CA GLY C 42 32.37 -4.19 -7.52
C GLY C 42 32.44 -5.70 -7.52
N ILE C 43 31.69 -6.36 -6.63
CA ILE C 43 31.53 -7.84 -6.57
C ILE C 43 30.93 -8.34 -7.91
N PHE C 44 29.91 -7.67 -8.44
CA PHE C 44 29.32 -8.04 -9.74
C PHE C 44 30.38 -7.90 -10.85
N VAL C 45 31.11 -6.78 -10.89
CA VAL C 45 32.13 -6.56 -11.95
C VAL C 45 33.20 -7.64 -11.84
N TYR C 46 33.68 -7.94 -10.63
CA TYR C 46 34.69 -9.01 -10.38
C TYR C 46 34.23 -10.34 -11.02
N MET C 47 32.97 -10.70 -10.80
CA MET C 47 32.39 -11.97 -11.30
C MET C 47 32.30 -11.92 -12.81
N VAL C 48 31.93 -10.77 -13.39
CA VAL C 48 31.89 -10.60 -14.87
C VAL C 48 33.31 -10.73 -15.44
N HIS C 49 34.33 -10.12 -14.83
CA HIS C 49 35.73 -10.16 -15.34
C HIS C 49 36.24 -11.60 -15.33
N ARG C 50 35.97 -12.35 -14.26
CA ARG C 50 36.44 -13.74 -14.07
C ARG C 50 35.65 -14.73 -14.93
N SER C 51 34.33 -14.57 -15.07
CA SER C 51 33.45 -15.58 -15.69
C SER C 51 33.30 -15.32 -17.19
N CYS C 52 33.40 -14.06 -17.59
CA CYS C 52 33.23 -13.62 -19.00
C CYS C 52 34.59 -13.24 -19.58
N GLY C 53 35.28 -12.29 -18.93
CA GLY C 53 36.59 -11.75 -19.35
C GLY C 53 36.61 -10.24 -19.18
N THR C 54 37.81 -9.66 -19.00
CA THR C 54 38.03 -8.20 -18.77
C THR C 54 37.59 -7.36 -19.98
N SER C 55 37.41 -7.99 -21.14
CA SER C 55 37.14 -7.33 -22.43
C SER C 55 35.67 -7.51 -22.87
N CYS C 56 34.90 -8.38 -22.21
CA CYS C 56 33.49 -8.70 -22.54
C CYS C 56 32.65 -7.42 -22.60
N PHE C 57 32.89 -6.49 -21.67
CA PHE C 57 32.17 -5.20 -21.56
C PHE C 57 33.16 -4.08 -21.34
N GLU C 58 32.85 -2.90 -21.88
CA GLU C 58 33.57 -1.64 -21.61
C GLU C 58 33.20 -1.20 -20.19
N LEU C 59 34.18 -1.09 -19.30
CA LEU C 59 33.98 -0.83 -17.85
C LEU C 59 33.05 0.37 -17.62
N GLU C 60 33.28 1.49 -18.32
CA GLU C 60 32.46 2.73 -18.18
C GLU C 60 30.98 2.41 -18.45
N LYS C 61 30.70 1.71 -19.55
CA LYS C 61 29.32 1.35 -19.98
C LYS C 61 28.73 0.39 -18.95
N LEU C 62 29.51 -0.61 -18.51
CA LEU C 62 29.06 -1.61 -17.52
C LEU C 62 28.68 -0.88 -16.23
N CME C 63 29.54 0.01 -15.74
CA CME C 63 29.35 0.67 -14.42
CB CME C 63 30.58 1.39 -13.94
SG CME C 63 31.79 0.31 -13.12
SD CME C 63 30.76 -0.29 -11.46
CE CME C 63 31.93 -0.04 -10.09
CZ CME C 63 31.34 0.84 -9.02
OH CME C 63 31.89 0.52 -7.76
C CME C 63 28.07 1.53 -14.48
O CME C 63 27.32 1.48 -13.52
N ARG C 64 27.81 2.24 -15.58
CA ARG C 64 26.61 3.11 -15.59
C ARG C 64 25.38 2.22 -15.84
N PHE C 65 25.51 1.11 -16.55
CA PHE C 65 24.43 0.09 -16.68
C PHE C 65 24.04 -0.43 -15.29
N ILE C 66 25.03 -0.81 -14.50
CA ILE C 66 24.85 -1.43 -13.16
C ILE C 66 24.13 -0.43 -12.24
N MET C 67 24.51 0.84 -12.27
CA MET C 67 23.93 1.84 -11.36
C MET C 67 22.51 2.20 -11.80
N SER C 68 22.20 2.11 -13.09
CA SER C 68 20.81 2.32 -13.60
C SER C 68 19.92 1.13 -13.19
N VAL C 69 20.44 -0.09 -13.27
CA VAL C 69 19.71 -1.31 -12.83
C VAL C 69 19.39 -1.18 -11.34
N LYS C 70 20.38 -0.85 -10.50
CA LYS C 70 20.20 -0.66 -9.03
C LYS C 70 19.08 0.35 -8.74
N LYS C 71 19.15 1.51 -9.38
CA LYS C 71 18.16 2.62 -9.27
C LYS C 71 16.75 2.08 -9.54
N ASN C 72 16.62 1.00 -10.30
CA ASN C 72 15.29 0.52 -10.75
C ASN C 72 14.86 -0.72 -9.98
N TYR C 73 15.63 -1.14 -8.97
CA TYR C 73 15.15 -2.03 -7.88
C TYR C 73 14.53 -1.16 -6.78
N ARG C 74 13.46 -1.64 -6.16
CA ARG C 74 12.71 -0.90 -5.12
C ARG C 74 13.14 -1.37 -3.73
N ARG C 75 12.86 -0.55 -2.73
CA ARG C 75 13.20 -0.82 -1.31
C ARG C 75 12.09 -1.70 -0.74
N VAL C 76 12.05 -2.94 -1.21
CA VAL C 76 11.14 -4.01 -0.72
C VAL C 76 12.00 -4.94 0.11
N PRO C 77 11.40 -5.78 0.97
CA PRO C 77 12.17 -6.61 1.91
C PRO C 77 13.06 -7.70 1.28
N TYR C 78 12.62 -8.30 0.18
CA TYR C 78 13.32 -9.45 -0.43
C TYR C 78 13.65 -9.21 -1.90
N HIS C 79 12.67 -8.83 -2.74
CA HIS C 79 12.87 -8.66 -4.21
C HIS C 79 13.59 -7.35 -4.52
N ASN C 80 14.80 -7.23 -4.01
CA ASN C 80 15.56 -5.96 -3.94
C ASN C 80 16.92 -6.13 -4.64
N TRP C 81 17.72 -5.08 -4.63
CA TRP C 81 19.06 -5.03 -5.27
C TRP C 81 19.92 -6.20 -4.77
N LYS C 82 19.86 -6.52 -3.48
CA LYS C 82 20.68 -7.58 -2.84
C LYS C 82 20.33 -8.94 -3.45
N HIS C 83 19.04 -9.21 -3.64
CA HIS C 83 18.53 -10.45 -4.30
C HIS C 83 19.12 -10.54 -5.72
N ALA C 84 19.11 -9.44 -6.46
CA ALA C 84 19.67 -9.35 -7.83
C ALA C 84 21.13 -9.81 -7.85
N VAL C 85 21.96 -9.24 -6.99
CA VAL C 85 23.41 -9.58 -6.97
C VAL C 85 23.57 -11.00 -6.43
N THR C 86 22.78 -11.42 -5.43
CA THR C 86 22.82 -12.79 -4.86
C THR C 86 22.51 -13.81 -5.97
N VAL C 87 21.53 -13.53 -6.82
CA VAL C 87 21.16 -14.47 -7.93
C VAL C 87 22.29 -14.49 -8.96
N ALA C 88 22.84 -13.33 -9.30
CA ALA C 88 24.01 -13.23 -10.21
C ALA C 88 25.16 -14.08 -9.67
N HIS C 89 25.43 -14.03 -8.36
CA HIS C 89 26.58 -14.76 -7.75
C HIS C 89 26.35 -16.26 -7.88
N CYS C 90 25.14 -16.75 -7.68
CA CYS C 90 24.86 -18.20 -7.83
C CYS C 90 25.14 -18.61 -9.28
N MET C 91 24.72 -17.79 -10.24
CA MET C 91 24.98 -18.02 -11.68
C MET C 91 26.49 -18.01 -11.92
N TYR C 92 27.23 -17.06 -11.31
CA TYR C 92 28.73 -17.02 -11.35
C TYR C 92 29.29 -18.38 -10.93
N ALA C 93 28.88 -18.90 -9.77
CA ALA C 93 29.33 -20.21 -9.26
C ALA C 93 28.99 -21.33 -10.27
N ILE C 94 27.80 -21.34 -10.86
CA ILE C 94 27.42 -22.41 -11.83
C ILE C 94 28.34 -22.31 -13.04
N LEU C 95 28.57 -21.12 -13.58
CA LEU C 95 29.40 -20.89 -14.79
C LEU C 95 30.86 -21.29 -14.50
N GLN C 96 31.46 -20.87 -13.39
CA GLN C 96 32.89 -21.15 -13.11
C GLN C 96 33.11 -22.66 -12.91
N ASN C 97 32.10 -23.40 -12.47
CA ASN C 97 32.25 -24.85 -12.17
C ASN C 97 31.81 -25.68 -13.37
N ASN C 98 31.38 -25.05 -14.48
CA ASN C 98 30.91 -25.73 -15.70
C ASN C 98 31.43 -24.97 -16.92
N HIS C 99 32.66 -24.46 -16.88
CA HIS C 99 33.11 -23.35 -17.77
C HIS C 99 33.22 -23.82 -19.22
N THR C 100 33.34 -25.12 -19.49
CA THR C 100 33.48 -25.67 -20.87
C THR C 100 32.13 -25.70 -21.58
N LEU C 101 31.01 -25.59 -20.86
CA LEU C 101 29.67 -25.90 -21.41
C LEU C 101 29.00 -24.67 -22.07
N PHE C 102 29.42 -23.43 -21.81
CA PHE C 102 28.63 -22.23 -22.19
C PHE C 102 29.38 -21.36 -23.20
N THR C 103 28.65 -20.83 -24.18
CA THR C 103 29.22 -19.95 -25.22
C THR C 103 29.64 -18.63 -24.58
N ASP C 104 30.33 -17.80 -25.35
CA ASP C 104 30.71 -16.43 -24.94
C ASP C 104 29.44 -15.61 -24.70
N LEU C 105 28.50 -15.68 -25.64
CA LEU C 105 27.24 -14.90 -25.60
C LEU C 105 26.47 -15.30 -24.34
N GLU C 106 26.41 -16.59 -24.03
CA GLU C 106 25.70 -17.10 -22.82
C GLU C 106 26.36 -16.54 -21.55
N ARG C 107 27.69 -16.54 -21.49
CA ARG C 107 28.41 -16.02 -20.30
C ARG C 107 28.03 -14.56 -20.06
N LYS C 108 28.23 -13.69 -21.08
CA LYS C 108 27.79 -12.27 -21.11
C LYS C 108 26.32 -12.18 -20.66
N GLY C 109 25.44 -12.92 -21.33
CA GLY C 109 23.97 -12.80 -21.20
C GLY C 109 23.46 -13.16 -19.82
N LEU C 110 23.93 -14.27 -19.24
CA LEU C 110 23.30 -14.91 -18.06
C LEU C 110 23.54 -14.07 -16.80
N LEU C 111 24.74 -13.51 -16.61
CA LEU C 111 25.06 -12.70 -15.40
C LEU C 111 24.22 -11.41 -15.45
N ILE C 112 24.14 -10.80 -16.65
CA ILE C 112 23.29 -9.61 -16.93
C ILE C 112 21.82 -9.96 -16.64
N ALA C 113 21.33 -11.08 -17.16
CA ALA C 113 19.93 -11.52 -16.98
C ALA C 113 19.62 -11.67 -15.47
N CYS C 114 20.51 -12.30 -14.72
CA CYS C 114 20.38 -12.51 -13.24
C CYS C 114 20.31 -11.15 -12.53
N LEU C 115 21.20 -10.22 -12.88
CA LEU C 115 21.18 -8.87 -12.26
C LEU C 115 19.85 -8.19 -12.58
N CYS C 116 19.28 -8.46 -13.74
CA CYS C 116 18.11 -7.70 -14.25
C CYS C 116 16.79 -8.43 -13.97
N HIS C 117 16.78 -9.67 -13.45
CA HIS C 117 15.62 -10.60 -13.58
C HIS C 117 14.42 -10.16 -12.73
N ASP C 118 14.60 -9.30 -11.71
CA ASP C 118 13.47 -8.80 -10.87
C ASP C 118 13.37 -7.27 -10.94
N LEU C 119 13.86 -6.66 -12.02
CA LEU C 119 13.85 -5.18 -12.17
C LEU C 119 12.45 -4.63 -11.90
N ASP C 120 12.39 -3.61 -11.04
CA ASP C 120 11.17 -2.86 -10.73
C ASP C 120 10.12 -3.75 -10.06
N HIS C 121 10.53 -4.81 -9.36
CA HIS C 121 9.59 -5.68 -8.59
C HIS C 121 8.93 -4.84 -7.49
N ARG C 122 7.67 -5.08 -7.17
CA ARG C 122 6.98 -4.23 -6.14
CA ARG C 122 6.86 -4.28 -6.20
C ARG C 122 6.67 -5.07 -4.91
N GLY C 123 7.19 -6.30 -4.85
CA GLY C 123 7.00 -7.23 -3.72
C GLY C 123 5.69 -8.00 -3.79
N PHE C 124 5.03 -8.05 -4.97
CA PHE C 124 3.75 -8.76 -5.19
C PHE C 124 3.88 -9.76 -6.34
N SER C 125 3.20 -10.89 -6.16
CA SER C 125 3.24 -12.05 -7.10
C SER C 125 2.41 -11.70 -8.33
N ASN C 126 2.55 -12.48 -9.40
CA ASN C 126 1.70 -12.36 -10.61
C ASN C 126 0.23 -12.52 -10.20
N SER C 127 -0.10 -13.45 -9.28
CA SER C 127 -1.51 -13.68 -8.81
C SER C 127 -2.09 -12.38 -8.29
N TYR C 128 -1.35 -11.67 -7.44
CA TYR C 128 -1.87 -10.45 -6.79
C TYR C 128 -2.10 -9.39 -7.86
N LEU C 129 -1.18 -9.21 -8.80
CA LEU C 129 -1.34 -8.23 -9.91
C LEU C 129 -2.59 -8.61 -10.70
N GLN C 130 -2.83 -9.90 -10.88
CA GLN C 130 -3.98 -10.38 -11.69
C GLN C 130 -5.26 -10.03 -10.91
N LYS C 131 -5.29 -10.37 -9.63
CA LYS C 131 -6.50 -10.22 -8.78
C LYS C 131 -6.78 -8.75 -8.56
N PHE C 132 -5.73 -7.94 -8.45
CA PHE C 132 -5.83 -6.46 -8.28
C PHE C 132 -6.35 -5.83 -9.58
N ASP C 133 -6.10 -6.50 -10.72
CA ASP C 133 -6.39 -5.99 -12.08
C ASP C 133 -5.39 -4.87 -12.41
N HIS C 134 -4.12 -5.08 -12.09
CA HIS C 134 -3.03 -4.11 -12.35
C HIS C 134 -2.88 -3.96 -13.85
N PRO C 135 -2.63 -2.74 -14.38
CA PRO C 135 -2.38 -2.55 -15.81
C PRO C 135 -1.38 -3.55 -16.42
N LEU C 136 -0.30 -3.87 -15.71
CA LEU C 136 0.73 -4.84 -16.19
C LEU C 136 0.06 -6.18 -16.55
N ALA C 137 -0.98 -6.59 -15.82
CA ALA C 137 -1.67 -7.89 -16.03
C ALA C 137 -2.52 -7.87 -17.31
N ALA C 138 -2.89 -6.69 -17.83
CA ALA C 138 -3.57 -6.52 -19.14
C ALA C 138 -2.52 -6.59 -20.26
N LEU C 139 -1.38 -5.93 -20.07
CA LEU C 139 -0.26 -5.89 -21.05
C LEU C 139 0.36 -7.30 -21.19
N TYR C 140 0.51 -8.03 -20.10
CA TYR C 140 1.23 -9.34 -20.05
C TYR C 140 0.35 -10.35 -19.32
N SER C 141 -0.47 -11.10 -20.05
CA SER C 141 -1.49 -12.01 -19.48
C SER C 141 -0.82 -13.11 -18.64
N THR C 142 0.36 -13.60 -19.04
CA THR C 142 1.13 -14.64 -18.28
C THR C 142 2.56 -14.15 -17.99
N SER C 143 3.22 -14.72 -16.99
CA SER C 143 4.58 -14.30 -16.56
C SER C 143 4.61 -12.76 -16.51
N THR C 144 3.60 -12.17 -15.89
CA THR C 144 3.32 -10.70 -15.91
C THR C 144 4.56 -9.92 -15.45
N MET C 145 5.07 -10.19 -14.24
CA MET C 145 6.19 -9.41 -13.68
C MET C 145 7.44 -9.67 -14.54
N GLU C 146 7.62 -10.91 -15.00
CA GLU C 146 8.85 -11.35 -15.73
C GLU C 146 8.91 -10.66 -17.09
N GLN C 147 7.80 -10.56 -17.81
CA GLN C 147 7.71 -9.75 -19.04
C GLN C 147 8.05 -8.29 -18.72
N HIS C 148 7.57 -7.75 -17.59
CA HIS C 148 7.92 -6.36 -17.17
C HIS C 148 9.45 -6.26 -16.91
N HIS C 149 10.05 -7.25 -16.25
CA HIS C 149 11.49 -7.22 -15.88
C HIS C 149 12.32 -7.16 -17.16
N PHE C 150 11.95 -7.94 -18.17
CA PHE C 150 12.69 -7.93 -19.45
C PHE C 150 12.49 -6.57 -20.13
N SER C 151 11.27 -6.07 -20.13
CA SER C 151 10.89 -4.76 -20.69
C SER C 151 11.76 -3.66 -20.07
N GLN C 152 11.94 -3.70 -18.75
CA GLN C 152 12.75 -2.72 -17.99
C GLN C 152 14.22 -2.86 -18.39
N THR C 153 14.69 -4.10 -18.57
CA THR C 153 16.08 -4.40 -18.99
C THR C 153 16.35 -3.71 -20.34
N VAL C 154 15.48 -3.92 -21.31
CA VAL C 154 15.55 -3.30 -22.67
C VAL C 154 15.57 -1.77 -22.52
N SER C 155 14.66 -1.19 -21.73
CA SER C 155 14.61 0.27 -21.47
C SER C 155 15.98 0.79 -21.06
N ILE C 156 16.63 0.10 -20.11
CA ILE C 156 17.94 0.53 -19.54
C ILE C 156 19.03 0.39 -20.62
N LEU C 157 19.02 -0.70 -21.39
CA LEU C 157 20.02 -0.93 -22.47
C LEU C 157 19.97 0.18 -23.52
N GLN C 158 18.78 0.79 -23.71
CA GLN C 158 18.49 1.82 -24.75
C GLN C 158 18.73 3.23 -24.22
N LEU C 159 19.02 3.40 -22.93
CA LEU C 159 19.46 4.69 -22.35
C LEU C 159 20.80 5.06 -22.99
N GLU C 160 21.06 6.37 -23.15
CA GLU C 160 22.31 6.89 -23.75
C GLU C 160 23.48 6.42 -22.88
N GLY C 161 24.52 5.87 -23.50
CA GLY C 161 25.75 5.43 -22.81
C GLY C 161 25.58 4.09 -22.09
N HIS C 162 24.42 3.43 -22.18
CA HIS C 162 24.09 2.20 -21.40
C HIS C 162 24.13 0.93 -22.25
N ASN C 163 24.45 1.03 -23.55
CA ASN C 163 24.43 -0.14 -24.45
C ASN C 163 25.74 -0.92 -24.29
N ILE C 164 25.78 -1.78 -23.28
CA ILE C 164 26.95 -2.65 -22.94
C ILE C 164 27.20 -3.70 -24.03
N PHE C 165 26.27 -3.87 -25.00
CA PHE C 165 26.43 -4.86 -26.09
C PHE C 165 26.70 -4.15 -27.43
N SER C 166 27.26 -2.95 -27.40
CA SER C 166 27.43 -2.08 -28.60
C SER C 166 28.48 -2.67 -29.55
N THR C 167 29.41 -3.52 -29.08
CA THR C 167 30.46 -4.15 -29.92
C THR C 167 29.88 -5.35 -30.68
N LEU C 168 28.83 -6.00 -30.17
CA LEU C 168 28.24 -7.22 -30.77
C LEU C 168 27.67 -6.86 -32.14
N SER C 169 27.77 -7.77 -33.12
CA SER C 169 27.06 -7.71 -34.42
C SER C 169 25.55 -7.70 -34.16
N SER C 170 24.76 -7.24 -35.13
CA SER C 170 23.28 -7.16 -35.06
C SER C 170 22.69 -8.54 -34.72
N SER C 171 23.26 -9.60 -35.31
CA SER C 171 22.86 -11.03 -35.12
C SER C 171 23.14 -11.45 -33.68
N GLU C 172 24.36 -11.20 -33.20
CA GLU C 172 24.82 -11.54 -31.83
C GLU C 172 24.01 -10.74 -30.81
N TYR C 173 23.72 -9.48 -31.10
CA TYR C 173 22.91 -8.58 -30.22
C TYR C 173 21.52 -9.18 -30.05
N GLU C 174 20.89 -9.59 -31.14
CA GLU C 174 19.55 -10.23 -31.11
C GLU C 174 19.63 -11.54 -30.31
N GLN C 175 20.70 -12.31 -30.47
CA GLN C 175 20.88 -13.61 -29.77
C GLN C 175 20.99 -13.38 -28.26
N VAL C 176 21.84 -12.45 -27.83
CA VAL C 176 22.10 -12.23 -26.38
C VAL C 176 20.82 -11.67 -25.75
N LEU C 177 20.07 -10.81 -26.45
CA LEU C 177 18.78 -10.27 -25.92
C LEU C 177 17.76 -11.42 -25.83
N GLU C 178 17.88 -12.42 -26.70
CA GLU C 178 16.95 -13.58 -26.68
C GLU C 178 17.35 -14.53 -25.53
N ILE C 179 18.65 -14.75 -25.33
CA ILE C 179 19.18 -15.51 -24.17
C ILE C 179 18.61 -14.89 -22.88
N ILE C 180 18.67 -13.55 -22.79
CA ILE C 180 18.27 -12.77 -21.58
C ILE C 180 16.76 -12.86 -21.41
N ARG C 181 15.98 -12.65 -22.47
CA ARG C 181 14.50 -12.74 -22.41
C ARG C 181 14.13 -14.11 -21.85
N LYS C 182 14.59 -15.19 -22.48
CA LYS C 182 14.19 -16.57 -22.08
C LYS C 182 14.59 -16.82 -20.61
N ALA C 183 15.80 -16.41 -20.21
CA ALA C 183 16.34 -16.61 -18.85
C ALA C 183 15.44 -15.89 -17.84
N ILE C 184 14.97 -14.67 -18.13
CA ILE C 184 14.15 -13.85 -17.18
C ILE C 184 12.74 -14.44 -17.11
N ILE C 185 12.15 -14.76 -18.26
CA ILE C 185 10.82 -15.43 -18.31
C ILE C 185 10.88 -16.72 -17.49
N ALA C 186 11.99 -17.47 -17.57
CA ALA C 186 12.20 -18.76 -16.88
C ALA C 186 12.04 -18.62 -15.35
N THR C 187 12.37 -17.45 -14.78
CA THR C 187 12.26 -17.19 -13.32
C THR C 187 10.78 -17.11 -12.91
N ASP C 188 9.84 -17.21 -13.85
CA ASP C 188 8.42 -17.39 -13.46
C ASP C 188 8.27 -18.83 -12.94
N LEU C 189 8.21 -18.98 -11.62
CA LEU C 189 8.13 -20.31 -10.97
C LEU C 189 6.98 -21.12 -11.58
N ALA C 190 5.94 -20.49 -12.12
CA ALA C 190 4.80 -21.23 -12.69
C ALA C 190 5.28 -22.06 -13.90
N LEU C 191 6.33 -21.62 -14.60
CA LEU C 191 6.87 -22.30 -15.80
C LEU C 191 7.90 -23.38 -15.40
N TYR C 192 8.45 -23.29 -14.19
CA TYR C 192 9.53 -24.18 -13.68
C TYR C 192 9.04 -25.64 -13.68
N PHE C 193 7.80 -25.91 -13.23
CA PHE C 193 7.28 -27.28 -12.98
C PHE C 193 7.32 -28.07 -14.29
N GLY C 194 6.79 -27.50 -15.38
CA GLY C 194 6.80 -28.10 -16.72
C GLY C 194 8.21 -28.17 -17.30
N ASN C 195 9.04 -27.15 -17.07
CA ASN C 195 10.43 -27.11 -17.56
C ASN C 195 11.21 -28.28 -16.96
N ARG C 196 11.16 -28.44 -15.63
CA ARG C 196 11.94 -29.47 -14.91
C ARG C 196 11.46 -30.86 -15.32
N LYS C 197 10.14 -31.07 -15.41
CA LYS C 197 9.52 -32.36 -15.83
C LYS C 197 10.05 -32.72 -17.22
N GLN C 198 10.00 -31.79 -18.18
CA GLN C 198 10.53 -32.02 -19.55
C GLN C 198 12.02 -32.35 -19.46
N LEU C 199 12.80 -31.54 -18.73
CA LEU C 199 14.27 -31.72 -18.67
C LEU C 199 14.59 -33.10 -18.07
N GLU C 200 13.86 -33.47 -17.02
CA GLU C 200 14.05 -34.75 -16.29
C GLU C 200 13.83 -35.91 -17.27
N GLU C 201 12.77 -35.87 -18.08
CA GLU C 201 12.49 -36.94 -19.07
C GLU C 201 13.62 -36.97 -20.11
N MET C 202 14.13 -35.83 -20.54
CA MET C 202 15.20 -35.76 -21.57
C MET C 202 16.46 -36.37 -20.98
N TYR C 203 16.76 -36.05 -19.72
CA TYR C 203 17.95 -36.58 -19.03
C TYR C 203 17.83 -38.11 -18.89
N GLN C 204 16.68 -38.59 -18.39
CA GLN C 204 16.47 -40.02 -18.04
C GLN C 204 16.47 -40.88 -19.31
N THR C 205 15.91 -40.40 -20.42
CA THR C 205 15.83 -41.13 -21.72
C THR C 205 17.14 -40.98 -22.51
N GLY C 206 18.08 -40.16 -22.03
CA GLY C 206 19.36 -39.89 -22.69
C GLY C 206 19.20 -39.08 -23.97
N SER C 207 18.04 -38.47 -24.19
CA SER C 207 17.74 -37.64 -25.39
C SER C 207 18.26 -36.21 -25.21
N LEU C 208 18.62 -35.83 -23.98
CA LEU C 208 19.14 -34.46 -23.67
C LEU C 208 20.41 -34.21 -24.49
N ASN C 209 20.50 -33.07 -25.17
CA ASN C 209 21.58 -32.78 -26.14
C ASN C 209 21.85 -31.28 -26.15
N LEU C 210 23.00 -30.84 -25.60
CA LEU C 210 23.35 -29.40 -25.47
C LEU C 210 23.66 -28.77 -26.84
N ASN C 211 23.77 -29.56 -27.91
CA ASN C 211 23.90 -29.05 -29.30
C ASN C 211 22.51 -28.63 -29.79
N ASN C 212 21.45 -29.06 -29.10
CA ASN C 212 20.06 -28.69 -29.46
C ASN C 212 19.68 -27.43 -28.67
N GLN C 213 19.40 -26.32 -29.37
CA GLN C 213 19.17 -24.97 -28.80
C GLN C 213 17.96 -24.97 -27.85
N SER C 214 16.90 -25.71 -28.16
CA SER C 214 15.69 -25.76 -27.29
C SER C 214 16.02 -26.56 -26.02
N HIS C 215 16.97 -27.50 -26.08
CA HIS C 215 17.46 -28.24 -24.89
C HIS C 215 18.30 -27.27 -24.04
N ARG C 216 19.22 -26.55 -24.69
CA ARG C 216 20.06 -25.53 -24.01
C ARG C 216 19.15 -24.53 -23.28
N ASP C 217 18.10 -24.05 -23.93
CA ASP C 217 17.13 -23.08 -23.37
C ASP C 217 16.55 -23.65 -22.06
N ARG C 218 16.18 -24.94 -22.08
CA ARG C 218 15.55 -25.61 -20.92
C ARG C 218 16.56 -25.65 -19.77
N VAL C 219 17.81 -26.02 -20.07
CA VAL C 219 18.89 -26.16 -19.06
C VAL C 219 19.15 -24.78 -18.43
N ILE C 220 19.23 -23.74 -19.25
CA ILE C 220 19.47 -22.34 -18.79
C ILE C 220 18.27 -21.94 -17.92
N GLY C 221 17.05 -22.32 -18.32
CA GLY C 221 15.82 -22.05 -17.54
C GLY C 221 15.91 -22.63 -16.16
N LEU C 222 16.37 -23.89 -16.05
CA LEU C 222 16.52 -24.57 -14.75
C LEU C 222 17.66 -23.89 -13.97
N MET C 223 18.75 -23.55 -14.64
CA MET C 223 19.84 -22.79 -13.97
C MET C 223 19.26 -21.50 -13.37
N MET C 224 18.38 -20.81 -14.09
CA MET C 224 17.76 -19.53 -13.59
C MET C 224 16.90 -19.84 -12.35
N THR C 225 16.08 -20.89 -12.37
CA THR C 225 15.27 -21.26 -11.19
C THR C 225 16.22 -21.51 -10.02
N ALA C 226 17.27 -22.29 -10.25
CA ALA C 226 18.27 -22.69 -9.22
C ALA C 226 18.90 -21.43 -8.61
N CYS C 227 19.26 -20.45 -9.43
CA CYS C 227 19.92 -19.20 -8.94
C CYS C 227 18.89 -18.36 -8.17
N ASP C 228 17.67 -18.32 -8.68
CA ASP C 228 16.56 -17.53 -8.09
C ASP C 228 16.19 -18.06 -6.70
N LEU C 229 16.24 -19.38 -6.49
CA LEU C 229 15.85 -20.00 -5.20
C LEU C 229 17.06 -20.13 -4.27
N CYS C 230 18.23 -19.61 -4.64
CA CYS C 230 19.52 -20.00 -3.97
C CYS C 230 19.51 -19.64 -2.48
N SER C 231 18.55 -18.83 -1.99
CA SER C 231 18.46 -18.52 -0.54
C SER C 231 18.31 -19.81 0.28
N VAL C 232 17.72 -20.87 -0.30
CA VAL C 232 17.52 -22.19 0.38
C VAL C 232 18.81 -23.02 0.30
N THR C 233 19.90 -22.49 -0.28
CA THR C 233 21.19 -23.23 -0.46
C THR C 233 22.32 -22.53 0.29
N LYS C 234 21.99 -21.56 1.14
CA LYS C 234 22.98 -20.90 1.99
C LYS C 234 23.12 -21.72 3.28
N LEU C 235 24.13 -21.41 4.07
CA LEU C 235 24.26 -21.93 5.44
C LEU C 235 23.03 -21.46 6.22
N TRP C 236 22.62 -22.26 7.20
CA TRP C 236 21.32 -22.16 7.93
C TRP C 236 21.06 -20.75 8.45
N PRO C 237 22.02 -20.08 9.12
CA PRO C 237 21.75 -18.75 9.66
C PRO C 237 21.37 -17.73 8.56
N VAL C 238 21.98 -17.84 7.38
CA VAL C 238 21.62 -16.98 6.22
C VAL C 238 20.22 -17.36 5.75
N THR C 239 19.96 -18.66 5.53
CA THR C 239 18.68 -19.17 5.02
C THR C 239 17.54 -18.75 5.94
N LYS C 240 17.76 -18.87 7.25
CA LYS C 240 16.77 -18.55 8.31
C LYS C 240 16.47 -17.05 8.27
N LEU C 241 17.50 -16.21 8.24
CA LEU C 241 17.30 -14.73 8.21
C LEU C 241 16.65 -14.31 6.90
N THR C 242 17.09 -14.84 5.75
CA THR C 242 16.48 -14.50 4.44
C THR C 242 14.98 -14.85 4.47
N ALA C 243 14.59 -15.96 5.10
CA ALA C 243 13.17 -16.41 5.20
C ALA C 243 12.32 -15.31 5.84
N ASN C 244 12.86 -14.54 6.80
CA ASN C 244 12.14 -13.39 7.43
C ASN C 244 11.75 -12.36 6.37
N ASP C 245 12.68 -12.03 5.46
CA ASP C 245 12.49 -11.02 4.40
C ASP C 245 11.48 -11.53 3.37
N ILE C 246 11.58 -12.82 3.02
CA ILE C 246 10.63 -13.48 2.08
C ILE C 246 9.22 -13.36 2.66
N TYR C 247 9.04 -13.69 3.94
CA TYR C 247 7.70 -13.70 4.59
C TYR C 247 7.19 -12.26 4.84
N ALA C 248 8.07 -11.30 5.11
CA ALA C 248 7.68 -9.88 5.22
C ALA C 248 6.91 -9.51 3.94
N GLU C 249 7.41 -9.90 2.76
CA GLU C 249 6.73 -9.66 1.46
C GLU C 249 5.42 -10.47 1.38
N PHE C 250 5.47 -11.78 1.60
CA PHE C 250 4.29 -12.67 1.53
C PHE C 250 3.17 -12.14 2.44
N TRP C 251 3.49 -11.74 3.67
CA TRP C 251 2.46 -11.28 4.65
C TRP C 251 1.84 -9.97 4.18
N ALA C 252 2.64 -9.02 3.68
CA ALA C 252 2.14 -7.76 3.09
C ALA C 252 1.21 -8.07 1.92
N GLU C 253 1.57 -9.02 1.06
CA GLU C 253 0.70 -9.43 -0.07
C GLU C 253 -0.60 -10.03 0.49
N GLY C 254 -0.51 -10.90 1.49
CA GLY C 254 -1.72 -11.47 2.15
C GLY C 254 -2.62 -10.36 2.69
N ASP C 255 -2.03 -9.36 3.33
CA ASP C 255 -2.78 -8.19 3.86
C ASP C 255 -3.54 -7.57 2.69
N GLU C 256 -2.86 -7.33 1.57
CA GLU C 256 -3.45 -6.68 0.39
C GLU C 256 -4.52 -7.62 -0.21
N MET C 257 -4.34 -8.93 -0.10
CA MET C 257 -5.37 -9.90 -0.59
C MET C 257 -6.62 -9.69 0.26
N LYS C 258 -6.45 -9.53 1.58
CA LYS C 258 -7.57 -9.33 2.53
C LYS C 258 -8.30 -8.05 2.16
N LYS C 259 -7.57 -7.02 1.72
CA LYS C 259 -8.16 -5.70 1.37
C LYS C 259 -8.94 -5.77 0.06
N LEU C 260 -8.69 -6.77 -0.79
CA LEU C 260 -9.45 -6.99 -2.05
C LEU C 260 -10.72 -7.79 -1.73
N GLY C 261 -10.81 -8.34 -0.52
CA GLY C 261 -11.91 -9.22 -0.08
C GLY C 261 -11.63 -10.66 -0.46
N ILE C 262 -10.37 -11.07 -0.53
CA ILE C 262 -9.94 -12.45 -0.88
C ILE C 262 -9.11 -13.00 0.28
N GLN C 263 -9.55 -14.09 0.90
CA GLN C 263 -8.75 -14.76 1.95
C GLN C 263 -7.47 -15.24 1.27
N PRO C 264 -6.27 -14.87 1.76
CA PRO C 264 -5.04 -15.27 1.11
C PRO C 264 -4.79 -16.77 1.31
N ILE C 265 -3.79 -17.32 0.62
CA ILE C 265 -3.31 -18.70 0.90
C ILE C 265 -2.52 -18.64 2.21
N PRO C 266 -2.52 -19.73 3.02
CA PRO C 266 -1.90 -19.69 4.35
C PRO C 266 -0.46 -19.14 4.39
N MET C 267 0.31 -19.42 3.33
CA MET C 267 1.71 -18.96 3.11
C MET C 267 1.79 -17.43 3.30
N MET C 268 0.75 -16.71 2.91
CA MET C 268 0.76 -15.22 2.87
C MET C 268 -0.10 -14.63 3.99
N ASP C 269 -0.62 -15.47 4.88
CA ASP C 269 -1.47 -15.03 6.02
C ASP C 269 -0.59 -14.84 7.25
N ARG C 270 -0.40 -13.60 7.70
CA ARG C 270 0.43 -13.34 8.91
C ARG C 270 -0.24 -13.94 10.16
N ASP C 271 -1.54 -14.25 10.13
CA ASP C 271 -2.23 -14.88 11.30
C ASP C 271 -1.92 -16.38 11.37
N LYS C 272 -1.24 -16.94 10.36
CA LYS C 272 -0.91 -18.39 10.27
C LYS C 272 0.61 -18.60 10.25
N LYS C 273 1.37 -17.79 10.99
CA LYS C 273 2.85 -17.88 11.10
C LYS C 273 3.29 -19.24 11.67
N ASP C 274 2.48 -19.84 12.53
CA ASP C 274 2.79 -21.11 13.25
C ASP C 274 2.97 -22.24 12.24
N GLU C 275 2.33 -22.15 11.06
CA GLU C 275 2.39 -23.19 9.99
C GLU C 275 3.59 -22.95 9.06
N VAL C 276 4.45 -21.95 9.31
CA VAL C 276 5.57 -21.58 8.40
C VAL C 276 6.52 -22.77 8.27
N PRO C 277 7.04 -23.35 9.37
CA PRO C 277 7.97 -24.49 9.26
C PRO C 277 7.44 -25.62 8.37
N GLN C 278 6.17 -26.00 8.55
CA GLN C 278 5.48 -27.00 7.73
C GLN C 278 5.46 -26.54 6.27
N GLY C 279 5.26 -25.24 6.07
CA GLY C 279 5.17 -24.60 4.75
C GLY C 279 6.49 -24.70 4.01
N GLN C 280 7.59 -24.43 4.71
CA GLN C 280 8.97 -24.54 4.16
C GLN C 280 9.22 -26.00 3.77
N LEU C 281 8.96 -26.95 4.68
CA LEU C 281 9.06 -28.41 4.39
C LEU C 281 8.43 -28.69 3.03
N GLY C 282 7.15 -28.33 2.89
CA GLY C 282 6.36 -28.53 1.66
C GLY C 282 7.03 -27.88 0.46
N PHE C 283 7.58 -26.67 0.61
CA PHE C 283 8.25 -25.97 -0.51
C PHE C 283 9.52 -26.72 -0.90
N TYR C 284 10.32 -27.16 0.08
CA TYR C 284 11.59 -27.86 -0.19
C TYR C 284 11.31 -29.19 -0.92
N ASN C 285 10.29 -29.92 -0.46
CA ASN C 285 9.89 -31.25 -1.01
C ASN C 285 9.34 -31.08 -2.43
N ALA C 286 8.44 -30.13 -2.65
CA ALA C 286 7.70 -29.95 -3.92
C ALA C 286 8.49 -29.12 -4.95
N VAL C 287 9.39 -28.22 -4.53
CA VAL C 287 10.05 -27.26 -5.48
C VAL C 287 11.57 -27.39 -5.41
N ALA C 288 12.17 -27.02 -4.29
CA ALA C 288 13.62 -26.78 -4.18
C ALA C 288 14.41 -28.08 -4.41
N ILE C 289 14.07 -29.15 -3.70
CA ILE C 289 14.83 -30.43 -3.78
C ILE C 289 14.76 -30.95 -5.22
N PRO C 290 13.59 -31.09 -5.87
CA PRO C 290 13.56 -31.57 -7.25
C PRO C 290 14.38 -30.69 -8.21
N CYS C 291 14.33 -29.37 -8.01
CA CYS C 291 15.06 -28.38 -8.85
C CYS C 291 16.56 -28.66 -8.79
N TYR C 292 17.14 -28.68 -7.59
CA TYR C 292 18.59 -28.93 -7.38
C TYR C 292 18.94 -30.39 -7.72
N THR C 293 18.00 -31.33 -7.58
CA THR C 293 18.24 -32.76 -7.93
C THR C 293 18.48 -32.86 -9.45
N THR C 294 17.55 -32.34 -10.24
CA THR C 294 17.61 -32.33 -11.73
C THR C 294 18.86 -31.55 -12.16
N LEU C 295 19.14 -30.41 -11.53
CA LEU C 295 20.33 -29.58 -11.90
C LEU C 295 21.62 -30.36 -11.65
N THR C 296 21.71 -31.09 -10.54
CA THR C 296 22.92 -31.90 -10.22
C THR C 296 23.07 -33.03 -11.24
N GLN C 297 21.98 -33.62 -11.70
CA GLN C 297 22.01 -34.69 -12.73
C GLN C 297 22.62 -34.14 -14.02
N ILE C 298 22.20 -32.96 -14.45
CA ILE C 298 22.65 -32.38 -15.75
C ILE C 298 24.03 -31.75 -15.57
N LEU C 299 24.27 -31.08 -14.43
CA LEU C 299 25.55 -30.38 -14.14
C LEU C 299 26.06 -30.86 -12.80
N PRO C 300 26.78 -32.00 -12.75
CA PRO C 300 27.27 -32.56 -11.48
C PRO C 300 28.06 -31.62 -10.57
N PRO C 301 28.88 -30.67 -11.09
CA PRO C 301 29.56 -29.73 -10.20
C PRO C 301 28.64 -28.74 -9.43
N THR C 302 27.33 -28.77 -9.63
CA THR C 302 26.34 -27.93 -8.88
C THR C 302 25.88 -28.65 -7.63
N GLU C 303 26.41 -29.85 -7.38
CA GLU C 303 26.07 -30.74 -6.23
C GLU C 303 26.00 -29.95 -4.92
N PRO C 304 26.97 -29.07 -4.59
CA PRO C 304 26.89 -28.31 -3.34
C PRO C 304 25.55 -27.60 -3.09
N LEU C 305 24.86 -27.13 -4.14
CA LEU C 305 23.54 -26.47 -3.99
C LEU C 305 22.55 -27.49 -3.45
N LEU C 306 22.55 -28.71 -4.00
CA LEU C 306 21.63 -29.78 -3.57
C LEU C 306 21.94 -30.16 -2.12
N LYS C 307 23.21 -30.36 -1.78
CA LYS C 307 23.62 -30.77 -0.41
C LYS C 307 23.15 -29.70 0.59
N ALA C 308 23.38 -28.43 0.28
CA ALA C 308 23.05 -27.30 1.18
C ALA C 308 21.53 -27.24 1.38
N CYS C 309 20.78 -27.44 0.30
CA CYS C 309 19.31 -27.45 0.31
C CYS C 309 18.84 -28.60 1.22
N ARG C 310 19.44 -29.79 1.11
CA ARG C 310 19.10 -30.95 1.97
CA ARG C 310 19.13 -30.97 1.97
C ARG C 310 19.42 -30.62 3.43
N ASP C 311 20.57 -30.00 3.70
CA ASP C 311 20.91 -29.58 5.09
C ASP C 311 19.82 -28.65 5.65
N ASN C 312 19.35 -27.68 4.85
CA ASN C 312 18.35 -26.68 5.30
C ASN C 312 16.99 -27.37 5.51
N LEU C 313 16.62 -28.33 4.65
CA LEU C 313 15.42 -29.19 4.80
C LEU C 313 15.49 -29.92 6.17
N SER C 314 16.65 -30.46 6.52
CA SER C 314 16.93 -31.12 7.82
C SER C 314 16.76 -30.12 8.98
N GLN C 315 17.19 -28.87 8.81
CA GLN C 315 17.03 -27.79 9.83
C GLN C 315 15.55 -27.46 10.02
N TRP C 316 14.75 -27.39 8.96
CA TRP C 316 13.29 -27.08 9.07
C TRP C 316 12.56 -28.23 9.76
N GLU C 317 13.02 -29.48 9.58
CA GLU C 317 12.43 -30.66 10.26
C GLU C 317 12.70 -30.55 11.77
N LYS C 318 13.90 -30.11 12.16
CA LYS C 318 14.29 -29.88 13.58
C LYS C 318 13.40 -28.79 14.20
N VAL C 319 13.14 -27.71 13.47
CA VAL C 319 12.25 -26.60 13.93
C VAL C 319 10.84 -27.18 14.14
N ILE C 320 10.36 -28.03 13.23
CA ILE C 320 8.98 -28.62 13.29
C ILE C 320 8.87 -29.51 14.53
N ARG C 321 9.97 -30.16 14.95
CA ARG C 321 10.00 -31.07 16.12
C ARG C 321 10.32 -30.29 17.41
N GLY C 322 10.33 -28.95 17.37
CA GLY C 322 10.52 -28.09 18.55
C GLY C 322 11.95 -28.09 19.08
N GLU C 323 12.94 -28.52 18.27
CA GLU C 323 14.39 -28.50 18.61
C GLU C 323 15.02 -27.16 18.21
N GLU C 324 14.24 -26.28 17.59
CA GLU C 324 14.59 -24.87 17.29
C GLU C 324 13.34 -24.12 16.83
N LEU D 13 -29.64 -25.49 -40.85
CA LEU D 13 -28.77 -24.44 -41.47
C LEU D 13 -29.60 -23.16 -41.72
N MET D 14 -30.71 -23.00 -41.00
CA MET D 14 -31.69 -21.90 -41.18
C MET D 14 -31.58 -20.94 -39.99
N GLN D 15 -30.86 -19.83 -40.16
CA GLN D 15 -30.54 -18.88 -39.05
C GLN D 15 -31.29 -17.56 -39.27
N PHE D 16 -31.70 -16.92 -38.19
CA PHE D 16 -32.36 -15.59 -38.23
C PHE D 16 -31.27 -14.53 -38.35
N THR D 17 -31.56 -13.49 -39.13
CA THR D 17 -30.73 -12.27 -39.28
C THR D 17 -31.64 -11.07 -39.01
N LEU D 18 -31.12 -10.04 -38.34
CA LEU D 18 -31.85 -8.77 -38.12
C LEU D 18 -31.35 -7.75 -39.12
N PRO D 19 -32.09 -6.66 -39.35
CA PRO D 19 -31.55 -5.52 -40.08
C PRO D 19 -30.34 -4.94 -39.35
N VAL D 20 -29.41 -4.38 -40.12
CA VAL D 20 -28.09 -3.87 -39.62
C VAL D 20 -28.31 -3.21 -38.26
N ARG D 21 -29.16 -2.18 -38.14
CA ARG D 21 -29.24 -1.37 -36.90
C ARG D 21 -29.57 -2.30 -35.72
N LEU D 22 -30.53 -3.21 -35.89
CA LEU D 22 -30.98 -4.14 -34.80
C LEU D 22 -29.84 -5.10 -34.47
N CYS D 23 -29.29 -5.77 -35.48
CA CYS D 23 -28.10 -6.66 -35.40
C CYS D 23 -27.03 -6.01 -34.52
N LYS D 24 -26.69 -4.73 -34.78
CA LYS D 24 -25.65 -4.00 -34.03
C LYS D 24 -26.16 -3.59 -32.64
N GLU D 25 -27.37 -3.01 -32.52
CA GLU D 25 -27.82 -2.36 -31.26
C GLU D 25 -28.34 -3.41 -30.26
N ILE D 26 -28.68 -4.62 -30.73
CA ILE D 26 -29.26 -5.69 -29.85
C ILE D 26 -28.20 -6.13 -28.84
N GLU D 27 -26.93 -5.93 -29.15
CA GLU D 27 -25.80 -6.28 -28.24
C GLU D 27 -25.71 -5.26 -27.11
N LEU D 28 -26.32 -4.08 -27.24
CA LEU D 28 -26.30 -3.04 -26.18
C LEU D 28 -27.35 -3.38 -25.10
N PHE D 29 -27.01 -3.26 -23.81
CA PHE D 29 -27.93 -3.50 -22.67
C PHE D 29 -29.21 -2.66 -22.82
N HIS D 30 -29.11 -1.40 -23.29
CA HIS D 30 -30.25 -0.44 -23.33
C HIS D 30 -31.09 -0.62 -24.61
N PHE D 31 -30.78 -1.59 -25.46
CA PHE D 31 -31.58 -1.88 -26.66
C PHE D 31 -33.08 -1.89 -26.32
N ASP D 32 -33.88 -1.31 -27.22
CA ASP D 32 -35.37 -1.33 -27.17
C ASP D 32 -35.80 -2.19 -28.36
N ILE D 33 -36.69 -3.16 -28.13
CA ILE D 33 -37.10 -4.16 -29.16
C ILE D 33 -38.08 -3.53 -30.17
N GLY D 34 -38.54 -2.30 -29.92
CA GLY D 34 -39.31 -1.52 -30.90
C GLY D 34 -40.79 -1.88 -30.88
N PRO D 35 -41.64 -1.17 -31.67
CA PRO D 35 -43.09 -1.31 -31.59
C PRO D 35 -43.73 -2.29 -32.59
N PHE D 36 -42.93 -3.04 -33.33
CA PHE D 36 -43.42 -4.06 -34.30
C PHE D 36 -43.48 -5.43 -33.61
N GLU D 37 -44.64 -5.74 -33.02
CA GLU D 37 -44.96 -7.03 -32.35
C GLU D 37 -44.48 -8.20 -33.20
N ASN D 38 -44.73 -8.18 -34.51
CA ASN D 38 -44.51 -9.35 -35.41
C ASN D 38 -43.01 -9.65 -35.55
N MET D 39 -42.11 -8.76 -35.14
CA MET D 39 -40.64 -8.98 -35.20
C MET D 39 -40.10 -9.57 -33.88
N TRP D 40 -40.85 -9.54 -32.78
CA TRP D 40 -40.34 -9.93 -31.44
C TRP D 40 -40.02 -11.43 -31.39
N PRO D 41 -40.86 -12.35 -31.93
CA PRO D 41 -40.50 -13.77 -31.97
C PRO D 41 -39.14 -14.01 -32.65
N GLY D 42 -38.92 -13.43 -33.82
CA GLY D 42 -37.65 -13.56 -34.57
C GLY D 42 -36.47 -12.99 -33.79
N ILE D 43 -36.70 -11.88 -33.06
CA ILE D 43 -35.67 -11.27 -32.17
C ILE D 43 -35.33 -12.27 -31.06
N PHE D 44 -36.33 -12.95 -30.52
CA PHE D 44 -36.13 -13.95 -29.44
C PHE D 44 -35.34 -15.14 -30.00
N VAL D 45 -35.71 -15.65 -31.17
CA VAL D 45 -35.00 -16.81 -31.78
C VAL D 45 -33.55 -16.41 -32.05
N TYR D 46 -33.33 -15.23 -32.64
CA TYR D 46 -31.98 -14.70 -32.95
C TYR D 46 -31.11 -14.78 -31.70
N MET D 47 -31.65 -14.29 -30.57
CA MET D 47 -30.92 -14.22 -29.27
C MET D 47 -30.63 -15.65 -28.79
N VAL D 48 -31.60 -16.56 -28.95
CA VAL D 48 -31.47 -17.98 -28.49
C VAL D 48 -30.39 -18.67 -29.33
N HIS D 49 -30.29 -18.38 -30.62
CA HIS D 49 -29.26 -18.97 -31.52
C HIS D 49 -27.86 -18.51 -31.12
N ARG D 50 -27.65 -17.20 -30.92
CA ARG D 50 -26.32 -16.62 -30.58
C ARG D 50 -25.94 -16.96 -29.13
N SER D 51 -26.93 -17.06 -28.24
CA SER D 51 -26.73 -17.17 -26.77
C SER D 51 -26.50 -18.64 -26.38
N CYS D 52 -27.24 -19.53 -27.02
CA CYS D 52 -27.34 -20.97 -26.68
C CYS D 52 -26.63 -21.79 -27.75
N GLY D 53 -26.95 -21.54 -29.02
CA GLY D 53 -26.47 -22.29 -30.20
C GLY D 53 -27.62 -22.60 -31.15
N THR D 54 -27.31 -22.86 -32.42
CA THR D 54 -28.30 -23.05 -33.51
C THR D 54 -29.10 -24.34 -33.29
N SER D 55 -28.53 -25.30 -32.55
CA SER D 55 -29.05 -26.68 -32.36
C SER D 55 -29.61 -26.88 -30.94
N CYS D 56 -29.57 -25.86 -30.08
CA CYS D 56 -30.14 -25.93 -28.71
C CYS D 56 -31.58 -26.45 -28.76
N PHE D 57 -32.38 -25.93 -29.69
CA PHE D 57 -33.82 -26.27 -29.81
C PHE D 57 -34.10 -26.64 -31.26
N GLU D 58 -35.07 -27.52 -31.47
CA GLU D 58 -35.70 -27.79 -32.78
C GLU D 58 -36.54 -26.56 -33.13
N LEU D 59 -36.26 -25.94 -34.27
CA LEU D 59 -36.83 -24.62 -34.66
C LEU D 59 -38.36 -24.64 -34.66
N GLU D 60 -38.98 -25.72 -35.15
CA GLU D 60 -40.47 -25.85 -35.26
C GLU D 60 -41.09 -25.92 -33.86
N LYS D 61 -40.53 -26.71 -32.95
CA LYS D 61 -40.99 -26.81 -31.53
C LYS D 61 -40.83 -25.45 -30.86
N LEU D 62 -39.64 -24.82 -31.02
CA LEU D 62 -39.33 -23.48 -30.45
C LEU D 62 -40.36 -22.48 -30.96
N CME D 63 -40.58 -22.41 -32.27
CA CME D 63 -41.50 -21.45 -32.91
CB CME D 63 -41.44 -21.49 -34.43
SG CME D 63 -40.05 -20.55 -35.17
SD CME D 63 -40.32 -18.63 -34.56
CE CME D 63 -41.75 -18.04 -35.52
CZ CME D 63 -41.40 -16.84 -36.36
OH CME D 63 -42.49 -16.44 -37.16
C CME D 63 -42.91 -21.64 -32.34
O CME D 63 -43.52 -20.63 -31.95
N ARG D 64 -43.40 -22.87 -32.23
CA ARG D 64 -44.78 -23.09 -31.72
C ARG D 64 -44.80 -22.86 -30.20
N PHE D 65 -43.72 -23.14 -29.49
CA PHE D 65 -43.58 -22.79 -28.04
C PHE D 65 -43.79 -21.28 -27.85
N ILE D 66 -43.03 -20.48 -28.60
CA ILE D 66 -43.03 -18.99 -28.53
C ILE D 66 -44.45 -18.43 -28.77
N MET D 67 -45.18 -18.99 -29.74
CA MET D 67 -46.52 -18.47 -30.13
C MET D 67 -47.57 -18.87 -29.09
N SER D 68 -47.42 -20.01 -28.42
CA SER D 68 -48.28 -20.41 -27.28
C SER D 68 -47.98 -19.51 -26.06
N VAL D 69 -46.72 -19.20 -25.82
CA VAL D 69 -46.31 -18.29 -24.71
C VAL D 69 -47.00 -16.94 -24.95
N LYS D 70 -46.77 -16.35 -26.12
CA LYS D 70 -47.35 -15.06 -26.57
C LYS D 70 -48.86 -15.05 -26.33
N LYS D 71 -49.54 -16.12 -26.76
CA LYS D 71 -51.02 -16.21 -26.69
C LYS D 71 -51.44 -16.23 -25.21
N ASN D 72 -50.58 -16.65 -24.28
CA ASN D 72 -50.92 -16.76 -22.84
C ASN D 72 -50.43 -15.55 -22.04
N TYR D 73 -49.92 -14.51 -22.71
CA TYR D 73 -49.77 -13.14 -22.15
C TYR D 73 -51.01 -12.33 -22.51
N ARG D 74 -51.49 -11.49 -21.59
CA ARG D 74 -52.73 -10.70 -21.76
C ARG D 74 -52.41 -9.30 -22.27
N ARG D 75 -53.44 -8.60 -22.73
CA ARG D 75 -53.35 -7.22 -23.28
C ARG D 75 -53.47 -6.26 -22.08
N VAL D 76 -52.45 -6.26 -21.23
CA VAL D 76 -52.36 -5.35 -20.06
C VAL D 76 -51.35 -4.26 -20.42
N PRO D 77 -51.38 -3.10 -19.75
CA PRO D 77 -50.50 -1.99 -20.12
C PRO D 77 -48.99 -2.29 -20.00
N TYR D 78 -48.57 -3.14 -19.04
CA TYR D 78 -47.14 -3.36 -18.77
C TYR D 78 -46.77 -4.86 -18.71
N HIS D 79 -47.47 -5.70 -17.95
CA HIS D 79 -47.04 -7.12 -17.76
C HIS D 79 -47.49 -7.95 -18.97
N ASN D 80 -46.96 -7.62 -20.13
CA ASN D 80 -47.48 -8.10 -21.44
C ASN D 80 -46.33 -8.77 -22.19
N TRP D 81 -46.63 -9.24 -23.40
CA TRP D 81 -45.69 -9.96 -24.30
C TRP D 81 -44.43 -9.13 -24.54
N LYS D 82 -44.55 -7.81 -24.61
CA LYS D 82 -43.41 -6.90 -24.87
C LYS D 82 -42.44 -6.93 -23.68
N HIS D 83 -42.96 -6.88 -22.45
CA HIS D 83 -42.17 -7.02 -21.20
C HIS D 83 -41.45 -8.38 -21.19
N ALA D 84 -42.09 -9.46 -21.64
CA ALA D 84 -41.49 -10.81 -21.68
C ALA D 84 -40.22 -10.79 -22.55
N VAL D 85 -40.29 -10.23 -23.75
CA VAL D 85 -39.15 -10.28 -24.73
C VAL D 85 -38.07 -9.30 -24.26
N THR D 86 -38.47 -8.13 -23.75
CA THR D 86 -37.56 -7.12 -23.16
C THR D 86 -36.71 -7.77 -22.07
N VAL D 87 -37.33 -8.46 -21.11
CA VAL D 87 -36.62 -9.13 -19.99
C VAL D 87 -35.67 -10.21 -20.57
N ALA D 88 -36.12 -11.00 -21.53
CA ALA D 88 -35.28 -11.99 -22.23
C ALA D 88 -34.08 -11.30 -22.90
N HIS D 89 -34.29 -10.14 -23.51
CA HIS D 89 -33.20 -9.39 -24.18
C HIS D 89 -32.11 -8.99 -23.16
N CYS D 90 -32.50 -8.49 -21.99
CA CYS D 90 -31.56 -8.09 -20.90
C CYS D 90 -30.74 -9.33 -20.48
N MET D 91 -31.40 -10.48 -20.33
CA MET D 91 -30.72 -11.75 -19.97
C MET D 91 -29.76 -12.12 -21.10
N TYR D 92 -30.20 -11.97 -22.35
CA TYR D 92 -29.35 -12.20 -23.54
C TYR D 92 -28.05 -11.40 -23.38
N ALA D 93 -28.17 -10.09 -23.14
CA ALA D 93 -27.04 -9.15 -22.97
C ALA D 93 -26.14 -9.64 -21.83
N ILE D 94 -26.70 -9.96 -20.67
CA ILE D 94 -25.91 -10.50 -19.52
C ILE D 94 -25.14 -11.73 -19.99
N LEU D 95 -25.82 -12.69 -20.63
CA LEU D 95 -25.19 -13.98 -21.01
C LEU D 95 -24.08 -13.75 -22.05
N GLN D 96 -24.28 -12.89 -23.04
CA GLN D 96 -23.25 -12.69 -24.10
C GLN D 96 -22.00 -12.08 -23.48
N ASN D 97 -22.15 -11.24 -22.45
CA ASN D 97 -21.04 -10.42 -21.88
C ASN D 97 -20.40 -11.16 -20.70
N ASN D 98 -20.90 -12.35 -20.37
CA ASN D 98 -20.39 -13.23 -19.28
C ASN D 98 -20.44 -14.68 -19.75
N HIS D 99 -20.08 -14.97 -21.01
CA HIS D 99 -20.42 -16.24 -21.70
C HIS D 99 -19.70 -17.44 -21.09
N THR D 100 -18.51 -17.27 -20.52
CA THR D 100 -17.70 -18.36 -19.91
C THR D 100 -18.23 -18.76 -18.53
N LEU D 101 -19.12 -17.98 -17.91
CA LEU D 101 -19.56 -18.19 -16.50
C LEU D 101 -20.73 -19.18 -16.39
N PHE D 102 -21.51 -19.44 -17.45
CA PHE D 102 -22.79 -20.21 -17.37
C PHE D 102 -22.70 -21.54 -18.10
N THR D 103 -23.33 -22.57 -17.53
CA THR D 103 -23.41 -23.94 -18.09
C THR D 103 -24.33 -23.93 -19.30
N ASP D 104 -24.33 -25.02 -20.07
CA ASP D 104 -25.14 -25.21 -21.31
C ASP D 104 -26.64 -25.20 -20.95
N LEU D 105 -27.02 -25.84 -19.84
CA LEU D 105 -28.43 -25.92 -19.34
C LEU D 105 -28.90 -24.54 -18.85
N GLU D 106 -28.04 -23.78 -18.16
CA GLU D 106 -28.37 -22.41 -17.71
C GLU D 106 -28.67 -21.54 -18.93
N ARG D 107 -27.87 -21.64 -19.99
CA ARG D 107 -28.09 -20.85 -21.23
C ARG D 107 -29.48 -21.20 -21.80
N LYS D 108 -29.76 -22.48 -22.05
CA LYS D 108 -31.08 -22.99 -22.52
C LYS D 108 -32.20 -22.45 -21.62
N GLY D 109 -32.08 -22.66 -20.31
CA GLY D 109 -33.16 -22.43 -19.32
C GLY D 109 -33.49 -20.96 -19.09
N LEU D 110 -32.50 -20.07 -19.04
CA LEU D 110 -32.69 -18.69 -18.50
C LEU D 110 -33.43 -17.79 -19.50
N LEU D 111 -33.14 -17.89 -20.79
CA LEU D 111 -33.90 -17.18 -21.86
C LEU D 111 -35.36 -17.63 -21.84
N ILE D 112 -35.61 -18.94 -21.74
CA ILE D 112 -37.00 -19.49 -21.63
C ILE D 112 -37.62 -18.94 -20.33
N ALA D 113 -36.88 -18.97 -19.23
CA ALA D 113 -37.40 -18.50 -17.92
C ALA D 113 -37.86 -17.05 -18.06
N CYS D 114 -37.05 -16.21 -18.73
CA CYS D 114 -37.35 -14.76 -18.90
C CYS D 114 -38.59 -14.61 -19.79
N LEU D 115 -38.70 -15.40 -20.86
CA LEU D 115 -39.86 -15.28 -21.80
C LEU D 115 -41.15 -15.66 -21.08
N CYS D 116 -41.08 -16.62 -20.15
CA CYS D 116 -42.26 -17.19 -19.46
C CYS D 116 -42.51 -16.54 -18.08
N HIS D 117 -41.63 -15.67 -17.59
CA HIS D 117 -41.57 -15.29 -16.14
C HIS D 117 -42.85 -14.58 -15.66
N ASP D 118 -43.66 -14.00 -16.56
CA ASP D 118 -44.91 -13.30 -16.17
C ASP D 118 -46.13 -13.88 -16.91
N LEU D 119 -46.09 -15.15 -17.32
CA LEU D 119 -47.21 -15.79 -18.09
C LEU D 119 -48.55 -15.62 -17.37
N ASP D 120 -49.55 -15.11 -18.10
CA ASP D 120 -50.96 -14.99 -17.67
C ASP D 120 -51.08 -13.97 -16.53
N HIS D 121 -50.22 -12.96 -16.52
CA HIS D 121 -50.30 -11.83 -15.56
C HIS D 121 -51.57 -11.04 -15.87
N ARG D 122 -52.30 -10.61 -14.83
CA ARG D 122 -53.58 -9.85 -14.93
C ARG D 122 -53.33 -8.36 -14.69
N GLY D 123 -52.09 -7.98 -14.38
CA GLY D 123 -51.71 -6.59 -14.07
C GLY D 123 -51.90 -6.27 -12.60
N PHE D 124 -52.03 -7.30 -11.76
CA PHE D 124 -52.29 -7.17 -10.30
C PHE D 124 -51.17 -7.87 -9.53
N SER D 125 -50.72 -7.21 -8.46
CA SER D 125 -49.70 -7.68 -7.48
C SER D 125 -50.26 -8.85 -6.66
N ASN D 126 -49.36 -9.63 -6.07
CA ASN D 126 -49.67 -10.69 -5.08
C ASN D 126 -50.55 -10.12 -3.97
N SER D 127 -50.25 -8.91 -3.47
CA SER D 127 -50.99 -8.24 -2.37
C SER D 127 -52.47 -8.17 -2.75
N TYR D 128 -52.76 -7.70 -3.96
CA TYR D 128 -54.16 -7.46 -4.40
C TYR D 128 -54.90 -8.81 -4.46
N LEU D 129 -54.28 -9.84 -5.06
CA LEU D 129 -54.90 -11.19 -5.16
C LEU D 129 -55.27 -11.65 -3.74
N GLN D 130 -54.38 -11.42 -2.78
CA GLN D 130 -54.56 -11.84 -1.37
C GLN D 130 -55.74 -11.07 -0.77
N LYS D 131 -55.84 -9.77 -1.01
CA LYS D 131 -56.89 -8.91 -0.40
C LYS D 131 -58.23 -9.14 -1.09
N PHE D 132 -58.20 -9.43 -2.39
CA PHE D 132 -59.40 -9.79 -3.18
C PHE D 132 -59.91 -11.17 -2.72
N ASP D 133 -59.00 -12.02 -2.27
CA ASP D 133 -59.25 -13.42 -1.88
C ASP D 133 -59.36 -14.24 -3.16
N HIS D 134 -58.47 -13.95 -4.12
CA HIS D 134 -58.45 -14.65 -5.43
C HIS D 134 -58.14 -16.13 -5.20
N PRO D 135 -58.80 -17.05 -5.93
CA PRO D 135 -58.49 -18.49 -5.84
C PRO D 135 -56.99 -18.80 -5.90
N LEU D 136 -56.22 -18.09 -6.72
CA LEU D 136 -54.75 -18.31 -6.83
C LEU D 136 -54.06 -18.07 -5.48
N ALA D 137 -54.56 -17.15 -4.64
CA ALA D 137 -53.95 -16.83 -3.32
C ALA D 137 -54.19 -18.00 -2.34
N ALA D 138 -55.24 -18.80 -2.55
CA ALA D 138 -55.51 -20.03 -1.75
C ALA D 138 -54.56 -21.14 -2.20
N LEU D 139 -54.29 -21.25 -3.50
CA LEU D 139 -53.49 -22.33 -4.10
C LEU D 139 -52.00 -22.10 -3.82
N TYR D 140 -51.57 -20.82 -3.75
CA TYR D 140 -50.16 -20.36 -3.64
C TYR D 140 -50.08 -19.22 -2.63
N SER D 141 -49.72 -19.52 -1.38
CA SER D 141 -49.77 -18.58 -0.22
C SER D 141 -48.67 -17.51 -0.32
N THR D 142 -47.51 -17.85 -0.90
CA THR D 142 -46.41 -16.89 -1.18
C THR D 142 -45.98 -16.97 -2.65
N SER D 143 -45.43 -15.86 -3.16
CA SER D 143 -45.02 -15.69 -4.57
C SER D 143 -46.18 -16.16 -5.47
N THR D 144 -47.39 -15.69 -5.15
CA THR D 144 -48.67 -16.21 -5.72
C THR D 144 -48.58 -16.21 -7.24
N MET D 145 -48.41 -15.04 -7.85
CA MET D 145 -48.39 -14.89 -9.33
C MET D 145 -47.20 -15.70 -9.89
N GLU D 146 -46.06 -15.72 -9.20
CA GLU D 146 -44.81 -16.36 -9.71
C GLU D 146 -44.98 -17.88 -9.78
N GLN D 147 -45.67 -18.48 -8.81
CA GLN D 147 -45.94 -19.94 -8.86
C GLN D 147 -46.91 -20.19 -10.02
N HIS D 148 -47.89 -19.30 -10.22
CA HIS D 148 -48.81 -19.39 -11.38
C HIS D 148 -48.00 -19.33 -12.68
N HIS D 149 -47.06 -18.39 -12.80
CA HIS D 149 -46.23 -18.21 -14.03
C HIS D 149 -45.52 -19.53 -14.35
N PHE D 150 -44.92 -20.15 -13.34
CA PHE D 150 -44.16 -21.40 -13.54
C PHE D 150 -45.12 -22.52 -13.95
N SER D 151 -46.31 -22.59 -13.33
CA SER D 151 -47.34 -23.60 -13.63
C SER D 151 -47.75 -23.49 -15.10
N GLN D 152 -48.01 -22.25 -15.56
CA GLN D 152 -48.37 -21.95 -16.97
C GLN D 152 -47.24 -22.42 -17.90
N THR D 153 -45.99 -22.21 -17.49
CA THR D 153 -44.79 -22.61 -18.26
C THR D 153 -44.81 -24.13 -18.47
N VAL D 154 -45.10 -24.90 -17.41
CA VAL D 154 -45.13 -26.40 -17.47
C VAL D 154 -46.27 -26.81 -18.41
N SER D 155 -47.46 -26.23 -18.22
CA SER D 155 -48.65 -26.52 -19.06
C SER D 155 -48.28 -26.41 -20.54
N ILE D 156 -47.65 -25.30 -20.93
CA ILE D 156 -47.31 -25.02 -22.36
C ILE D 156 -46.25 -26.04 -22.81
N LEU D 157 -45.28 -26.38 -21.96
CA LEU D 157 -44.17 -27.32 -22.32
C LEU D 157 -44.75 -28.73 -22.57
N GLN D 158 -45.91 -29.04 -21.98
CA GLN D 158 -46.54 -30.37 -22.05
C GLN D 158 -47.60 -30.41 -23.17
N LEU D 159 -47.89 -29.26 -23.78
CA LEU D 159 -48.74 -29.17 -25.01
C LEU D 159 -48.07 -30.01 -26.11
N GLU D 160 -48.88 -30.66 -26.95
CA GLU D 160 -48.37 -31.52 -28.05
C GLU D 160 -47.46 -30.71 -28.97
N GLY D 161 -46.26 -31.22 -29.23
CA GLY D 161 -45.26 -30.63 -30.14
C GLY D 161 -44.56 -29.40 -29.56
N HIS D 162 -44.72 -29.11 -28.26
CA HIS D 162 -44.18 -27.88 -27.61
C HIS D 162 -42.97 -28.18 -26.72
N ASN D 163 -42.56 -29.44 -26.55
CA ASN D 163 -41.47 -29.75 -25.60
C ASN D 163 -40.11 -29.53 -26.27
N ILE D 164 -39.59 -28.31 -26.10
CA ILE D 164 -38.29 -27.83 -26.65
C ILE D 164 -37.13 -28.48 -25.91
N PHE D 165 -37.38 -29.21 -24.82
CA PHE D 165 -36.33 -29.93 -24.04
C PHE D 165 -36.42 -31.45 -24.25
N SER D 166 -37.05 -31.90 -25.34
CA SER D 166 -37.31 -33.34 -25.60
C SER D 166 -35.99 -34.11 -25.81
N THR D 167 -34.94 -33.48 -26.37
CA THR D 167 -33.63 -34.13 -26.63
C THR D 167 -32.74 -34.16 -25.38
N LEU D 168 -33.14 -33.53 -24.27
CA LEU D 168 -32.37 -33.57 -23.00
C LEU D 168 -32.63 -34.93 -22.33
N SER D 169 -31.65 -35.46 -21.58
CA SER D 169 -31.84 -36.61 -20.67
C SER D 169 -32.96 -36.26 -19.67
N SER D 170 -33.52 -37.27 -18.99
CA SER D 170 -34.56 -37.10 -17.94
C SER D 170 -33.97 -36.30 -16.75
N SER D 171 -32.67 -36.44 -16.49
CA SER D 171 -31.96 -35.74 -15.40
C SER D 171 -31.72 -34.27 -15.77
N GLU D 172 -31.23 -34.04 -16.98
CA GLU D 172 -30.95 -32.69 -17.54
C GLU D 172 -32.27 -31.93 -17.65
N TYR D 173 -33.35 -32.63 -18.03
CA TYR D 173 -34.71 -32.06 -18.17
C TYR D 173 -35.16 -31.52 -16.81
N GLU D 174 -35.14 -32.34 -15.76
CA GLU D 174 -35.65 -31.92 -14.45
C GLU D 174 -34.72 -30.84 -13.86
N GLN D 175 -33.47 -30.82 -14.31
CA GLN D 175 -32.46 -29.80 -13.91
C GLN D 175 -32.79 -28.46 -14.56
N VAL D 176 -33.08 -28.42 -15.86
CA VAL D 176 -33.37 -27.15 -16.58
C VAL D 176 -34.73 -26.63 -16.06
N LEU D 177 -35.68 -27.52 -15.77
CA LEU D 177 -37.02 -27.11 -15.24
C LEU D 177 -36.83 -26.47 -13.86
N GLU D 178 -35.88 -27.00 -13.08
CA GLU D 178 -35.53 -26.46 -11.73
C GLU D 178 -34.86 -25.08 -11.85
N ILE D 179 -33.95 -24.88 -12.79
CA ILE D 179 -33.37 -23.55 -13.14
C ILE D 179 -34.53 -22.59 -13.41
N ILE D 180 -35.48 -23.02 -14.26
CA ILE D 180 -36.57 -22.12 -14.75
C ILE D 180 -37.44 -21.76 -13.55
N ARG D 181 -37.75 -22.75 -12.71
CA ARG D 181 -38.62 -22.58 -11.51
C ARG D 181 -37.99 -21.55 -10.57
N LYS D 182 -36.72 -21.70 -10.23
CA LYS D 182 -36.02 -20.82 -9.25
C LYS D 182 -35.94 -19.41 -9.85
N ALA D 183 -35.58 -19.32 -11.14
CA ALA D 183 -35.47 -18.05 -11.89
C ALA D 183 -36.81 -17.31 -11.82
N ILE D 184 -37.94 -17.97 -12.12
CA ILE D 184 -39.28 -17.32 -12.18
C ILE D 184 -39.69 -16.90 -10.78
N ILE D 185 -39.53 -17.77 -9.79
CA ILE D 185 -39.86 -17.45 -8.37
C ILE D 185 -39.02 -16.24 -7.92
N ALA D 186 -37.78 -16.12 -8.39
CA ALA D 186 -36.86 -15.04 -7.97
C ALA D 186 -37.37 -13.66 -8.44
N THR D 187 -38.26 -13.61 -9.44
CA THR D 187 -38.84 -12.34 -9.96
C THR D 187 -39.89 -11.78 -8.99
N ASP D 188 -40.25 -12.51 -7.94
CA ASP D 188 -41.03 -12.00 -6.80
C ASP D 188 -40.14 -11.00 -6.07
N LEU D 189 -40.37 -9.71 -6.28
CA LEU D 189 -39.50 -8.63 -5.72
C LEU D 189 -39.47 -8.74 -4.19
N ALA D 190 -40.48 -9.29 -3.54
CA ALA D 190 -40.47 -9.49 -2.07
C ALA D 190 -39.22 -10.29 -1.68
N LEU D 191 -38.80 -11.26 -2.51
CA LEU D 191 -37.66 -12.18 -2.20
C LEU D 191 -36.32 -11.52 -2.57
N TYR D 192 -36.30 -10.53 -3.47
CA TYR D 192 -35.07 -9.86 -3.94
C TYR D 192 -34.30 -9.25 -2.75
N PHE D 193 -34.97 -8.51 -1.87
CA PHE D 193 -34.32 -7.71 -0.78
C PHE D 193 -33.37 -8.60 0.03
N GLY D 194 -33.90 -9.72 0.56
CA GLY D 194 -33.13 -10.79 1.22
C GLY D 194 -32.02 -11.36 0.34
N ASN D 195 -32.29 -11.63 -0.95
CA ASN D 195 -31.31 -12.28 -1.87
C ASN D 195 -30.11 -11.35 -2.08
N ARG D 196 -30.33 -10.06 -2.25
CA ARG D 196 -29.27 -9.06 -2.55
C ARG D 196 -28.36 -8.86 -1.32
N LYS D 197 -28.95 -8.83 -0.11
CA LYS D 197 -28.23 -8.65 1.17
C LYS D 197 -27.30 -9.84 1.42
N GLN D 198 -27.77 -11.07 1.16
CA GLN D 198 -26.94 -12.29 1.29
C GLN D 198 -25.76 -12.24 0.29
N LEU D 199 -26.02 -11.96 -0.99
CA LEU D 199 -24.96 -11.87 -2.04
C LEU D 199 -23.95 -10.76 -1.71
N GLU D 200 -24.42 -9.64 -1.17
CA GLU D 200 -23.57 -8.47 -0.81
C GLU D 200 -22.60 -8.93 0.27
N GLU D 201 -23.11 -9.56 1.32
CA GLU D 201 -22.30 -10.09 2.44
C GLU D 201 -21.28 -11.09 1.86
N MET D 202 -21.77 -12.07 1.10
CA MET D 202 -20.93 -13.16 0.52
C MET D 202 -19.82 -12.57 -0.37
N TYR D 203 -20.16 -11.65 -1.27
CA TYR D 203 -19.19 -11.09 -2.25
C TYR D 203 -18.13 -10.24 -1.52
N GLN D 204 -18.56 -9.36 -0.61
CA GLN D 204 -17.69 -8.39 0.12
C GLN D 204 -16.72 -9.14 1.05
N THR D 205 -17.17 -10.19 1.74
CA THR D 205 -16.32 -11.01 2.65
C THR D 205 -15.55 -12.07 1.86
N GLY D 206 -15.76 -12.17 0.54
CA GLY D 206 -15.01 -13.07 -0.36
C GLY D 206 -15.41 -14.54 -0.24
N SER D 207 -16.53 -14.86 0.40
CA SER D 207 -17.05 -16.25 0.54
C SER D 207 -17.92 -16.66 -0.66
N LEU D 208 -18.28 -15.73 -1.56
CA LEU D 208 -19.08 -16.09 -2.77
C LEU D 208 -18.28 -17.06 -3.64
N ASN D 209 -18.92 -18.12 -4.12
CA ASN D 209 -18.30 -19.29 -4.79
C ASN D 209 -19.28 -19.84 -5.83
N LEU D 210 -19.00 -19.65 -7.12
CA LEU D 210 -19.89 -20.08 -8.23
C LEU D 210 -19.83 -21.61 -8.44
N ASN D 211 -18.97 -22.34 -7.73
CA ASN D 211 -18.96 -23.84 -7.76
C ASN D 211 -20.02 -24.35 -6.79
N ASN D 212 -20.55 -23.49 -5.94
CA ASN D 212 -21.59 -23.81 -4.93
C ASN D 212 -22.95 -23.56 -5.60
N GLN D 213 -23.73 -24.60 -5.85
CA GLN D 213 -25.03 -24.49 -6.57
C GLN D 213 -25.94 -23.49 -5.85
N SER D 214 -25.95 -23.53 -4.53
CA SER D 214 -26.74 -22.62 -3.64
C SER D 214 -26.40 -21.17 -3.99
N HIS D 215 -25.12 -20.88 -4.25
CA HIS D 215 -24.59 -19.52 -4.56
C HIS D 215 -25.01 -19.15 -5.98
N ARG D 216 -24.89 -20.09 -6.93
CA ARG D 216 -25.30 -19.92 -8.34
C ARG D 216 -26.77 -19.49 -8.39
N ASP D 217 -27.64 -20.20 -7.66
CA ASP D 217 -29.10 -19.89 -7.59
C ASP D 217 -29.31 -18.44 -7.17
N ARG D 218 -28.56 -17.98 -6.17
CA ARG D 218 -28.66 -16.59 -5.64
C ARG D 218 -28.27 -15.59 -6.74
N VAL D 219 -27.15 -15.84 -7.43
CA VAL D 219 -26.65 -14.97 -8.54
C VAL D 219 -27.70 -14.95 -9.67
N ILE D 220 -28.24 -16.12 -10.03
CA ILE D 220 -29.31 -16.20 -11.07
C ILE D 220 -30.53 -15.42 -10.58
N GLY D 221 -30.90 -15.57 -9.31
CA GLY D 221 -31.98 -14.79 -8.69
C GLY D 221 -31.81 -13.31 -8.94
N LEU D 222 -30.62 -12.78 -8.66
CA LEU D 222 -30.31 -11.33 -8.80
C LEU D 222 -30.30 -10.97 -10.29
N MET D 223 -29.77 -11.84 -11.15
CA MET D 223 -29.80 -11.59 -12.61
C MET D 223 -31.27 -11.42 -13.06
N MET D 224 -32.18 -12.27 -12.57
CA MET D 224 -33.62 -12.22 -12.93
C MET D 224 -34.22 -10.88 -12.48
N THR D 225 -33.94 -10.43 -11.25
CA THR D 225 -34.43 -9.12 -10.73
C THR D 225 -33.92 -8.03 -11.70
N ALA D 226 -32.63 -8.06 -11.99
CA ALA D 226 -31.92 -7.11 -12.86
C ALA D 226 -32.64 -7.03 -14.22
N CYS D 227 -32.91 -8.18 -14.84
CA CYS D 227 -33.61 -8.26 -16.15
C CYS D 227 -35.07 -7.78 -16.00
N ASP D 228 -35.71 -8.16 -14.90
CA ASP D 228 -37.13 -7.84 -14.63
C ASP D 228 -37.31 -6.33 -14.51
N LEU D 229 -36.35 -5.62 -13.89
CA LEU D 229 -36.44 -4.15 -13.63
C LEU D 229 -35.82 -3.36 -14.78
N CYS D 230 -35.40 -4.00 -15.87
CA CYS D 230 -34.46 -3.42 -16.88
C CYS D 230 -35.06 -2.19 -17.58
N SER D 231 -36.33 -1.86 -17.37
CA SER D 231 -36.93 -0.61 -17.92
C SER D 231 -36.25 0.63 -17.30
N VAL D 232 -35.73 0.54 -16.08
CA VAL D 232 -34.97 1.64 -15.41
C VAL D 232 -33.52 1.75 -15.94
N THR D 233 -33.11 0.86 -16.86
CA THR D 233 -31.73 0.81 -17.41
C THR D 233 -31.73 1.17 -18.91
N LYS D 234 -32.86 1.64 -19.41
CA LYS D 234 -32.99 2.10 -20.81
C LYS D 234 -32.59 3.57 -20.87
N LEU D 235 -32.44 4.11 -22.08
CA LEU D 235 -32.25 5.57 -22.30
C LEU D 235 -33.50 6.30 -21.82
N TRP D 236 -33.34 7.54 -21.35
CA TRP D 236 -34.37 8.30 -20.58
C TRP D 236 -35.73 8.30 -21.29
N PRO D 237 -35.83 8.57 -22.61
CA PRO D 237 -37.13 8.57 -23.28
C PRO D 237 -37.88 7.22 -23.20
N VAL D 238 -37.16 6.10 -23.28
CA VAL D 238 -37.75 4.73 -23.13
C VAL D 238 -38.20 4.54 -21.67
N THR D 239 -37.33 4.88 -20.72
CA THR D 239 -37.59 4.72 -19.26
C THR D 239 -38.81 5.57 -18.88
N LYS D 240 -38.86 6.82 -19.32
CA LYS D 240 -39.96 7.78 -19.00
C LYS D 240 -41.28 7.24 -19.58
N LEU D 241 -41.29 6.83 -20.85
CA LEU D 241 -42.53 6.33 -21.51
C LEU D 241 -42.97 4.99 -20.90
N THR D 242 -42.03 4.13 -20.49
CA THR D 242 -42.38 2.80 -19.89
C THR D 242 -43.03 3.04 -18.52
N ALA D 243 -42.60 4.06 -17.79
CA ALA D 243 -43.15 4.44 -16.46
C ALA D 243 -44.68 4.64 -16.58
N ASN D 244 -45.16 5.21 -17.69
CA ASN D 244 -46.61 5.46 -17.94
C ASN D 244 -47.37 4.13 -17.96
N ASP D 245 -46.81 3.10 -18.60
CA ASP D 245 -47.41 1.75 -18.68
C ASP D 245 -47.43 1.12 -17.29
N ILE D 246 -46.33 1.21 -16.56
CA ILE D 246 -46.17 0.63 -15.19
C ILE D 246 -47.25 1.25 -14.29
N TYR D 247 -47.44 2.57 -14.38
CA TYR D 247 -48.35 3.34 -13.49
C TYR D 247 -49.80 3.15 -13.97
N ALA D 248 -50.03 2.95 -15.26
CA ALA D 248 -51.36 2.59 -15.78
C ALA D 248 -51.88 1.40 -14.96
N GLU D 249 -51.04 0.37 -14.76
CA GLU D 249 -51.37 -0.85 -13.97
C GLU D 249 -51.49 -0.50 -12.48
N PHE D 250 -50.50 0.19 -11.91
CA PHE D 250 -50.48 0.51 -10.46
C PHE D 250 -51.78 1.23 -10.10
N TRP D 251 -52.17 2.22 -10.89
CA TRP D 251 -53.37 3.06 -10.63
C TRP D 251 -54.65 2.22 -10.75
N ALA D 252 -54.74 1.34 -11.75
CA ALA D 252 -55.86 0.38 -11.94
C ALA D 252 -55.99 -0.50 -10.69
N GLU D 253 -54.86 -0.95 -10.14
CA GLU D 253 -54.83 -1.80 -8.91
C GLU D 253 -55.25 -0.94 -7.71
N GLY D 254 -54.78 0.31 -7.64
CA GLY D 254 -55.21 1.25 -6.59
C GLY D 254 -56.72 1.43 -6.62
N ASP D 255 -57.30 1.65 -7.80
CA ASP D 255 -58.77 1.76 -8.02
C ASP D 255 -59.46 0.51 -7.45
N GLU D 256 -58.95 -0.68 -7.77
CA GLU D 256 -59.54 -1.95 -7.30
C GLU D 256 -59.38 -2.05 -5.77
N MET D 257 -58.26 -1.60 -5.23
CA MET D 257 -58.03 -1.53 -3.75
C MET D 257 -59.13 -0.67 -3.12
N LYS D 258 -59.44 0.48 -3.74
CA LYS D 258 -60.49 1.43 -3.26
C LYS D 258 -61.87 0.76 -3.37
N LYS D 259 -62.08 -0.07 -4.39
CA LYS D 259 -63.32 -0.85 -4.60
C LYS D 259 -63.47 -1.90 -3.49
N LEU D 260 -62.35 -2.37 -2.92
CA LEU D 260 -62.38 -3.34 -1.78
C LEU D 260 -62.56 -2.58 -0.45
N GLY D 261 -62.65 -1.25 -0.47
CA GLY D 261 -62.78 -0.42 0.75
C GLY D 261 -61.43 -0.19 1.41
N ILE D 262 -60.32 -0.38 0.68
CA ILE D 262 -58.93 -0.23 1.19
C ILE D 262 -58.24 0.95 0.50
N GLN D 263 -57.67 1.86 1.30
CA GLN D 263 -56.89 3.01 0.78
C GLN D 263 -55.57 2.44 0.27
N PRO D 264 -55.28 2.53 -1.05
CA PRO D 264 -54.05 1.94 -1.58
C PRO D 264 -52.86 2.78 -1.12
N ILE D 265 -51.64 2.22 -1.25
CA ILE D 265 -50.38 2.96 -1.02
C ILE D 265 -50.30 4.07 -2.07
N PRO D 266 -49.67 5.21 -1.75
CA PRO D 266 -49.67 6.38 -2.66
C PRO D 266 -49.27 6.07 -4.11
N MET D 267 -48.30 5.18 -4.27
CA MET D 267 -47.71 4.68 -5.55
C MET D 267 -48.81 4.23 -6.51
N MET D 268 -49.86 3.59 -5.98
CA MET D 268 -50.98 2.99 -6.76
C MET D 268 -52.20 3.91 -6.72
N ASP D 269 -52.11 5.10 -6.14
CA ASP D 269 -53.23 6.07 -6.04
C ASP D 269 -53.09 7.15 -7.14
N ARG D 270 -54.06 7.23 -8.05
CA ARG D 270 -54.02 8.15 -9.22
C ARG D 270 -54.32 9.58 -8.79
N ASP D 271 -54.93 9.79 -7.61
CA ASP D 271 -55.18 11.13 -7.02
C ASP D 271 -53.88 11.69 -6.43
N LYS D 272 -52.79 10.93 -6.49
CA LYS D 272 -51.45 11.34 -5.99
C LYS D 272 -50.42 11.23 -7.12
N LYS D 273 -50.84 11.48 -8.37
CA LYS D 273 -49.98 11.50 -9.58
C LYS D 273 -48.78 12.43 -9.38
N ASP D 274 -49.01 13.59 -8.74
CA ASP D 274 -48.00 14.66 -8.53
C ASP D 274 -46.80 14.11 -7.74
N GLU D 275 -46.98 13.10 -6.88
CA GLU D 275 -45.92 12.52 -6.02
C GLU D 275 -45.14 11.40 -6.76
N VAL D 276 -45.33 11.23 -8.07
CA VAL D 276 -44.69 10.12 -8.86
C VAL D 276 -43.17 10.33 -8.91
N PRO D 277 -42.67 11.53 -9.27
CA PRO D 277 -41.22 11.76 -9.31
C PRO D 277 -40.53 11.37 -8.00
N GLN D 278 -41.13 11.71 -6.85
CA GLN D 278 -40.58 11.43 -5.50
C GLN D 278 -40.64 9.92 -5.21
N GLY D 279 -41.67 9.24 -5.72
CA GLY D 279 -41.84 7.78 -5.56
C GLY D 279 -40.78 7.01 -6.35
N GLN D 280 -40.49 7.46 -7.56
CA GLN D 280 -39.43 6.90 -8.44
C GLN D 280 -38.08 7.06 -7.76
N LEU D 281 -37.78 8.26 -7.27
CA LEU D 281 -36.54 8.57 -6.52
C LEU D 281 -36.33 7.49 -5.47
N GLY D 282 -37.36 7.23 -4.66
CA GLY D 282 -37.35 6.24 -3.56
C GLY D 282 -37.15 4.82 -4.05
N PHE D 283 -37.72 4.47 -5.22
CA PHE D 283 -37.58 3.13 -5.83
C PHE D 283 -36.15 2.92 -6.35
N TYR D 284 -35.60 3.91 -7.06
CA TYR D 284 -34.19 3.88 -7.55
C TYR D 284 -33.22 3.73 -6.36
N ASN D 285 -33.44 4.46 -5.27
CA ASN D 285 -32.55 4.47 -4.08
C ASN D 285 -32.73 3.18 -3.27
N ALA D 286 -33.97 2.73 -3.01
CA ALA D 286 -34.24 1.55 -2.14
C ALA D 286 -34.10 0.21 -2.89
N VAL D 287 -34.22 0.19 -4.22
CA VAL D 287 -34.38 -1.09 -4.99
C VAL D 287 -33.44 -1.14 -6.19
N ALA D 288 -33.65 -0.26 -7.19
CA ALA D 288 -32.97 -0.31 -8.50
C ALA D 288 -31.45 -0.18 -8.32
N ILE D 289 -30.98 0.91 -7.68
CA ILE D 289 -29.51 1.18 -7.60
C ILE D 289 -28.84 0.06 -6.81
N PRO D 290 -29.33 -0.34 -5.61
CA PRO D 290 -28.71 -1.48 -4.93
C PRO D 290 -28.63 -2.69 -5.88
N CYS D 291 -29.72 -3.00 -6.62
CA CYS D 291 -29.82 -4.20 -7.48
C CYS D 291 -28.62 -4.26 -8.44
N TYR D 292 -28.46 -3.22 -9.26
CA TYR D 292 -27.42 -3.15 -10.34
C TYR D 292 -26.04 -2.91 -9.74
N THR D 293 -25.95 -2.29 -8.55
CA THR D 293 -24.66 -2.10 -7.82
C THR D 293 -24.09 -3.49 -7.48
N THR D 294 -24.87 -4.35 -6.82
CA THR D 294 -24.44 -5.71 -6.43
C THR D 294 -24.12 -6.56 -7.66
N LEU D 295 -24.89 -6.42 -8.74
CA LEU D 295 -24.73 -7.27 -9.95
C LEU D 295 -23.44 -6.88 -10.68
N THR D 296 -23.16 -5.58 -10.75
CA THR D 296 -21.92 -5.01 -11.32
C THR D 296 -20.74 -5.55 -10.50
N GLN D 297 -20.87 -5.61 -9.18
CA GLN D 297 -19.83 -6.17 -8.29
C GLN D 297 -19.55 -7.60 -8.74
N ILE D 298 -20.57 -8.46 -8.86
CA ILE D 298 -20.43 -9.93 -9.08
C ILE D 298 -20.10 -10.23 -10.54
N LEU D 299 -20.71 -9.50 -11.50
CA LEU D 299 -20.54 -9.68 -12.97
C LEU D 299 -20.19 -8.32 -13.60
N PRO D 300 -18.92 -7.88 -13.49
CA PRO D 300 -18.51 -6.54 -13.92
C PRO D 300 -18.97 -6.08 -15.31
N PRO D 301 -19.04 -6.95 -16.36
CA PRO D 301 -19.54 -6.52 -17.67
C PRO D 301 -21.02 -6.06 -17.73
N THR D 302 -21.78 -6.19 -16.64
CA THR D 302 -23.19 -5.70 -16.51
C THR D 302 -23.24 -4.23 -16.08
N GLU D 303 -22.08 -3.58 -15.89
CA GLU D 303 -21.94 -2.17 -15.42
C GLU D 303 -22.82 -1.22 -16.25
N PRO D 304 -22.93 -1.36 -17.59
CA PRO D 304 -23.81 -0.47 -18.36
C PRO D 304 -25.25 -0.38 -17.81
N LEU D 305 -25.76 -1.42 -17.15
CA LEU D 305 -27.08 -1.37 -16.49
C LEU D 305 -27.03 -0.36 -15.33
N LEU D 306 -25.99 -0.39 -14.49
CA LEU D 306 -25.85 0.51 -13.31
C LEU D 306 -25.72 1.96 -13.81
N LYS D 307 -24.85 2.20 -14.79
CA LYS D 307 -24.62 3.53 -15.41
C LYS D 307 -25.97 4.11 -15.88
N ALA D 308 -26.68 3.40 -16.76
CA ALA D 308 -27.97 3.81 -17.33
C ALA D 308 -28.98 4.10 -16.20
N CYS D 309 -29.04 3.23 -15.19
CA CYS D 309 -29.92 3.41 -14.00
C CYS D 309 -29.54 4.70 -13.25
N ARG D 310 -28.25 4.99 -13.08
CA ARG D 310 -27.78 6.21 -12.37
C ARG D 310 -28.23 7.45 -13.15
N ASP D 311 -28.08 7.42 -14.48
CA ASP D 311 -28.52 8.53 -15.36
C ASP D 311 -30.02 8.78 -15.19
N ASN D 312 -30.85 7.72 -15.13
CA ASN D 312 -32.33 7.84 -15.02
C ASN D 312 -32.67 8.39 -13.62
N LEU D 313 -31.92 8.02 -12.58
CA LEU D 313 -32.08 8.62 -11.21
C LEU D 313 -31.91 10.13 -11.31
N SER D 314 -30.87 10.60 -12.02
CA SER D 314 -30.52 12.03 -12.16
C SER D 314 -31.54 12.74 -13.07
N GLN D 315 -32.21 12.00 -13.97
CA GLN D 315 -33.33 12.56 -14.78
C GLN D 315 -34.56 12.76 -13.89
N TRP D 316 -34.86 11.83 -12.97
CA TRP D 316 -35.98 11.95 -12.00
C TRP D 316 -35.70 13.09 -11.00
N GLU D 317 -34.44 13.31 -10.61
CA GLU D 317 -34.02 14.46 -9.77
C GLU D 317 -34.27 15.77 -10.53
N LYS D 318 -34.01 15.82 -11.84
CA LYS D 318 -34.29 17.00 -12.73
C LYS D 318 -35.79 17.23 -12.87
N VAL D 319 -36.61 16.17 -12.91
CA VAL D 319 -38.10 16.28 -13.02
C VAL D 319 -38.60 16.94 -11.73
N ILE D 320 -38.03 16.58 -10.58
CA ILE D 320 -38.47 17.07 -9.24
C ILE D 320 -38.22 18.60 -9.13
N ARG D 321 -37.54 19.23 -10.10
CA ARG D 321 -37.43 20.72 -10.20
C ARG D 321 -37.83 21.20 -11.61
N GLY D 322 -37.01 20.98 -12.64
CA GLY D 322 -37.25 21.47 -14.02
C GLY D 322 -36.63 20.56 -15.07
ZN ZN E . 29.07 8.33 18.17
MG MG F . 31.70 6.26 16.47
C11 KFI G . 23.47 -7.52 26.76
C13 KFI G . 23.69 -9.79 27.51
C15 KFI G . 25.63 -8.26 27.77
C17 KFI G . 25.74 0.56 25.17
C18 KFI G . 26.14 1.86 24.46
C20 KFI G . 25.57 3.02 24.84
C21 KFI G . 25.96 4.22 24.18
C23 KFI G . 27.51 3.06 22.79
C24 KFI G . 27.13 1.84 23.45
C27 KFI G . 29.13 1.97 21.21
C28 KFI G . 28.40 1.31 20.10
C1 KFI G . 26.82 -1.62 25.87
C2 KFI G . 28.09 -2.17 26.38
C3 KFI G . 28.17 -3.56 26.91
C4 KFI G . 25.61 -2.45 25.79
C5 KFI G . 25.70 -3.84 26.32
N6 KFI G . 26.97 -4.35 26.85
N7 KFI G . 24.78 -4.79 26.39
C8 KFI G . 24.83 -7.27 27.21
C9 KFI G . 25.43 -5.91 26.98
N10 KFI G . 26.76 -5.63 27.23
C12 KFI G . 22.92 -8.82 26.93
C14 KFI G . 25.09 -9.54 27.95
N16 KFI G . 26.85 -0.35 25.34
O19 KFI G . 24.60 0.32 25.62
N22 KFI G . 26.91 4.21 23.15
CL25 KFI G . 25.24 5.65 24.65
N26 KFI G . 28.48 3.14 21.77
C29 KFI G . 29.63 2.09 19.82
ZN ZN H . -6.51 13.74 7.49
MG MG I . -5.37 16.57 9.50
C11 KFI J . -6.77 3.33 23.28
C13 KFI J . -6.73 3.00 25.69
C15 KFI J . -8.13 4.81 24.75
C17 KFI J . -9.01 7.05 15.84
C18 KFI J . -8.89 7.84 14.56
C20 KFI J . -9.35 7.27 13.41
C21 KFI J . -9.23 8.03 12.21
C23 KFI J . -8.24 9.88 13.33
C24 KFI J . -8.33 9.14 14.56
C27 KFI J . -7.11 11.92 14.35
C28 KFI J . -5.63 11.76 14.51
C1 KFI J . -9.17 7.51 18.35
C2 KFI J . -9.98 8.33 19.28
C3 KFI J . -10.02 7.96 20.73
C4 KFI J . -8.34 6.40 18.81
C5 KFI J . -8.38 6.04 20.25
N6 KFI J . -9.22 6.83 21.17
N7 KFI J . -7.76 5.09 20.94
C8 KFI J . -7.72 4.41 23.48
C9 KFI J . -8.19 5.21 22.29
N10 KFI J . -9.06 6.30 22.41
C12 KFI J . -6.30 2.64 24.43
C14 KFI J . -7.68 4.12 25.88
N16 KFI J . -9.11 7.91 17.02
O19 KFI J . -9.06 5.81 15.88
N22 KFI J . -8.68 9.30 12.19
CL25 KFI J . -9.81 7.33 10.79
N26 KFI J . -7.70 11.20 13.23
C29 KFI J . -6.18 13.04 13.97
ZN ZN K . 14.07 -13.41 -8.16
MG MG L . 10.91 -12.78 -10.14
C11 KFI M . 3.17 -21.52 5.16
C13 KFI M . 1.13 -22.53 6.00
C15 KFI M . 1.91 -23.09 3.72
C17 KFI M . 9.50 -19.83 -0.54
C18 KFI M . 10.37 -19.16 -1.56
C20 KFI M . 11.72 -19.19 -1.37
C21 KFI M . 12.54 -18.54 -2.33
C23 KFI M . 10.65 -17.84 -3.62
C24 KFI M . 9.80 -18.49 -2.67
C27 KFI M . 8.77 -16.91 -5.00
C28 KFI M . 8.24 -15.66 -4.38
C1 KFI M . 7.18 -20.96 -0.47
C2 KFI M . 6.31 -21.85 -1.27
C3 KFI M . 5.13 -22.51 -0.65
C4 KFI M . 6.85 -20.62 0.92
C5 KFI M . 5.66 -21.28 1.53
N6 KFI M . 4.82 -22.21 0.74
N7 KFI M . 5.13 -21.19 2.76
C8 KFI M . 3.01 -22.26 3.93
C9 KFI M . 3.99 -22.06 2.79
N10 KFI M . 3.83 -22.64 1.52
C12 KFI M . 2.20 -21.70 6.20
C14 KFI M . 0.96 -23.26 4.73
N16 KFI M . 8.24 -20.34 -1.13
O19 KFI M . 9.87 -19.91 0.67
N22 KFI M . 12.00 -17.88 -3.41
CL25 KFI M . 14.20 -18.59 -2.11
N26 KFI M . 10.17 -17.15 -4.77
C29 KFI M . 8.41 -15.74 -5.85
ZN ZN N . -41.77 -9.17 -14.92
MG MG O . -43.83 -10.89 -12.18
C11 KFI P . -45.57 7.29 -6.05
C13 KFI P . -46.12 8.73 -4.20
C15 KFI P . -44.64 6.79 -3.82
C17 KFI P . -41.54 0.79 -10.21
C18 KFI P . -41.22 -0.49 -10.97
C20 KFI P . -40.40 -0.46 -12.07
C21 KFI P . -40.14 -1.69 -12.74
C23 KFI P . -41.49 -2.93 -11.22
C24 KFI P . -41.77 -1.71 -10.53
C27 KFI P . -43.06 -4.31 -9.80
C28 KFI P . -44.45 -4.31 -10.35
C1 KFI P . -42.17 1.50 -7.82
C2 KFI P . -41.80 1.19 -6.42
C3 KFI P . -42.17 2.14 -5.33
C4 KFI P . -42.95 2.69 -8.15
C5 KFI P . -43.32 3.63 -7.05
N6 KFI P . -42.93 3.33 -5.68
N7 KFI P . -44.00 4.79 -7.06
C8 KFI P . -44.74 6.49 -5.18
C9 KFI P . -44.04 5.26 -5.71
N10 KFI P . -43.39 4.33 -4.89
C12 KFI P . -46.26 8.42 -5.53
C14 KFI P . -45.30 7.90 -3.30
N16 KFI P . -41.82 0.55 -8.79
O19 KFI P . -41.55 1.91 -10.77
N22 KFI P . -40.68 -2.88 -12.31
CL25 KFI P . -39.13 -1.69 -14.09
N26 KFI P . -42.02 -4.18 -10.81
C29 KFI P . -43.85 -5.57 -9.84
#